data_6CI7
#
_entry.id   6CI7
#
_cell.length_a   123.193
_cell.length_b   106.755
_cell.length_c   141.446
_cell.angle_alpha   90.00
_cell.angle_beta   103.66
_cell.angle_gamma   90.00
#
_symmetry.space_group_name_H-M   'P 1 21 1'
#
loop_
_entity.id
_entity.type
_entity.pdbx_description
1 polymer YcaO
2 non-polymer 'PHOSPHOMETHYLPHOSPHONIC ACID ADENYLATE ESTER'
3 non-polymer 'MAGNESIUM ION'
4 water water
#
_entity_poly.entity_id   1
_entity_poly.type   'polypeptide(L)'
_entity_poly.pdbx_seq_one_letter_code
;(MSE)TDIVYDVEGFRAFLPKETLRWIRHRELERKVGVVEKFSDRVGPIPVEIRRRRSQYGEFYHAGKGTTRIQARVSAA
(MSE)ECVERAAAEPREEIIERGPEGDKWTPAWYRTEPREWVEGVDLTTREPVYVPANEVFHPWLGDALPSHTNGLSAGR
LREEAVIQGLLEVVERDSWSIVEYFRIHPPELEVHGELEELRRSLEREVGRVELRLLPSRVEGVYVVGAVTEAERVEE
(MSE)V(MSE)GFGASPDPE(MSE)AVLRALLEVAQGLS(MSE)ARRGIESPVRKGLGEFSAPGKLTPERLKRLNRHWFE
PEGTVEIDDLDRVITTGSLEKLTEELVERVAEAGLGKVIEVDLTLENLDVPVVRVRVTGASEYVIDEARVGN(MSE)PEK
PPGVP(MSE)G
;
_entity_poly.pdbx_strand_id   A,B,C,D,E,F
#
loop_
_chem_comp.id
_chem_comp.type
_chem_comp.name
_chem_comp.formula
ACP non-polymer 'PHOSPHOMETHYLPHOSPHONIC ACID ADENYLATE ESTER' 'C11 H18 N5 O12 P3'
MG non-polymer 'MAGNESIUM ION' 'Mg 2'
#
# COMPACT_ATOMS: atom_id res chain seq x y z
N MSE A 1 -39.83 -24.90 39.36
CA MSE A 1 -39.27 -23.63 39.90
C MSE A 1 -37.90 -23.77 40.63
O MSE A 1 -37.84 -23.79 41.87
CB MSE A 1 -40.32 -22.95 40.81
CG MSE A 1 -40.13 -21.45 41.06
SE MSE A 1 -41.05 -20.79 42.46
CE MSE A 1 -40.03 -21.30 43.86
N THR A 2 -36.81 -23.89 39.86
CA THR A 2 -35.43 -24.03 40.39
C THR A 2 -34.79 -22.68 40.83
N ASP A 3 -34.31 -22.65 42.07
CA ASP A 3 -33.64 -21.48 42.65
C ASP A 3 -32.30 -21.14 41.97
N ILE A 4 -32.04 -19.86 41.82
CA ILE A 4 -30.72 -19.38 41.43
C ILE A 4 -29.93 -19.15 42.72
N VAL A 5 -28.93 -20.00 42.96
CA VAL A 5 -28.12 -19.93 44.20
C VAL A 5 -26.80 -19.15 44.02
N TYR A 6 -26.48 -18.81 42.78
CA TYR A 6 -25.21 -18.17 42.41
C TYR A 6 -25.42 -17.30 41.17
N ASP A 7 -24.92 -16.07 41.23
CA ASP A 7 -25.13 -15.09 40.17
C ASP A 7 -23.97 -14.10 40.04
N VAL A 8 -22.75 -14.60 40.29
CA VAL A 8 -21.53 -13.83 40.09
C VAL A 8 -21.15 -13.76 38.59
N GLU A 9 -20.58 -14.83 38.04
CA GLU A 9 -20.17 -14.88 36.62
C GLU A 9 -21.32 -15.24 35.68
N GLY A 10 -22.40 -15.79 36.26
CA GLY A 10 -23.49 -16.39 35.52
C GLY A 10 -24.55 -16.91 36.48
N PHE A 11 -25.73 -17.23 35.95
CA PHE A 11 -26.87 -17.66 36.77
C PHE A 11 -26.92 -19.18 36.89
N ARG A 12 -26.65 -19.66 38.11
CA ARG A 12 -26.43 -21.10 38.35
C ARG A 12 -27.30 -21.67 39.47
N ALA A 13 -27.73 -22.91 39.27
CA ALA A 13 -28.56 -23.66 40.21
C ALA A 13 -27.72 -24.39 41.27
N PHE A 14 -26.40 -24.30 41.12
CA PHE A 14 -25.43 -24.94 42.00
C PHE A 14 -24.26 -23.99 42.31
N LEU A 15 -23.68 -24.13 43.49
CA LEU A 15 -22.45 -23.41 43.82
C LEU A 15 -21.29 -24.01 43.03
N PRO A 16 -20.31 -23.17 42.60
CA PRO A 16 -19.18 -23.70 41.84
C PRO A 16 -18.39 -24.84 42.52
N LYS A 17 -18.23 -24.80 43.86
CA LYS A 17 -17.57 -25.90 44.58
C LYS A 17 -18.26 -27.26 44.37
N GLU A 18 -19.59 -27.25 44.32
CA GLU A 18 -20.38 -28.46 44.11
C GLU A 18 -20.22 -28.95 42.68
N THR A 19 -20.24 -28.01 41.74
CA THR A 19 -20.08 -28.32 40.34
C THR A 19 -18.69 -28.87 40.03
N LEU A 20 -17.64 -28.28 40.62
CA LEU A 20 -16.26 -28.79 40.46
C LEU A 20 -16.15 -30.24 40.98
N ARG A 21 -16.70 -30.46 42.18
CA ARG A 21 -16.76 -31.79 42.77
C ARG A 21 -17.42 -32.78 41.80
N TRP A 22 -18.49 -32.31 41.16
CA TRP A 22 -19.30 -33.11 40.25
C TRP A 22 -18.57 -33.38 38.92
N ILE A 23 -17.87 -32.37 38.40
CA ILE A 23 -17.02 -32.50 37.20
C ILE A 23 -15.91 -33.55 37.43
N ARG A 24 -15.29 -33.50 38.60
CA ARG A 24 -14.23 -34.43 38.99
C ARG A 24 -14.75 -35.86 39.18
N HIS A 25 -15.81 -36.02 39.96
CA HIS A 25 -16.45 -37.34 40.14
C HIS A 25 -16.81 -38.04 38.81
N ARG A 26 -17.35 -37.29 37.86
CA ARG A 26 -17.76 -37.82 36.58
C ARG A 26 -16.64 -37.95 35.55
N GLU A 27 -15.44 -37.45 35.92
CA GLU A 27 -14.22 -37.53 35.09
C GLU A 27 -14.38 -36.91 33.69
N LEU A 28 -15.10 -35.78 33.66
CA LEU A 28 -15.51 -35.14 32.39
C LEU A 28 -14.35 -34.67 31.50
N GLU A 29 -13.34 -34.07 32.13
CA GLU A 29 -12.16 -33.56 31.42
C GLU A 29 -11.39 -34.68 30.73
N ARG A 30 -11.15 -35.79 31.44
CA ARG A 30 -10.57 -37.00 30.84
C ARG A 30 -11.43 -37.55 29.68
N LYS A 31 -12.73 -37.71 29.91
CA LYS A 31 -13.68 -38.24 28.89
C LYS A 31 -13.80 -37.39 27.64
N VAL A 32 -13.44 -36.12 27.73
CA VAL A 32 -13.59 -35.14 26.66
C VAL A 32 -12.25 -34.82 25.97
N GLY A 33 -11.20 -35.48 26.45
CA GLY A 33 -9.89 -35.43 25.80
C GLY A 33 -8.94 -34.35 26.27
N VAL A 34 -9.12 -33.86 27.50
CA VAL A 34 -8.15 -32.94 28.09
C VAL A 34 -6.85 -33.71 28.38
N VAL A 35 -5.74 -33.20 27.87
CA VAL A 35 -4.42 -33.83 28.09
C VAL A 35 -3.40 -32.96 28.83
N GLU A 36 -3.69 -31.66 28.98
CA GLU A 36 -2.83 -30.76 29.74
C GLU A 36 -3.59 -29.55 30.33
N LYS A 37 -3.17 -29.14 31.52
CA LYS A 37 -3.80 -28.08 32.31
C LYS A 37 -2.72 -27.08 32.75
N PHE A 38 -3.05 -25.80 32.71
CA PHE A 38 -2.16 -24.76 33.22
C PHE A 38 -2.95 -23.77 34.07
N SER A 39 -2.29 -23.18 35.06
CA SER A 39 -2.94 -22.22 35.93
C SER A 39 -2.21 -20.92 35.91
N ASP A 40 -2.93 -19.86 35.53
CA ASP A 40 -2.40 -18.51 35.48
C ASP A 40 -3.15 -17.62 36.46
N ARG A 41 -2.58 -16.47 36.75
CA ARG A 41 -3.28 -15.43 37.45
C ARG A 41 -2.86 -14.09 36.84
N VAL A 42 -3.84 -13.35 36.35
CA VAL A 42 -3.63 -12.09 35.65
C VAL A 42 -4.14 -11.04 36.62
N GLY A 43 -3.19 -10.39 37.30
CA GLY A 43 -3.53 -9.56 38.45
C GLY A 43 -4.18 -10.45 39.49
N PRO A 44 -5.44 -10.14 39.89
CA PRO A 44 -6.12 -11.00 40.85
C PRO A 44 -6.97 -12.13 40.23
N ILE A 45 -7.02 -12.23 38.90
CA ILE A 45 -7.98 -13.12 38.23
C ILE A 45 -7.36 -14.47 37.81
N PRO A 46 -7.85 -15.57 38.41
CA PRO A 46 -7.43 -16.92 38.01
C PRO A 46 -7.88 -17.19 36.59
N VAL A 47 -6.94 -17.63 35.77
CA VAL A 47 -7.25 -18.09 34.43
C VAL A 47 -6.76 -19.53 34.35
N GLU A 48 -7.55 -20.38 33.69
CA GLU A 48 -7.25 -21.79 33.51
C GLU A 48 -7.17 -22.12 32.03
N ILE A 49 -6.14 -22.85 31.62
CA ILE A 49 -5.93 -23.20 30.22
C ILE A 49 -5.92 -24.72 30.08
N ARG A 50 -6.62 -25.20 29.06
CA ARG A 50 -6.72 -26.62 28.74
C ARG A 50 -6.25 -26.91 27.33
N ARG A 51 -5.46 -27.98 27.20
CA ARG A 51 -5.10 -28.55 25.92
C ARG A 51 -5.94 -29.80 25.71
N ARG A 52 -6.67 -29.84 24.60
CA ARG A 52 -7.66 -30.88 24.34
C ARG A 52 -7.42 -31.58 23.00
N ARG A 53 -7.43 -32.92 23.03
CA ARG A 53 -7.34 -33.74 21.81
C ARG A 53 -8.70 -34.26 21.41
N SER A 54 -8.93 -34.33 20.10
CA SER A 54 -10.10 -34.99 19.50
C SER A 54 -9.72 -35.49 18.11
N GLN A 55 -10.67 -36.07 17.38
CA GLN A 55 -10.42 -36.47 16.00
C GLN A 55 -10.11 -35.29 15.09
N TYR A 56 -10.57 -34.10 15.48
CA TYR A 56 -10.38 -32.87 14.69
C TYR A 56 -9.06 -32.20 14.97
N GLY A 57 -8.39 -32.62 16.05
CA GLY A 57 -7.05 -32.16 16.34
C GLY A 57 -6.80 -31.75 17.78
N GLU A 58 -5.82 -30.86 17.94
CA GLU A 58 -5.43 -30.32 19.23
C GLU A 58 -5.88 -28.86 19.36
N PHE A 59 -6.71 -28.61 20.37
CA PHE A 59 -7.29 -27.28 20.65
C PHE A 59 -6.89 -26.77 22.04
N TYR A 60 -6.69 -25.46 22.16
CA TYR A 60 -6.57 -24.82 23.45
C TYR A 60 -7.89 -24.17 23.86
N HIS A 61 -8.38 -24.51 25.05
CA HIS A 61 -9.55 -23.85 25.63
C HIS A 61 -9.18 -23.18 26.95
N ALA A 62 -9.91 -22.12 27.28
CA ALA A 62 -9.61 -21.35 28.47
C ALA A 62 -10.83 -21.23 29.35
N GLY A 63 -10.58 -21.04 30.64
CA GLY A 63 -11.59 -20.70 31.62
C GLY A 63 -11.07 -19.64 32.57
N LYS A 64 -11.99 -18.96 33.25
CA LYS A 64 -11.65 -17.88 34.17
C LYS A 64 -12.81 -17.71 35.15
N GLY A 65 -12.59 -16.90 36.18
CA GLY A 65 -13.57 -16.63 37.23
C GLY A 65 -12.99 -15.69 38.28
N THR A 66 -13.82 -15.27 39.24
CA THR A 66 -13.32 -14.48 40.38
C THR A 66 -12.59 -15.36 41.38
N THR A 67 -12.89 -16.65 41.37
CA THR A 67 -12.23 -17.64 42.24
C THR A 67 -11.57 -18.74 41.41
N ARG A 68 -10.59 -19.41 42.00
CA ARG A 68 -9.92 -20.55 41.37
C ARG A 68 -10.86 -21.70 41.03
N ILE A 69 -11.81 -21.99 41.92
CA ILE A 69 -12.83 -23.01 41.68
C ILE A 69 -13.62 -22.68 40.41
N GLN A 70 -14.19 -21.47 40.35
CA GLN A 70 -14.95 -21.04 39.18
C GLN A 70 -14.14 -21.07 37.87
N ALA A 71 -12.89 -20.60 37.89
CA ALA A 71 -12.00 -20.73 36.73
C ALA A 71 -11.87 -22.20 36.24
N ARG A 72 -11.80 -23.13 37.19
CA ARG A 72 -11.58 -24.54 36.90
C ARG A 72 -12.84 -25.19 36.37
N VAL A 73 -14.01 -24.79 36.90
CA VAL A 73 -15.29 -25.24 36.32
C VAL A 73 -15.52 -24.65 34.93
N SER A 74 -15.36 -23.34 34.82
CA SER A 74 -15.42 -22.64 33.53
C SER A 74 -14.54 -23.33 32.42
N ALA A 75 -13.28 -23.64 32.73
CA ALA A 75 -12.39 -24.34 31.76
C ALA A 75 -12.88 -25.74 31.41
N ALA A 76 -13.32 -26.49 32.42
CA ALA A 76 -13.81 -27.85 32.23
C ALA A 76 -15.07 -27.88 31.34
N MSE A 77 -16.02 -27.00 31.63
CA MSE A 77 -17.30 -26.96 30.89
C MSE A 77 -17.14 -26.40 29.50
O MSE A 77 -17.85 -26.80 28.58
CB MSE A 77 -18.33 -26.21 31.72
CG MSE A 77 -18.57 -26.88 33.08
SE MSE A 77 -19.47 -28.61 32.80
CE MSE A 77 -21.29 -27.88 32.52
N GLU A 78 -16.20 -25.48 29.32
CA GLU A 78 -15.79 -25.03 27.99
C GLU A 78 -15.31 -26.21 27.10
N CYS A 79 -14.54 -27.14 27.69
CA CYS A 79 -14.07 -28.35 26.99
C CYS A 79 -15.23 -29.28 26.66
N VAL A 80 -16.17 -29.41 27.59
CA VAL A 80 -17.37 -30.22 27.41
C VAL A 80 -18.25 -29.68 26.27
N GLU A 81 -18.51 -28.37 26.26
CA GLU A 81 -19.35 -27.78 25.20
C GLU A 81 -18.75 -28.02 23.83
N ARG A 82 -17.43 -27.90 23.71
CA ARG A 82 -16.75 -28.09 22.42
C ARG A 82 -16.82 -29.53 21.93
N ALA A 83 -16.64 -30.48 22.84
CA ALA A 83 -16.78 -31.91 22.56
C ALA A 83 -18.19 -32.25 22.11
N ALA A 84 -19.19 -31.73 22.83
CA ALA A 84 -20.61 -31.88 22.48
C ALA A 84 -21.01 -31.30 21.12
N ALA A 85 -20.26 -30.27 20.68
CA ALA A 85 -20.58 -29.53 19.45
C ALA A 85 -19.92 -30.10 18.20
N GLU A 86 -19.13 -31.16 18.38
CA GLU A 86 -18.55 -31.89 17.24
C GLU A 86 -19.64 -32.65 16.46
N PRO A 87 -19.55 -32.66 15.11
CA PRO A 87 -20.56 -33.33 14.28
C PRO A 87 -20.91 -34.73 14.76
N ARG A 88 -22.22 -35.01 14.81
CA ARG A 88 -22.74 -36.30 15.28
C ARG A 88 -23.84 -36.80 14.36
N GLU A 89 -23.61 -37.95 13.75
CA GLU A 89 -24.54 -38.52 12.77
C GLU A 89 -25.86 -38.98 13.38
N GLU A 90 -25.82 -39.48 14.61
CA GLU A 90 -27.02 -39.94 15.37
C GLU A 90 -28.21 -38.96 15.31
N ILE A 91 -27.93 -37.65 15.17
CA ILE A 91 -28.98 -36.61 15.19
C ILE A 91 -29.07 -35.74 13.93
N ILE A 92 -28.39 -36.14 12.86
CA ILE A 92 -28.52 -35.47 11.55
C ILE A 92 -29.64 -36.13 10.73
N GLU A 93 -30.57 -35.29 10.24
CA GLU A 93 -31.61 -35.71 9.30
C GLU A 93 -31.38 -35.05 7.95
N ARG A 94 -31.55 -35.83 6.88
CA ARG A 94 -31.32 -35.32 5.52
C ARG A 94 -32.60 -35.05 4.70
N GLY A 95 -33.66 -35.79 5.00
CA GLY A 95 -34.98 -35.55 4.40
C GLY A 95 -35.94 -35.07 5.48
N PRO A 96 -35.79 -33.82 5.94
CA PRO A 96 -36.52 -33.42 7.14
C PRO A 96 -37.97 -33.03 6.87
N GLU A 97 -38.86 -33.58 7.70
CA GLU A 97 -40.29 -33.30 7.65
C GLU A 97 -40.66 -32.28 8.75
N GLY A 98 -40.99 -31.06 8.31
CA GLY A 98 -41.36 -29.95 9.20
C GLY A 98 -40.86 -28.60 8.70
N ASP A 99 -40.92 -27.59 9.58
CA ASP A 99 -40.38 -26.26 9.29
C ASP A 99 -38.84 -26.23 9.32
N LYS A 100 -38.26 -25.44 8.43
CA LYS A 100 -36.81 -25.32 8.27
C LYS A 100 -36.38 -23.87 8.27
N TRP A 101 -35.24 -23.58 8.89
CA TRP A 101 -34.63 -22.26 8.78
C TRP A 101 -33.45 -22.24 7.81
N THR A 102 -33.59 -21.43 6.76
CA THR A 102 -32.54 -21.22 5.79
C THR A 102 -32.02 -19.78 5.92
N PRO A 103 -30.80 -19.61 6.49
CA PRO A 103 -30.17 -18.31 6.62
C PRO A 103 -30.02 -17.56 5.30
N ALA A 104 -30.04 -16.23 5.37
CA ALA A 104 -29.98 -15.33 4.21
C ALA A 104 -28.88 -15.67 3.19
N TRP A 105 -27.65 -15.86 3.69
CA TRP A 105 -26.46 -16.08 2.86
C TRP A 105 -26.41 -17.41 2.09
N TYR A 106 -27.24 -18.37 2.47
CA TYR A 106 -27.34 -19.64 1.76
C TYR A 106 -27.96 -19.44 0.38
N ARG A 107 -27.10 -19.52 -0.64
CA ARG A 107 -27.51 -19.38 -2.03
C ARG A 107 -28.20 -20.66 -2.48
N THR A 108 -27.66 -21.80 -2.04
CA THR A 108 -28.21 -23.13 -2.31
C THR A 108 -28.88 -23.75 -1.07
N GLU A 109 -29.83 -24.65 -1.30
CA GLU A 109 -30.56 -25.37 -0.24
C GLU A 109 -29.62 -26.34 0.53
N PRO A 110 -29.54 -26.20 1.88
CA PRO A 110 -28.71 -27.08 2.73
C PRO A 110 -29.21 -28.53 2.77
N ARG A 111 -28.28 -29.48 2.92
CA ARG A 111 -28.58 -30.91 2.81
C ARG A 111 -28.64 -31.66 4.15
N GLU A 112 -27.93 -31.14 5.16
CA GLU A 112 -27.91 -31.72 6.51
C GLU A 112 -28.60 -30.79 7.50
N TRP A 113 -29.42 -31.36 8.38
CA TRP A 113 -30.21 -30.58 9.33
C TRP A 113 -30.16 -31.22 10.72
N VAL A 114 -30.36 -30.39 11.75
CA VAL A 114 -30.61 -30.88 13.10
C VAL A 114 -31.91 -30.24 13.57
N GLU A 115 -32.75 -31.03 14.24
CA GLU A 115 -34.03 -30.56 14.76
C GLU A 115 -33.82 -29.78 16.05
N GLY A 116 -34.37 -28.57 16.09
CA GLY A 116 -34.46 -27.79 17.32
C GLY A 116 -35.89 -27.49 17.74
N VAL A 117 -36.03 -26.51 18.65
CA VAL A 117 -37.31 -26.00 19.13
C VAL A 117 -37.29 -24.47 19.01
N ASP A 118 -38.34 -23.91 18.40
CA ASP A 118 -38.64 -22.47 18.43
C ASP A 118 -39.08 -22.14 19.85
N LEU A 119 -38.34 -21.27 20.54
CA LEU A 119 -38.63 -20.99 21.95
C LEU A 119 -39.86 -20.09 22.22
N THR A 120 -40.32 -19.36 21.21
CA THR A 120 -41.57 -18.60 21.31
C THR A 120 -42.79 -19.54 21.19
N THR A 121 -42.84 -20.32 20.10
CA THR A 121 -44.04 -21.11 19.75
C THR A 121 -44.04 -22.55 20.29
N ARG A 122 -42.87 -23.04 20.70
CA ARG A 122 -42.67 -24.45 21.10
C ARG A 122 -42.88 -25.47 19.96
N GLU A 123 -42.88 -24.97 18.71
CA GLU A 123 -42.97 -25.83 17.52
C GLU A 123 -41.59 -26.30 17.09
N PRO A 124 -41.48 -27.56 16.59
CA PRO A 124 -40.20 -28.01 16.02
C PRO A 124 -39.76 -27.17 14.83
N VAL A 125 -38.45 -26.93 14.72
CA VAL A 125 -37.83 -26.28 13.54
C VAL A 125 -36.39 -26.78 13.31
N TYR A 126 -36.11 -27.12 12.06
CA TYR A 126 -34.81 -27.64 11.63
C TYR A 126 -33.83 -26.51 11.33
N VAL A 127 -32.58 -26.71 11.76
CA VAL A 127 -31.48 -25.75 11.60
C VAL A 127 -30.39 -26.46 10.78
N PRO A 128 -29.70 -25.74 9.87
CA PRO A 128 -28.59 -26.39 9.16
C PRO A 128 -27.52 -26.92 10.12
N ALA A 129 -26.89 -28.03 9.75
CA ALA A 129 -25.80 -28.62 10.54
C ALA A 129 -24.63 -27.64 10.75
N ASN A 130 -24.34 -26.82 9.74
CA ASN A 130 -23.31 -25.78 9.81
C ASN A 130 -23.63 -24.69 10.82
N GLU A 131 -24.91 -24.60 11.20
CA GLU A 131 -25.35 -23.63 12.21
C GLU A 131 -25.42 -24.25 13.60
N VAL A 132 -25.15 -25.55 13.69
CA VAL A 132 -25.25 -26.30 14.94
C VAL A 132 -23.87 -26.77 15.44
N PHE A 133 -23.17 -27.53 14.59
CA PHE A 133 -21.92 -28.18 14.96
C PHE A 133 -20.70 -27.30 14.71
N HIS A 134 -19.58 -27.68 15.34
CA HIS A 134 -18.27 -27.11 15.06
C HIS A 134 -17.22 -28.18 15.40
N PRO A 135 -16.29 -28.45 14.47
CA PRO A 135 -16.23 -27.82 13.14
C PRO A 135 -17.08 -28.53 12.09
N TRP A 136 -17.62 -27.75 11.15
CA TRP A 136 -18.34 -28.31 10.00
C TRP A 136 -17.81 -27.63 8.74
N LEU A 137 -17.34 -28.43 7.78
CA LEU A 137 -16.60 -27.89 6.62
C LEU A 137 -17.34 -27.86 5.28
N GLY A 138 -18.42 -28.62 5.18
CA GLY A 138 -19.14 -28.82 3.92
C GLY A 138 -19.79 -27.61 3.28
N ASP A 139 -20.12 -26.59 4.08
CA ASP A 139 -20.98 -25.49 3.62
C ASP A 139 -20.27 -24.21 3.21
N ALA A 140 -21.08 -23.23 2.78
CA ALA A 140 -20.64 -21.96 2.18
C ALA A 140 -19.77 -21.12 3.11
N LEU A 141 -20.16 -21.01 4.37
CA LEU A 141 -19.40 -20.25 5.36
C LEU A 141 -18.83 -21.13 6.48
N PRO A 142 -17.70 -20.70 7.10
CA PRO A 142 -17.15 -21.40 8.26
C PRO A 142 -18.13 -21.55 9.43
N SER A 143 -18.03 -22.71 10.08
CA SER A 143 -18.64 -23.00 11.36
C SER A 143 -18.06 -22.09 12.45
N HIS A 144 -18.82 -21.92 13.52
CA HIS A 144 -18.36 -21.18 14.71
C HIS A 144 -19.07 -21.67 15.97
N THR A 145 -18.79 -21.00 17.10
CA THR A 145 -19.20 -21.45 18.43
C THR A 145 -20.11 -20.46 19.16
N ASN A 146 -20.55 -19.41 18.47
CA ASN A 146 -21.47 -18.44 19.04
C ASN A 146 -22.86 -19.05 19.32
N GLY A 147 -23.33 -18.92 20.55
CA GLY A 147 -24.60 -19.49 20.99
C GLY A 147 -24.50 -20.81 21.70
N LEU A 148 -23.29 -21.37 21.69
CA LEU A 148 -23.02 -22.67 22.24
C LEU A 148 -22.77 -22.58 23.74
N SER A 149 -23.38 -23.46 24.52
CA SER A 149 -23.25 -23.38 25.96
C SER A 149 -23.56 -24.67 26.68
N ALA A 150 -22.78 -24.94 27.72
CA ALA A 150 -22.98 -26.08 28.62
C ALA A 150 -23.46 -25.56 29.97
N GLY A 151 -24.20 -26.40 30.71
CA GLY A 151 -24.57 -26.09 32.09
C GLY A 151 -24.95 -27.34 32.89
N ARG A 152 -25.29 -27.17 34.15
CA ARG A 152 -25.83 -28.28 34.95
C ARG A 152 -27.29 -28.65 34.58
N LEU A 153 -28.05 -27.64 34.16
CA LEU A 153 -29.43 -27.79 33.72
C LEU A 153 -29.52 -27.10 32.37
N ARG A 154 -30.45 -27.55 31.53
CA ARG A 154 -30.54 -26.98 30.18
C ARG A 154 -30.82 -25.47 30.20
N GLU A 155 -31.57 -25.03 31.22
CA GLU A 155 -31.86 -23.61 31.46
C GLU A 155 -30.63 -22.75 31.66
N GLU A 156 -29.65 -23.24 32.42
CA GLU A 156 -28.37 -22.54 32.57
C GLU A 156 -27.76 -22.25 31.22
N ALA A 157 -27.74 -23.28 30.36
CA ALA A 157 -27.11 -23.21 29.07
C ALA A 157 -27.85 -22.27 28.10
N VAL A 158 -29.18 -22.38 28.07
CA VAL A 158 -30.02 -21.49 27.25
C VAL A 158 -29.79 -20.03 27.66
N ILE A 159 -29.82 -19.76 28.97
CA ILE A 159 -29.57 -18.40 29.47
C ILE A 159 -28.20 -17.90 28.98
N GLN A 160 -27.15 -18.69 29.24
CA GLN A 160 -25.79 -18.27 28.92
C GLN A 160 -25.57 -18.13 27.42
N GLY A 161 -26.08 -19.09 26.66
CA GLY A 161 -25.95 -19.10 25.20
C GLY A 161 -26.67 -17.96 24.53
N LEU A 162 -27.87 -17.64 25.05
CA LEU A 162 -28.71 -16.53 24.55
C LEU A 162 -28.04 -15.17 24.79
N LEU A 163 -27.53 -14.99 26.01
CA LEU A 163 -26.80 -13.78 26.36
C LEU A 163 -25.52 -13.59 25.52
N GLU A 164 -24.88 -14.70 25.14
CA GLU A 164 -23.72 -14.68 24.27
C GLU A 164 -24.10 -14.15 22.88
N VAL A 165 -25.25 -14.61 22.38
CA VAL A 165 -25.80 -14.20 21.10
C VAL A 165 -26.12 -12.69 21.10
N VAL A 166 -26.70 -12.19 22.20
CA VAL A 166 -27.01 -10.76 22.34
C VAL A 166 -25.70 -9.96 22.39
N GLU A 167 -24.75 -10.47 23.16
CA GLU A 167 -23.43 -9.87 23.29
C GLU A 167 -22.77 -9.66 21.91
N ARG A 168 -22.77 -10.69 21.07
CA ARG A 168 -22.09 -10.58 19.76
C ARG A 168 -22.90 -9.77 18.76
N ASP A 169 -24.22 -9.73 18.95
CA ASP A 169 -25.09 -8.82 18.19
C ASP A 169 -24.77 -7.35 18.46
N SER A 170 -24.62 -6.97 19.72
CA SER A 170 -24.27 -5.61 20.10
C SER A 170 -22.90 -5.20 19.57
N TRP A 171 -21.92 -6.10 19.74
CA TRP A 171 -20.55 -5.84 19.29
C TRP A 171 -20.54 -5.71 17.76
N SER A 172 -21.30 -6.56 17.07
CA SER A 172 -21.46 -6.53 15.61
C SER A 172 -22.06 -5.21 15.13
N ILE A 173 -23.04 -4.72 15.89
CA ILE A 173 -23.67 -3.42 15.64
C ILE A 173 -22.63 -2.30 15.75
N VAL A 174 -21.85 -2.32 16.83
CA VAL A 174 -20.79 -1.36 17.06
C VAL A 174 -19.76 -1.36 15.93
N GLU A 175 -19.32 -2.56 15.50
CA GLU A 175 -18.28 -2.66 14.47
C GLU A 175 -18.79 -2.23 13.09
N TYR A 176 -19.94 -2.77 12.67
CA TYR A 176 -20.53 -2.53 11.34
C TYR A 176 -20.77 -1.03 11.04
N PHE A 177 -21.32 -0.30 12.00
CA PHE A 177 -21.61 1.14 11.87
C PHE A 177 -20.50 1.99 12.48
N ARG A 178 -19.47 1.35 13.02
CA ARG A 178 -18.39 2.03 13.75
C ARG A 178 -18.92 3.10 14.73
N ILE A 179 -19.86 2.67 15.57
CA ILE A 179 -20.45 3.47 16.65
C ILE A 179 -19.41 3.71 17.74
N HIS A 180 -19.42 4.91 18.32
CA HIS A 180 -18.59 5.23 19.49
C HIS A 180 -19.47 5.08 20.75
N PRO A 181 -19.48 3.87 21.39
CA PRO A 181 -20.31 3.72 22.59
C PRO A 181 -19.80 4.58 23.77
N PRO A 182 -20.70 5.00 24.69
CA PRO A 182 -20.29 5.80 25.85
C PRO A 182 -19.40 5.04 26.86
N GLU A 183 -18.55 5.76 27.59
CA GLU A 183 -17.77 5.19 28.69
C GLU A 183 -18.72 4.79 29.81
N LEU A 184 -18.47 3.64 30.43
CA LEU A 184 -19.24 3.21 31.59
C LEU A 184 -18.46 3.39 32.88
N GLU A 185 -19.08 4.08 33.82
CA GLU A 185 -18.47 4.43 35.09
C GLU A 185 -19.00 3.49 36.16
N VAL A 186 -18.09 2.92 36.95
CA VAL A 186 -18.43 1.90 37.95
C VAL A 186 -17.78 2.23 39.31
N HIS A 187 -18.19 1.52 40.36
CA HIS A 187 -17.77 1.82 41.75
C HIS A 187 -17.37 0.58 42.54
N GLY A 188 -16.89 0.80 43.76
CA GLY A 188 -16.51 -0.26 44.71
C GLY A 188 -15.61 -1.36 44.17
N GLU A 189 -16.09 -2.61 44.26
CA GLU A 189 -15.33 -3.82 43.92
C GLU A 189 -15.04 -3.93 42.43
N LEU A 190 -16.04 -3.62 41.61
CA LEU A 190 -15.86 -3.61 40.16
C LEU A 190 -14.83 -2.59 39.70
N GLU A 191 -14.80 -1.42 40.34
CA GLU A 191 -13.80 -0.38 40.02
C GLU A 191 -12.41 -0.80 40.49
N GLU A 192 -12.35 -1.38 41.68
CA GLU A 192 -11.07 -1.90 42.18
C GLU A 192 -10.52 -3.01 41.28
N LEU A 193 -11.41 -3.86 40.75
CA LEU A 193 -11.02 -4.86 39.76
C LEU A 193 -10.50 -4.26 38.46
N ARG A 194 -11.22 -3.27 37.93
CA ARG A 194 -10.76 -2.53 36.74
C ARG A 194 -9.37 -1.91 36.99
N ARG A 195 -9.23 -1.19 38.12
CA ARG A 195 -7.94 -0.63 38.56
C ARG A 195 -6.84 -1.69 38.64
N SER A 196 -7.15 -2.83 39.26
CA SER A 196 -6.20 -3.91 39.48
C SER A 196 -5.68 -4.56 38.19
N LEU A 197 -6.59 -4.78 37.23
CA LEU A 197 -6.21 -5.24 35.90
C LEU A 197 -5.45 -4.22 35.09
N GLU A 198 -5.77 -2.94 35.31
CA GLU A 198 -5.10 -1.84 34.65
C GLU A 198 -3.60 -1.79 34.97
N ARG A 199 -3.25 -2.05 36.23
CA ARG A 199 -1.84 -2.21 36.67
C ARG A 199 -1.03 -3.24 35.86
N GLU A 200 -1.73 -4.16 35.17
CA GLU A 200 -1.12 -5.19 34.31
C GLU A 200 -0.78 -4.72 32.91
N VAL A 201 -1.49 -3.69 32.44
CA VAL A 201 -1.29 -3.11 31.11
C VAL A 201 -1.13 -1.59 31.26
N GLY A 202 -1.57 -0.82 30.27
CA GLY A 202 -1.55 0.64 30.37
C GLY A 202 -2.87 1.17 30.90
N ARG A 203 -3.94 0.90 30.16
CA ARG A 203 -5.29 1.32 30.52
C ARG A 203 -6.30 0.21 30.31
N VAL A 204 -7.32 0.20 31.16
CA VAL A 204 -8.46 -0.67 30.98
C VAL A 204 -9.67 0.24 31.03
N GLU A 205 -10.41 0.28 29.93
CA GLU A 205 -11.59 1.14 29.82
C GLU A 205 -12.89 0.40 29.55
N LEU A 206 -13.95 0.85 30.20
CA LEU A 206 -15.27 0.23 30.09
C LEU A 206 -16.24 1.00 29.21
N ARG A 207 -17.04 0.25 28.45
CA ARG A 207 -18.04 0.83 27.55
C ARG A 207 -19.39 0.16 27.75
N LEU A 208 -20.46 0.94 27.65
CA LEU A 208 -21.81 0.38 27.53
C LEU A 208 -22.23 0.35 26.08
N LEU A 209 -22.29 -0.84 25.51
CA LEU A 209 -22.64 -1.01 24.10
C LEU A 209 -24.16 -0.83 23.90
N PRO A 210 -24.58 -0.35 22.72
CA PRO A 210 -26.02 -0.34 22.43
C PRO A 210 -26.55 -1.76 22.38
N SER A 211 -27.61 -2.03 23.13
CA SER A 211 -28.22 -3.37 23.16
C SER A 211 -29.56 -3.36 22.47
N ARG A 212 -29.78 -4.28 21.55
CA ARG A 212 -31.05 -4.36 20.84
C ARG A 212 -32.14 -5.15 21.57
N VAL A 213 -31.84 -5.59 22.78
CA VAL A 213 -32.78 -6.38 23.59
C VAL A 213 -33.02 -5.66 24.90
N GLU A 214 -34.29 -5.31 25.17
CA GLU A 214 -34.60 -4.55 26.38
C GLU A 214 -34.45 -5.38 27.64
N GLY A 215 -33.82 -4.78 28.64
CA GLY A 215 -33.55 -5.45 29.91
C GLY A 215 -32.27 -6.27 29.92
N VAL A 216 -31.53 -6.28 28.80
CA VAL A 216 -30.17 -6.85 28.72
C VAL A 216 -29.15 -5.74 28.45
N TYR A 217 -28.12 -5.69 29.29
CA TYR A 217 -26.99 -4.79 29.15
C TYR A 217 -25.78 -5.54 28.56
N VAL A 218 -25.05 -4.85 27.68
CA VAL A 218 -23.83 -5.38 27.07
C VAL A 218 -22.69 -4.41 27.40
N VAL A 219 -21.59 -4.96 27.93
CA VAL A 219 -20.44 -4.16 28.34
C VAL A 219 -19.18 -4.63 27.60
N GLY A 220 -18.42 -3.65 27.11
CA GLY A 220 -17.11 -3.89 26.49
C GLY A 220 -16.00 -3.34 27.36
N ALA A 221 -14.90 -4.08 27.41
CA ALA A 221 -13.68 -3.61 28.05
C ALA A 221 -12.58 -3.65 27.01
N VAL A 222 -11.88 -2.51 26.88
CA VAL A 222 -10.77 -2.34 25.93
C VAL A 222 -9.50 -1.94 26.68
N THR A 223 -8.36 -2.46 26.23
CA THR A 223 -7.08 -2.13 26.86
C THR A 223 -6.17 -1.29 25.97
N GLU A 224 -5.33 -0.51 26.65
CA GLU A 224 -4.17 0.15 26.06
C GLU A 224 -2.94 -0.45 26.73
N ALA A 225 -1.94 -0.83 25.95
CA ALA A 225 -0.67 -1.35 26.48
C ALA A 225 0.49 -0.97 25.55
N GLU A 226 1.71 -0.93 26.10
CA GLU A 226 2.90 -0.65 25.30
C GLU A 226 3.29 -1.80 24.36
N ARG A 227 2.84 -3.01 24.69
CA ARG A 227 2.91 -4.16 23.79
C ARG A 227 1.57 -4.33 23.05
N VAL A 228 1.62 -4.50 21.73
CA VAL A 228 0.42 -4.46 20.87
C VAL A 228 -0.52 -5.67 21.05
N GLU A 229 0.09 -6.83 21.31
CA GLU A 229 -0.66 -8.07 21.43
C GLU A 229 -1.39 -8.18 22.78
N GLU A 230 -1.07 -7.25 23.68
CA GLU A 230 -1.76 -7.10 24.97
C GLU A 230 -2.86 -6.04 24.95
N MSE A 231 -3.18 -5.55 23.75
CA MSE A 231 -4.30 -4.64 23.54
C MSE A 231 -5.44 -5.51 23.09
O MSE A 231 -5.55 -5.86 21.90
CB MSE A 231 -3.95 -3.52 22.57
CG MSE A 231 -3.15 -2.45 23.30
SE MSE A 231 -2.65 -0.97 22.11
CE MSE A 231 -4.47 -0.44 21.55
N VAL A 232 -6.26 -5.91 24.06
CA VAL A 232 -7.30 -6.91 23.82
C VAL A 232 -8.65 -6.33 24.19
N MSE A 233 -9.71 -7.06 23.85
CA MSE A 233 -11.07 -6.66 24.23
C MSE A 233 -11.80 -7.78 24.91
O MSE A 233 -11.59 -8.94 24.62
CB MSE A 233 -11.85 -6.23 23.00
CG MSE A 233 -11.26 -4.93 22.44
SE MSE A 233 -12.46 -4.23 21.05
CE MSE A 233 -12.21 -5.71 19.75
N GLY A 234 -12.68 -7.40 25.83
CA GLY A 234 -13.54 -8.35 26.55
C GLY A 234 -14.96 -7.84 26.57
N PHE A 235 -15.91 -8.77 26.64
CA PHE A 235 -17.34 -8.47 26.57
C PHE A 235 -18.16 -9.32 27.53
N GLY A 236 -19.26 -8.73 28.01
CA GLY A 236 -20.21 -9.40 28.88
C GLY A 236 -21.61 -8.89 28.63
N ALA A 237 -22.60 -9.77 28.83
CA ALA A 237 -24.01 -9.45 28.65
C ALA A 237 -24.84 -10.12 29.74
N SER A 238 -25.77 -9.36 30.31
CA SER A 238 -26.60 -9.82 31.44
C SER A 238 -27.73 -8.84 31.75
N PRO A 239 -28.87 -9.34 32.27
CA PRO A 239 -29.88 -8.40 32.78
C PRO A 239 -29.37 -7.63 33.99
N ASP A 240 -28.32 -8.17 34.61
CA ASP A 240 -27.64 -7.51 35.73
C ASP A 240 -26.39 -6.84 35.19
N PRO A 241 -26.37 -5.48 35.14
CA PRO A 241 -25.23 -4.75 34.56
C PRO A 241 -23.88 -5.02 35.24
N GLU A 242 -23.90 -5.28 36.54
CA GLU A 242 -22.69 -5.64 37.29
C GLU A 242 -22.04 -6.94 36.80
N MSE A 243 -22.87 -7.92 36.43
CA MSE A 243 -22.40 -9.16 35.83
C MSE A 243 -21.84 -8.91 34.45
O MSE A 243 -20.79 -9.45 34.09
CB MSE A 243 -23.56 -10.16 35.75
CG MSE A 243 -23.03 -11.47 35.16
SE MSE A 243 -24.49 -12.73 34.82
CE MSE A 243 -24.86 -13.15 36.70
N ALA A 244 -22.52 -8.08 33.65
CA ALA A 244 -22.03 -7.71 32.34
C ALA A 244 -20.61 -7.12 32.43
N VAL A 245 -20.40 -6.22 33.40
CA VAL A 245 -19.08 -5.59 33.63
C VAL A 245 -18.05 -6.62 34.02
N LEU A 246 -18.41 -7.47 34.98
CA LEU A 246 -17.49 -8.48 35.50
C LEU A 246 -16.99 -9.42 34.39
N ARG A 247 -17.92 -9.89 33.56
CA ARG A 247 -17.61 -10.79 32.45
C ARG A 247 -16.70 -10.17 31.39
N ALA A 248 -16.87 -8.87 31.13
CA ALA A 248 -15.97 -8.11 30.26
C ALA A 248 -14.53 -8.06 30.82
N LEU A 249 -14.41 -7.72 32.10
CA LEU A 249 -13.11 -7.68 32.81
C LEU A 249 -12.43 -9.05 32.88
N LEU A 250 -13.22 -10.07 33.19
CA LEU A 250 -12.74 -11.46 33.20
C LEU A 250 -12.24 -11.91 31.83
N GLU A 251 -12.91 -11.48 30.78
CA GLU A 251 -12.52 -11.84 29.42
C GLU A 251 -11.21 -11.17 28.96
N VAL A 252 -10.97 -9.96 29.46
CA VAL A 252 -9.68 -9.28 29.27
C VAL A 252 -8.56 -10.08 29.90
N ALA A 253 -8.75 -10.45 31.18
CA ALA A 253 -7.77 -11.29 31.89
C ALA A 253 -7.46 -12.56 31.10
N GLN A 254 -8.51 -13.23 30.61
CA GLN A 254 -8.38 -14.40 29.78
C GLN A 254 -7.53 -14.10 28.53
N GLY A 255 -7.86 -13.01 27.83
CA GLY A 255 -7.12 -12.56 26.65
C GLY A 255 -5.65 -12.30 26.94
N LEU A 256 -5.38 -11.57 28.02
CA LEU A 256 -3.99 -11.33 28.43
C LEU A 256 -3.21 -12.59 28.73
N SER A 257 -3.88 -13.59 29.32
CA SER A 257 -3.25 -14.87 29.63
C SER A 257 -2.89 -15.61 28.34
N MSE A 258 -3.78 -15.54 27.35
CA MSE A 258 -3.57 -16.20 26.05
C MSE A 258 -2.46 -15.57 25.25
O MSE A 258 -1.66 -16.28 24.66
CB MSE A 258 -4.83 -16.19 25.19
CG MSE A 258 -6.05 -16.58 25.99
SE MSE A 258 -6.68 -18.32 25.35
CE MSE A 258 -5.45 -19.37 26.45
N ALA A 259 -2.43 -14.23 25.23
CA ALA A 259 -1.40 -13.47 24.52
C ALA A 259 0.00 -13.75 25.10
N ARG A 260 0.10 -13.86 26.43
CA ARG A 260 1.37 -14.10 27.11
C ARG A 260 1.93 -15.52 26.87
N ARG A 261 1.05 -16.46 26.52
CA ARG A 261 1.45 -17.81 26.16
C ARG A 261 1.52 -17.93 24.63
N GLY A 262 1.28 -16.81 23.96
CA GLY A 262 1.22 -16.74 22.49
C GLY A 262 0.19 -17.68 21.89
N ILE A 263 -0.94 -17.85 22.57
CA ILE A 263 -2.01 -18.73 22.07
C ILE A 263 -2.86 -17.95 21.08
N GLU A 264 -2.82 -18.41 19.83
CA GLU A 264 -3.62 -17.86 18.76
C GLU A 264 -5.05 -18.26 19.00
N SER A 265 -5.92 -17.25 19.08
CA SER A 265 -7.29 -17.46 19.51
C SER A 265 -8.31 -16.70 18.67
N PRO A 266 -9.24 -17.44 18.01
CA PRO A 266 -10.51 -16.82 17.63
C PRO A 266 -11.50 -16.89 18.80
N VAL A 267 -11.03 -17.40 19.94
CA VAL A 267 -11.80 -17.58 21.19
C VAL A 267 -11.51 -16.53 22.28
N ARG A 268 -10.36 -15.85 22.17
CA ARG A 268 -9.94 -14.78 23.09
C ARG A 268 -9.08 -13.74 22.38
N PRO A 277 -1.46 -7.48 7.63
CA PRO A 277 -0.28 -8.31 7.79
C PRO A 277 1.03 -7.51 7.74
N GLY A 278 1.67 -7.37 8.90
CA GLY A 278 2.81 -6.45 9.13
C GLY A 278 2.60 -5.78 10.48
N LYS A 279 3.53 -5.99 11.41
CA LYS A 279 3.33 -5.61 12.82
C LYS A 279 2.90 -4.16 13.03
N LEU A 280 1.81 -4.03 13.77
CA LEU A 280 1.19 -2.76 14.08
C LEU A 280 1.80 -2.15 15.33
N THR A 281 1.64 -0.83 15.46
CA THR A 281 2.10 -0.09 16.62
C THR A 281 0.90 0.23 17.51
N PRO A 282 1.09 0.29 18.85
CA PRO A 282 -0.02 0.62 19.77
C PRO A 282 -0.82 1.86 19.37
N GLU A 283 -0.12 2.91 18.91
CA GLU A 283 -0.76 4.17 18.60
C GLU A 283 -1.56 4.13 17.30
N ARG A 284 -1.08 3.38 16.32
CA ARG A 284 -1.84 3.13 15.09
C ARG A 284 -3.08 2.24 15.35
N LEU A 285 -2.93 1.22 16.18
CA LEU A 285 -4.07 0.38 16.59
C LEU A 285 -5.20 1.22 17.22
N LYS A 286 -4.86 2.12 18.15
CA LYS A 286 -5.79 3.18 18.61
C LYS A 286 -6.48 3.92 17.45
N ARG A 287 -5.68 4.41 16.50
CA ARG A 287 -6.19 5.17 15.34
C ARG A 287 -7.09 4.37 14.40
N LEU A 288 -6.79 3.07 14.23
CA LEU A 288 -7.67 2.17 13.47
C LEU A 288 -8.97 1.83 14.22
N ASN A 289 -8.98 2.10 15.52
CA ASN A 289 -10.07 1.73 16.42
C ASN A 289 -10.49 2.88 17.32
N ARG A 290 -10.59 4.07 16.73
CA ARG A 290 -10.97 5.30 17.43
C ARG A 290 -12.37 5.26 18.06
N HIS A 291 -13.28 4.50 17.45
CA HIS A 291 -14.61 4.28 18.00
C HIS A 291 -14.59 3.70 19.42
N TRP A 292 -13.62 2.82 19.70
CA TRP A 292 -13.40 2.29 21.05
C TRP A 292 -12.64 3.26 22.00
N PHE A 293 -11.67 4.00 21.46
CA PHE A 293 -10.80 4.87 22.27
C PHE A 293 -11.25 6.34 22.42
N GLU A 294 -12.29 6.72 21.66
CA GLU A 294 -12.93 8.04 21.75
C GLU A 294 -14.44 7.85 22.03
N PRO A 295 -14.82 7.58 23.30
CA PRO A 295 -16.25 7.37 23.60
C PRO A 295 -17.14 8.64 23.48
N GLU A 296 -18.37 8.42 23.03
CA GLU A 296 -19.38 9.46 22.96
C GLU A 296 -20.28 9.43 24.21
N GLY A 297 -19.85 10.17 25.23
CA GLY A 297 -20.65 10.33 26.45
C GLY A 297 -20.20 9.45 27.61
N THR A 298 -20.89 9.59 28.74
CA THR A 298 -20.66 8.79 29.94
C THR A 298 -21.99 8.24 30.51
N VAL A 299 -21.93 7.03 31.06
CA VAL A 299 -23.07 6.41 31.75
C VAL A 299 -22.62 5.96 33.13
N GLU A 300 -23.44 6.26 34.13
CA GLU A 300 -23.23 5.82 35.51
C GLU A 300 -23.97 4.50 35.70
N ILE A 301 -23.27 3.49 36.23
CA ILE A 301 -23.84 2.14 36.39
C ILE A 301 -25.12 2.12 37.27
N ASP A 302 -25.22 3.06 38.20
CA ASP A 302 -26.36 3.16 39.13
C ASP A 302 -27.67 3.59 38.45
N ASP A 303 -27.56 4.43 37.43
CA ASP A 303 -28.74 4.91 36.67
C ASP A 303 -29.34 3.85 35.74
N LEU A 304 -28.74 2.65 35.71
CA LEU A 304 -29.24 1.54 34.89
C LEU A 304 -30.29 0.72 35.65
N ASP A 305 -31.47 0.60 35.04
CA ASP A 305 -32.61 -0.09 35.66
C ASP A 305 -32.44 -1.60 35.68
N ARG A 306 -32.67 -2.21 36.84
CA ARG A 306 -32.75 -3.66 36.91
C ARG A 306 -34.14 -4.13 36.49
N VAL A 307 -34.35 -4.22 35.17
CA VAL A 307 -35.65 -4.58 34.56
C VAL A 307 -36.04 -6.00 34.92
N ILE A 308 -35.08 -6.92 34.76
CA ILE A 308 -35.28 -8.35 35.02
C ILE A 308 -34.56 -8.70 36.33
N THR A 309 -35.34 -9.01 37.36
CA THR A 309 -34.81 -9.38 38.68
C THR A 309 -34.83 -10.88 38.85
N THR A 310 -33.75 -11.39 39.43
CA THR A 310 -33.34 -12.75 39.20
C THR A 310 -33.74 -13.69 40.34
N GLY A 311 -34.93 -14.26 40.20
CA GLY A 311 -35.46 -15.21 41.17
C GLY A 311 -35.16 -16.65 40.76
N SER A 312 -36.04 -17.20 39.92
CA SER A 312 -35.93 -18.60 39.52
C SER A 312 -35.42 -18.76 38.09
N LEU A 313 -34.77 -19.90 37.85
CA LEU A 313 -34.06 -20.18 36.62
C LEU A 313 -34.97 -20.34 35.41
N GLU A 314 -36.16 -20.93 35.63
CA GLU A 314 -37.17 -21.08 34.59
C GLU A 314 -37.78 -19.74 34.20
N LYS A 315 -38.11 -18.94 35.21
CA LYS A 315 -38.72 -17.63 35.02
C LYS A 315 -37.76 -16.69 34.30
N LEU A 316 -36.48 -16.72 34.69
CA LEU A 316 -35.42 -15.94 33.99
C LEU A 316 -35.21 -16.36 32.52
N THR A 317 -35.17 -17.66 32.25
CA THR A 317 -35.10 -18.19 30.87
C THR A 317 -36.29 -17.67 30.06
N GLU A 318 -37.49 -17.89 30.58
CA GLU A 318 -38.73 -17.40 29.99
C GLU A 318 -38.65 -15.90 29.65
N GLU A 319 -38.22 -15.09 30.63
CA GLU A 319 -38.18 -13.64 30.48
C GLU A 319 -37.18 -13.16 29.42
N LEU A 320 -35.99 -13.75 29.42
CA LEU A 320 -34.94 -13.38 28.45
C LEU A 320 -35.35 -13.81 27.05
N VAL A 321 -35.93 -14.99 26.92
CA VAL A 321 -36.45 -15.47 25.63
C VAL A 321 -37.51 -14.50 25.06
N GLU A 322 -38.43 -14.06 25.91
CA GLU A 322 -39.51 -13.14 25.53
C GLU A 322 -38.93 -11.83 24.99
N ARG A 323 -38.03 -11.25 25.80
CA ARG A 323 -37.34 -10.01 25.45
C ARG A 323 -36.62 -10.11 24.10
N VAL A 324 -35.96 -11.24 23.85
CA VAL A 324 -35.27 -11.47 22.57
C VAL A 324 -36.27 -11.57 21.42
N ALA A 325 -37.32 -12.37 21.61
CA ALA A 325 -38.40 -12.54 20.61
C ALA A 325 -39.10 -11.21 20.23
N GLU A 326 -39.09 -10.26 21.17
CA GLU A 326 -39.71 -8.94 21.01
C GLU A 326 -38.83 -7.91 20.31
N ALA A 327 -37.56 -8.25 20.11
CA ALA A 327 -36.54 -7.28 19.68
C ALA A 327 -36.46 -7.04 18.17
N GLY A 328 -37.18 -7.83 17.39
CA GLY A 328 -37.10 -7.74 15.93
C GLY A 328 -35.86 -8.42 15.39
N LEU A 329 -35.44 -9.48 16.05
CA LEU A 329 -34.21 -10.20 15.67
C LEU A 329 -34.52 -11.64 15.23
N GLY A 330 -35.74 -11.86 14.74
CA GLY A 330 -36.16 -13.15 14.21
C GLY A 330 -36.48 -14.14 15.32
N LYS A 331 -36.36 -15.43 15.00
CA LYS A 331 -36.76 -16.53 15.88
C LYS A 331 -35.62 -16.91 16.85
N VAL A 332 -36.01 -17.34 18.05
CA VAL A 332 -35.10 -17.81 19.08
C VAL A 332 -35.20 -19.33 19.05
N ILE A 333 -34.11 -19.99 18.66
CA ILE A 333 -34.10 -21.44 18.48
C ILE A 333 -33.05 -22.11 19.39
N GLU A 334 -33.48 -23.16 20.07
CA GLU A 334 -32.62 -24.00 20.89
C GLU A 334 -32.45 -25.38 20.23
N VAL A 335 -31.20 -25.79 20.04
CA VAL A 335 -30.89 -27.16 19.62
C VAL A 335 -30.16 -27.90 20.75
N ASP A 336 -30.67 -29.07 21.11
CA ASP A 336 -30.06 -29.90 22.15
C ASP A 336 -28.79 -30.58 21.65
N LEU A 337 -27.72 -30.52 22.46
CA LEU A 337 -26.44 -31.10 22.09
C LEU A 337 -25.84 -31.99 23.19
N THR A 338 -26.69 -32.36 24.17
CA THR A 338 -26.33 -33.30 25.22
C THR A 338 -25.82 -34.62 24.62
N LEU A 339 -24.64 -35.03 25.04
CA LEU A 339 -24.10 -36.34 24.67
C LEU A 339 -24.76 -37.42 25.53
N GLU A 340 -24.98 -38.59 24.93
CA GLU A 340 -25.59 -39.74 25.64
C GLU A 340 -24.79 -40.17 26.87
N ASN A 341 -23.48 -40.36 26.68
CA ASN A 341 -22.58 -40.88 27.72
C ASN A 341 -22.41 -39.92 28.91
N LEU A 342 -21.88 -38.71 28.68
CA LEU A 342 -21.83 -37.68 29.73
C LEU A 342 -23.19 -37.04 29.79
N ASP A 343 -23.82 -37.06 30.95
CA ASP A 343 -25.13 -36.44 31.09
C ASP A 343 -24.95 -34.95 31.45
N VAL A 344 -24.47 -34.18 30.47
CA VAL A 344 -24.20 -32.75 30.64
C VAL A 344 -25.05 -32.00 29.63
N PRO A 345 -26.01 -31.18 30.12
CA PRO A 345 -26.81 -30.35 29.21
C PRO A 345 -25.93 -29.38 28.40
N VAL A 346 -26.01 -29.48 27.08
CA VAL A 346 -25.33 -28.55 26.16
C VAL A 346 -26.38 -28.16 25.14
N VAL A 347 -26.43 -26.86 24.82
CA VAL A 347 -27.30 -26.37 23.75
C VAL A 347 -26.52 -25.51 22.75
N ARG A 348 -27.11 -25.34 21.56
CA ARG A 348 -26.77 -24.27 20.64
C ARG A 348 -27.97 -23.36 20.52
N VAL A 349 -27.78 -22.07 20.80
CA VAL A 349 -28.86 -21.11 20.67
C VAL A 349 -28.64 -20.30 19.40
N ARG A 350 -29.68 -20.23 18.57
CA ARG A 350 -29.70 -19.32 17.42
C ARG A 350 -30.81 -18.30 17.56
N VAL A 351 -30.45 -17.05 17.24
CA VAL A 351 -31.40 -15.98 17.08
C VAL A 351 -31.24 -15.62 15.59
N THR A 352 -32.27 -15.95 14.79
CA THR A 352 -32.15 -16.01 13.31
C THR A 352 -31.85 -14.66 12.63
N GLY A 353 -32.19 -13.56 13.30
CA GLY A 353 -31.86 -12.24 12.79
C GLY A 353 -30.80 -11.50 13.60
N ALA A 354 -30.15 -12.19 14.53
CA ALA A 354 -29.05 -11.61 15.30
C ALA A 354 -27.83 -11.51 14.41
N SER A 355 -27.15 -10.37 14.49
CA SER A 355 -25.94 -10.17 13.72
C SER A 355 -24.74 -10.92 14.33
N GLU A 356 -23.95 -11.51 13.44
CA GLU A 356 -22.70 -12.17 13.81
C GLU A 356 -21.56 -11.62 12.95
N TYR A 357 -21.67 -10.32 12.64
CA TYR A 357 -20.73 -9.63 11.75
C TYR A 357 -19.25 -9.74 12.17
N VAL A 358 -19.00 -9.69 13.48
CA VAL A 358 -17.64 -9.79 14.04
C VAL A 358 -17.00 -11.18 13.86
N ILE A 359 -17.83 -12.19 13.56
CA ILE A 359 -17.33 -13.54 13.30
C ILE A 359 -17.09 -13.77 11.81
N ASP A 360 -18.04 -13.30 10.99
CA ASP A 360 -17.97 -13.40 9.53
C ASP A 360 -18.80 -12.26 8.92
N GLU A 361 -18.22 -11.56 7.96
CA GLU A 361 -18.86 -10.38 7.37
C GLU A 361 -20.15 -10.70 6.62
N ALA A 362 -20.27 -11.92 6.12
CA ALA A 362 -21.49 -12.37 5.46
C ALA A 362 -22.65 -12.66 6.44
N ARG A 363 -22.33 -12.74 7.74
CA ARG A 363 -23.36 -12.95 8.78
C ARG A 363 -23.92 -11.62 9.32
N VAL A 364 -24.47 -10.82 8.41
CA VAL A 364 -24.98 -9.47 8.71
C VAL A 364 -26.22 -9.49 9.62
N GLY A 365 -27.15 -10.43 9.38
CA GLY A 365 -28.42 -10.50 10.11
C GLY A 365 -29.35 -9.34 9.79
N ASN A 366 -30.38 -9.17 10.62
CA ASN A 366 -31.36 -8.07 10.50
C ASN A 366 -30.73 -6.74 10.86
N MSE A 367 -30.19 -6.04 9.87
CA MSE A 367 -29.49 -4.77 10.07
C MSE A 367 -30.33 -3.61 9.59
O MSE A 367 -30.83 -3.63 8.45
CB MSE A 367 -28.16 -4.81 9.32
CG MSE A 367 -27.10 -3.91 9.95
SE MSE A 367 -26.47 -4.68 11.65
CE MSE A 367 -24.85 -5.63 11.04
N PRO A 368 -30.52 -2.57 10.45
CA PRO A 368 -31.21 -1.35 10.03
C PRO A 368 -30.38 -0.49 9.07
N GLU A 369 -30.99 0.53 8.49
CA GLU A 369 -30.30 1.48 7.60
C GLU A 369 -29.42 2.46 8.38
N LYS A 370 -29.97 3.01 9.46
CA LYS A 370 -29.26 3.91 10.37
C LYS A 370 -29.20 3.30 11.79
N PRO A 371 -28.02 3.38 12.47
CA PRO A 371 -27.83 2.75 13.80
C PRO A 371 -28.72 3.35 14.89
N PRO A 372 -29.20 2.52 15.85
CA PRO A 372 -30.11 3.00 16.91
C PRO A 372 -29.47 4.04 17.84
N GLY A 373 -29.81 5.32 17.62
CA GLY A 373 -29.26 6.45 18.39
C GLY A 373 -30.39 7.28 19.02
N MSE B 1 -30.58 22.68 -24.47
CA MSE B 1 -30.03 23.98 -23.96
C MSE B 1 -28.61 23.78 -23.37
O MSE B 1 -28.43 23.66 -22.15
CB MSE B 1 -31.00 24.57 -22.94
CG MSE B 1 -31.03 26.09 -22.89
SE MSE B 1 -32.69 26.75 -22.60
CE MSE B 1 -33.00 26.30 -20.87
N THR B 2 -27.61 23.77 -24.26
CA THR B 2 -26.20 23.56 -23.88
C THR B 2 -25.45 24.88 -23.66
N ASP B 3 -24.95 25.09 -22.45
CA ASP B 3 -24.20 26.30 -22.11
C ASP B 3 -22.89 26.40 -22.87
N ILE B 4 -22.58 27.62 -23.29
CA ILE B 4 -21.28 27.93 -23.85
C ILE B 4 -20.42 28.22 -22.66
N VAL B 5 -19.45 27.34 -22.40
CA VAL B 5 -18.58 27.53 -21.21
C VAL B 5 -17.26 28.18 -21.56
N TYR B 6 -16.99 28.33 -22.85
CA TYR B 6 -15.72 28.83 -23.33
C TYR B 6 -15.98 29.64 -24.61
N ASP B 7 -15.44 30.86 -24.67
CA ASP B 7 -15.64 31.72 -25.85
C ASP B 7 -14.41 32.60 -26.18
N VAL B 8 -13.22 32.02 -25.98
CA VAL B 8 -11.97 32.69 -26.36
C VAL B 8 -11.75 32.54 -27.90
N GLU B 9 -11.22 31.41 -28.37
CA GLU B 9 -10.98 31.23 -29.83
C GLU B 9 -12.23 30.79 -30.62
N GLY B 10 -13.27 30.38 -29.89
CA GLY B 10 -14.49 29.88 -30.50
C GLY B 10 -15.51 29.52 -29.43
N PHE B 11 -16.73 29.26 -29.88
CA PHE B 11 -17.83 28.95 -28.97
C PHE B 11 -17.89 27.44 -28.68
N ARG B 12 -17.60 27.08 -27.43
CA ARG B 12 -17.45 25.68 -27.04
C ARG B 12 -18.28 25.30 -25.80
N ALA B 13 -18.77 24.07 -25.79
CA ALA B 13 -19.52 23.48 -24.68
C ALA B 13 -18.61 22.86 -23.61
N PHE B 14 -17.31 22.84 -23.88
CA PHE B 14 -16.32 22.22 -22.99
C PHE B 14 -15.07 23.10 -22.89
N LEU B 15 -14.41 23.06 -21.73
CA LEU B 15 -13.13 23.73 -21.56
C LEU B 15 -12.06 22.95 -22.36
N PRO B 16 -11.08 23.66 -22.98
CA PRO B 16 -10.03 22.99 -23.79
C PRO B 16 -9.26 21.88 -23.07
N LYS B 17 -8.89 22.10 -21.80
CA LYS B 17 -8.25 21.06 -20.95
C LYS B 17 -9.05 19.75 -20.92
N GLU B 18 -10.37 19.87 -20.74
CA GLU B 18 -11.31 18.75 -20.85
C GLU B 18 -11.24 18.08 -22.21
N THR B 19 -11.30 18.88 -23.27
CA THR B 19 -11.37 18.37 -24.63
C THR B 19 -10.06 17.68 -25.02
N LEU B 20 -8.93 18.22 -24.56
CA LEU B 20 -7.65 17.61 -24.81
C LEU B 20 -7.56 16.23 -24.15
N ARG B 21 -8.03 16.15 -22.90
CA ARG B 21 -8.09 14.90 -22.12
C ARG B 21 -8.83 13.86 -22.94
N TRP B 22 -9.93 14.30 -23.56
CA TRP B 22 -10.82 13.50 -24.38
C TRP B 22 -10.18 13.06 -25.68
N ILE B 23 -9.49 13.98 -26.36
CA ILE B 23 -8.70 13.71 -27.57
C ILE B 23 -7.64 12.62 -27.29
N ARG B 24 -6.90 12.77 -26.21
CA ARG B 24 -5.84 11.81 -25.85
C ARG B 24 -6.38 10.41 -25.50
N HIS B 25 -7.45 10.35 -24.70
CA HIS B 25 -8.17 9.11 -24.36
C HIS B 25 -8.68 8.32 -25.57
N ARG B 26 -9.19 9.02 -26.58
CA ARG B 26 -9.75 8.39 -27.78
C ARG B 26 -8.69 8.11 -28.85
N GLU B 27 -7.45 8.52 -28.57
CA GLU B 27 -6.29 8.32 -29.45
C GLU B 27 -6.52 8.83 -30.89
N LEU B 28 -7.17 10.00 -30.96
CA LEU B 28 -7.64 10.56 -32.23
C LEU B 28 -6.51 10.85 -33.20
N GLU B 29 -5.44 11.45 -32.71
CA GLU B 29 -4.32 11.82 -33.55
C GLU B 29 -3.66 10.62 -34.21
N ARG B 30 -3.42 9.56 -33.43
CA ARG B 30 -2.96 8.28 -33.98
C ARG B 30 -3.99 7.71 -34.98
N LYS B 31 -5.26 7.60 -34.59
CA LYS B 31 -6.29 6.99 -35.45
C LYS B 31 -6.50 7.72 -36.80
N VAL B 32 -6.01 8.96 -36.85
CA VAL B 32 -6.19 9.84 -37.99
C VAL B 32 -4.91 9.98 -38.84
N GLY B 33 -3.81 9.37 -38.39
CA GLY B 33 -2.60 9.27 -39.21
C GLY B 33 -1.53 10.32 -38.99
N VAL B 34 -1.58 11.00 -37.85
CA VAL B 34 -0.54 11.95 -37.45
C VAL B 34 0.76 11.18 -37.20
N VAL B 35 1.83 11.57 -37.89
CA VAL B 35 3.11 10.88 -37.78
C VAL B 35 4.23 11.74 -37.19
N GLU B 36 4.01 13.05 -37.12
CA GLU B 36 4.97 13.96 -36.51
C GLU B 36 4.28 15.17 -35.86
N LYS B 37 4.83 15.61 -34.74
CA LYS B 37 4.34 16.79 -34.02
C LYS B 37 5.47 17.81 -33.81
N PHE B 38 5.13 19.08 -33.89
CA PHE B 38 6.06 20.17 -33.57
C PHE B 38 5.34 21.23 -32.77
N SER B 39 6.06 21.81 -31.81
CA SER B 39 5.58 22.93 -31.01
C SER B 39 6.44 24.17 -31.28
N ASP B 40 5.80 25.23 -31.77
CA ASP B 40 6.43 26.53 -31.95
C ASP B 40 5.79 27.53 -31.02
N ARG B 41 6.43 28.70 -30.91
CA ARG B 41 5.88 29.85 -30.19
C ARG B 41 6.27 31.12 -30.98
N VAL B 42 5.28 31.88 -31.39
CA VAL B 42 5.52 33.08 -32.18
C VAL B 42 5.16 34.24 -31.26
N GLY B 43 6.19 34.91 -30.76
CA GLY B 43 6.03 35.85 -29.65
C GLY B 43 5.40 35.11 -28.48
N PRO B 44 4.23 35.57 -28.01
CA PRO B 44 3.52 34.88 -26.93
C PRO B 44 2.65 33.69 -27.41
N ILE B 45 2.51 33.49 -28.72
CA ILE B 45 1.48 32.57 -29.24
C ILE B 45 1.98 31.15 -29.52
N PRO B 46 1.46 30.15 -28.78
CA PRO B 46 1.75 28.74 -29.10
C PRO B 46 1.14 28.34 -30.44
N VAL B 47 1.96 27.74 -31.30
CA VAL B 47 1.53 27.18 -32.58
C VAL B 47 1.94 25.71 -32.59
N GLU B 48 1.02 24.86 -33.05
CA GLU B 48 1.27 23.43 -33.19
C GLU B 48 1.27 23.02 -34.67
N ILE B 49 2.24 22.20 -35.07
CA ILE B 49 2.34 21.68 -36.44
C ILE B 49 2.21 20.15 -36.41
N ARG B 50 1.43 19.62 -37.34
CA ARG B 50 1.17 18.20 -37.48
C ARG B 50 1.50 17.76 -38.89
N ARG B 51 2.25 16.67 -39.00
CA ARG B 51 2.46 15.96 -40.27
C ARG B 51 1.54 14.75 -40.20
N ARG B 52 0.72 14.60 -41.23
CA ARG B 52 -0.33 13.59 -41.24
C ARG B 52 -0.25 12.80 -42.55
N ARG B 53 -0.40 11.48 -42.45
CA ARG B 53 -0.34 10.60 -43.63
C ARG B 53 -1.63 9.83 -43.79
N SER B 54 -2.11 9.76 -45.02
CA SER B 54 -3.24 8.89 -45.34
C SER B 54 -3.13 8.40 -46.77
N GLN B 55 -4.01 7.47 -47.11
CA GLN B 55 -4.11 6.94 -48.47
C GLN B 55 -4.32 8.03 -49.52
N TYR B 56 -4.75 9.23 -49.07
CA TYR B 56 -4.92 10.41 -49.94
C TYR B 56 -3.73 11.35 -49.98
N GLY B 57 -2.65 11.00 -49.28
CA GLY B 57 -1.40 11.75 -49.32
C GLY B 57 -0.78 12.12 -47.98
N GLU B 58 0.18 13.03 -48.05
CA GLU B 58 0.82 13.62 -46.87
C GLU B 58 0.45 15.11 -46.75
N PHE B 59 0.07 15.51 -45.55
CA PHE B 59 -0.43 16.87 -45.30
C PHE B 59 0.22 17.49 -44.06
N TYR B 60 0.45 18.80 -44.11
CA TYR B 60 0.75 19.57 -42.89
C TYR B 60 -0.49 20.29 -42.38
N HIS B 61 -0.82 20.06 -41.11
CA HIS B 61 -1.90 20.80 -40.43
C HIS B 61 -1.34 21.59 -39.27
N ALA B 62 -2.00 22.66 -38.89
CA ALA B 62 -1.52 23.55 -37.84
C ALA B 62 -2.62 23.78 -36.82
N GLY B 63 -2.21 24.13 -35.60
CA GLY B 63 -3.14 24.60 -34.60
C GLY B 63 -2.54 25.77 -33.88
N LYS B 64 -3.37 26.57 -33.23
CA LYS B 64 -2.89 27.72 -32.44
C LYS B 64 -3.93 28.06 -31.38
N GLY B 65 -3.53 28.89 -30.41
CA GLY B 65 -4.43 29.36 -29.38
C GLY B 65 -3.72 30.33 -28.45
N THR B 66 -4.48 30.92 -27.53
CA THR B 66 -3.91 31.72 -26.45
C THR B 66 -3.15 30.86 -25.42
N THR B 67 -3.49 29.57 -25.33
CA THR B 67 -2.78 28.64 -24.43
C THR B 67 -2.30 27.44 -25.22
N ARG B 68 -1.29 26.75 -24.71
CA ARG B 68 -0.75 25.54 -25.32
C ARG B 68 -1.77 24.40 -25.43
N ILE B 69 -2.59 24.25 -24.40
CA ILE B 69 -3.68 23.25 -24.43
C ILE B 69 -4.58 23.49 -25.64
N GLN B 70 -5.03 24.73 -25.83
CA GLN B 70 -5.91 25.05 -26.95
C GLN B 70 -5.22 24.93 -28.32
N ALA B 71 -3.91 25.21 -28.38
CA ALA B 71 -3.16 25.02 -29.63
C ALA B 71 -3.09 23.55 -29.99
N ARG B 72 -3.04 22.70 -28.95
CA ARG B 72 -2.95 21.27 -29.12
C ARG B 72 -4.29 20.67 -29.51
N VAL B 73 -5.38 21.18 -28.94
CA VAL B 73 -6.73 20.73 -29.37
C VAL B 73 -7.05 21.18 -30.80
N SER B 74 -6.80 22.46 -31.07
CA SER B 74 -6.95 23.05 -32.40
C SER B 74 -6.22 22.23 -33.49
N ALA B 75 -4.95 21.87 -33.24
CA ALA B 75 -4.16 20.99 -34.15
C ALA B 75 -4.76 19.59 -34.34
N ALA B 76 -5.11 18.93 -33.22
CA ALA B 76 -5.70 17.60 -33.24
C ALA B 76 -7.02 17.63 -34.01
N MSE B 77 -7.87 18.59 -33.67
CA MSE B 77 -9.21 18.71 -34.27
C MSE B 77 -9.13 19.10 -35.73
O MSE B 77 -9.97 18.68 -36.51
CB MSE B 77 -10.14 19.59 -33.43
CG MSE B 77 -10.41 19.04 -32.02
SE MSE B 77 -11.36 17.30 -32.11
CE MSE B 77 -13.17 18.07 -32.04
N GLU B 78 -8.13 19.88 -36.12
CA GLU B 78 -7.92 20.12 -37.55
C GLU B 78 -7.55 18.83 -38.33
N CYS B 79 -6.72 17.97 -37.75
CA CYS B 79 -6.39 16.66 -38.35
C CYS B 79 -7.64 15.78 -38.51
N VAL B 80 -8.48 15.74 -37.48
CA VAL B 80 -9.73 14.98 -37.50
C VAL B 80 -10.67 15.50 -38.59
N GLU B 81 -10.74 16.83 -38.71
CA GLU B 81 -11.56 17.53 -39.68
C GLU B 81 -11.18 17.10 -41.10
N ARG B 82 -9.88 17.12 -41.38
CA ARG B 82 -9.40 16.81 -42.72
C ARG B 82 -9.49 15.32 -43.04
N ALA B 83 -9.37 14.45 -42.04
CA ALA B 83 -9.49 13.00 -42.25
C ALA B 83 -10.94 12.64 -42.60
N ALA B 84 -11.87 13.29 -41.91
CA ALA B 84 -13.31 13.12 -42.14
C ALA B 84 -13.79 13.68 -43.49
N ALA B 85 -13.01 14.56 -44.10
CA ALA B 85 -13.35 15.16 -45.39
C ALA B 85 -12.80 14.37 -46.58
N GLU B 86 -12.00 13.36 -46.30
CA GLU B 86 -11.49 12.45 -47.34
C GLU B 86 -12.64 11.71 -48.06
N PRO B 87 -12.59 11.63 -49.40
CA PRO B 87 -13.62 10.91 -50.20
C PRO B 87 -14.01 9.56 -49.60
N ARG B 88 -15.30 9.36 -49.44
CA ARG B 88 -15.86 8.18 -48.79
C ARG B 88 -17.04 7.64 -49.63
N GLU B 89 -16.89 6.42 -50.14
CA GLU B 89 -17.88 5.83 -51.05
C GLU B 89 -19.28 5.63 -50.46
N GLU B 90 -19.34 5.23 -49.19
CA GLU B 90 -20.59 4.93 -48.49
C GLU B 90 -21.64 6.04 -48.41
N ILE B 91 -21.23 7.28 -48.67
CA ILE B 91 -22.16 8.43 -48.61
C ILE B 91 -22.25 9.15 -49.95
N ILE B 92 -21.60 8.60 -50.98
CA ILE B 92 -21.76 9.09 -52.36
C ILE B 92 -23.03 8.46 -52.99
N GLU B 93 -23.90 9.31 -53.54
CA GLU B 93 -25.05 8.88 -54.35
C GLU B 93 -24.90 9.36 -55.78
N ARG B 94 -25.27 8.50 -56.73
CA ARG B 94 -25.06 8.79 -58.15
C ARG B 94 -26.32 9.09 -58.95
N GLY B 95 -27.46 8.50 -58.56
CA GLY B 95 -28.73 8.83 -59.21
C GLY B 95 -29.73 9.38 -58.20
N PRO B 96 -29.41 10.53 -57.56
CA PRO B 96 -30.15 10.90 -56.37
C PRO B 96 -31.55 11.49 -56.66
N GLU B 97 -32.50 11.21 -55.77
CA GLU B 97 -33.86 11.76 -55.86
C GLU B 97 -34.05 12.92 -54.88
N GLY B 98 -34.45 14.07 -55.41
CA GLY B 98 -34.78 15.23 -54.60
C GLY B 98 -34.11 16.50 -55.10
N ASP B 99 -34.13 17.53 -54.24
CA ASP B 99 -33.46 18.80 -54.52
C ASP B 99 -31.93 18.64 -54.60
N LYS B 100 -31.36 19.29 -55.61
CA LYS B 100 -29.93 19.25 -55.90
C LYS B 100 -29.47 20.69 -56.02
N TRP B 101 -28.32 21.00 -55.43
CA TRP B 101 -27.66 22.25 -55.70
C TRP B 101 -26.58 22.05 -56.75
N THR B 102 -26.77 22.71 -57.88
CA THR B 102 -25.81 22.69 -58.97
C THR B 102 -25.22 24.09 -59.09
N PRO B 103 -23.95 24.27 -58.63
CA PRO B 103 -23.25 25.54 -58.71
C PRO B 103 -23.19 26.10 -60.13
N ALA B 104 -23.21 27.42 -60.23
CA ALA B 104 -23.27 28.14 -61.51
C ALA B 104 -22.14 27.81 -62.49
N TRP B 105 -20.94 27.57 -61.96
CA TRP B 105 -19.75 27.33 -62.78
C TRP B 105 -19.72 25.99 -63.52
N TYR B 106 -20.53 25.02 -63.07
CA TYR B 106 -20.63 23.72 -63.73
C TYR B 106 -21.24 23.85 -65.13
N ARG B 107 -20.47 23.45 -66.13
CA ARG B 107 -20.90 23.46 -67.54
C ARG B 107 -21.64 22.18 -67.92
N THR B 108 -21.50 21.16 -67.05
CA THR B 108 -22.16 19.87 -67.19
C THR B 108 -22.50 19.34 -65.80
N GLU B 109 -23.63 18.64 -65.68
CA GLU B 109 -24.16 18.17 -64.39
C GLU B 109 -23.15 17.30 -63.61
N PRO B 110 -23.03 17.52 -62.28
CA PRO B 110 -22.17 16.65 -61.47
C PRO B 110 -22.70 15.22 -61.38
N ARG B 111 -21.78 14.26 -61.39
CA ARG B 111 -22.13 12.84 -61.33
C ARG B 111 -22.13 12.26 -59.90
N GLU B 112 -21.38 12.87 -58.98
CA GLU B 112 -21.34 12.39 -57.58
C GLU B 112 -21.84 13.45 -56.60
N TRP B 113 -22.63 13.00 -55.63
CA TRP B 113 -23.40 13.87 -54.74
C TRP B 113 -23.35 13.31 -53.32
N VAL B 114 -23.56 14.19 -52.36
CA VAL B 114 -23.76 13.80 -50.95
C VAL B 114 -25.01 14.52 -50.42
N GLU B 115 -25.79 13.83 -49.61
CA GLU B 115 -27.01 14.38 -49.03
C GLU B 115 -26.68 15.29 -47.87
N GLY B 116 -27.17 16.53 -47.96
CA GLY B 116 -27.12 17.49 -46.86
C GLY B 116 -28.51 17.85 -46.40
N VAL B 117 -28.58 18.76 -45.43
CA VAL B 117 -29.82 19.36 -44.95
C VAL B 117 -29.76 20.88 -45.19
N ASP B 118 -30.85 21.42 -45.74
CA ASP B 118 -31.07 22.88 -45.82
C ASP B 118 -31.37 23.37 -44.40
N LEU B 119 -30.50 24.21 -43.86
CA LEU B 119 -30.67 24.64 -42.46
C LEU B 119 -31.81 25.63 -42.22
N THR B 120 -32.34 26.21 -43.29
CA THR B 120 -33.57 27.01 -43.16
C THR B 120 -34.82 26.14 -43.17
N THR B 121 -35.01 25.35 -44.23
CA THR B 121 -36.27 24.61 -44.41
C THR B 121 -36.29 23.26 -43.70
N ARG B 122 -35.12 22.76 -43.29
CA ARG B 122 -34.94 21.44 -42.68
C ARG B 122 -35.23 20.28 -43.65
N GLU B 123 -35.16 20.58 -44.95
CA GLU B 123 -35.42 19.62 -46.03
C GLU B 123 -34.10 19.12 -46.63
N PRO B 124 -34.08 17.86 -47.15
CA PRO B 124 -32.84 17.32 -47.71
C PRO B 124 -32.47 18.06 -48.99
N VAL B 125 -31.18 18.16 -49.28
CA VAL B 125 -30.67 18.73 -50.54
C VAL B 125 -29.30 18.10 -50.81
N TYR B 126 -29.01 17.83 -52.09
CA TYR B 126 -27.75 17.23 -52.51
C TYR B 126 -26.74 18.28 -52.94
N VAL B 127 -25.49 18.03 -52.56
CA VAL B 127 -24.37 18.91 -52.84
C VAL B 127 -23.40 18.04 -53.67
N PRO B 128 -22.73 18.63 -54.68
CA PRO B 128 -21.73 17.84 -55.40
C PRO B 128 -20.61 17.34 -54.46
N ALA B 129 -20.07 16.16 -54.73
CA ALA B 129 -18.95 15.61 -53.94
C ALA B 129 -17.72 16.54 -53.91
N ASN B 130 -17.45 17.22 -55.02
CA ASN B 130 -16.38 18.22 -55.11
C ASN B 130 -16.52 19.41 -54.15
N GLU B 131 -17.74 19.61 -53.64
CA GLU B 131 -18.04 20.69 -52.74
C GLU B 131 -18.14 20.20 -51.30
N VAL B 132 -17.94 18.89 -51.10
CA VAL B 132 -18.02 18.27 -49.77
C VAL B 132 -16.67 17.74 -49.30
N PHE B 133 -16.02 16.97 -50.17
CA PHE B 133 -14.82 16.22 -49.83
C PHE B 133 -13.57 16.99 -50.19
N HIS B 134 -12.46 16.60 -49.55
CA HIS B 134 -11.13 17.05 -49.95
C HIS B 134 -10.11 15.97 -49.58
N PRO B 135 -9.21 15.58 -50.51
CA PRO B 135 -9.20 16.08 -51.89
C PRO B 135 -10.12 15.26 -52.81
N TRP B 136 -10.83 15.94 -53.71
CA TRP B 136 -11.67 15.29 -54.70
C TRP B 136 -11.08 15.65 -56.03
N LEU B 137 -10.59 14.62 -56.72
CA LEU B 137 -9.84 14.81 -57.95
C LEU B 137 -10.75 15.09 -59.14
N GLY B 138 -11.98 14.57 -59.07
CA GLY B 138 -13.01 14.63 -60.13
C GLY B 138 -13.15 15.82 -61.06
N ASP B 139 -14.09 16.70 -60.72
CA ASP B 139 -14.61 17.80 -61.58
C ASP B 139 -13.60 18.87 -62.04
N ALA B 140 -14.10 19.95 -62.66
CA ALA B 140 -13.25 21.01 -63.24
C ALA B 140 -12.42 21.79 -62.21
N LEU B 141 -13.05 22.13 -61.08
CA LEU B 141 -12.45 22.98 -60.07
C LEU B 141 -11.83 22.19 -58.95
N PRO B 142 -10.71 22.71 -58.38
CA PRO B 142 -10.11 22.01 -57.24
C PRO B 142 -11.04 21.95 -56.01
N SER B 143 -10.95 20.82 -55.33
CA SER B 143 -11.37 20.63 -53.97
C SER B 143 -10.85 21.74 -53.04
N HIS B 144 -11.59 22.07 -51.98
CA HIS B 144 -11.04 22.91 -50.90
C HIS B 144 -11.63 22.59 -49.52
N THR B 145 -11.27 23.42 -48.55
CA THR B 145 -11.57 23.19 -47.14
C THR B 145 -12.51 24.23 -46.46
N ASN B 146 -12.90 25.25 -47.21
CA ASN B 146 -13.73 26.32 -46.70
C ASN B 146 -15.07 25.80 -46.22
N GLY B 147 -15.39 26.07 -44.96
CA GLY B 147 -16.67 25.64 -44.35
C GLY B 147 -16.63 24.30 -43.67
N LEU B 148 -15.47 23.64 -43.75
CA LEU B 148 -15.22 22.38 -43.06
C LEU B 148 -14.89 22.68 -41.60
N SER B 149 -15.48 21.92 -40.68
CA SER B 149 -15.22 22.12 -39.27
C SER B 149 -15.54 20.87 -38.42
N ALA B 150 -14.79 20.74 -37.32
CA ALA B 150 -15.00 19.72 -36.30
C ALA B 150 -15.34 20.37 -34.94
N GLY B 151 -16.09 19.63 -34.11
CA GLY B 151 -16.33 20.01 -32.71
C GLY B 151 -16.71 18.82 -31.84
N ARG B 152 -16.93 19.09 -30.55
CA ARG B 152 -17.46 18.06 -29.61
C ARG B 152 -18.95 17.81 -29.83
N LEU B 153 -19.62 18.78 -30.46
CA LEU B 153 -21.05 18.71 -30.83
C LEU B 153 -21.19 19.30 -32.21
N ARG B 154 -22.19 18.85 -32.99
CA ARG B 154 -22.39 19.39 -34.36
C ARG B 154 -22.60 20.90 -34.36
N GLU B 155 -23.25 21.42 -33.30
CA GLU B 155 -23.51 22.86 -33.15
C GLU B 155 -22.21 23.70 -33.14
N GLU B 156 -21.16 23.17 -32.51
CA GLU B 156 -19.84 23.83 -32.48
C GLU B 156 -19.28 23.93 -33.89
N ALA B 157 -19.45 22.86 -34.65
CA ALA B 157 -18.92 22.76 -36.00
C ALA B 157 -19.74 23.57 -36.98
N VAL B 158 -21.06 23.56 -36.84
CA VAL B 158 -21.90 24.44 -37.67
C VAL B 158 -21.51 25.93 -37.47
N ILE B 159 -21.38 26.36 -36.21
CA ILE B 159 -21.01 27.75 -35.91
C ILE B 159 -19.68 28.12 -36.55
N GLN B 160 -18.64 27.34 -36.25
CA GLN B 160 -17.28 27.59 -36.75
C GLN B 160 -17.21 27.50 -38.28
N GLY B 161 -17.84 26.48 -38.84
CA GLY B 161 -17.92 26.29 -40.31
C GLY B 161 -18.63 27.43 -41.03
N LEU B 162 -19.77 27.85 -40.48
CA LEU B 162 -20.53 28.99 -41.02
C LEU B 162 -19.73 30.29 -40.89
N LEU B 163 -19.12 30.54 -39.73
CA LEU B 163 -18.32 31.75 -39.55
C LEU B 163 -17.15 31.83 -40.55
N GLU B 164 -16.52 30.69 -40.83
CA GLU B 164 -15.43 30.59 -41.80
C GLU B 164 -15.93 30.94 -43.20
N VAL B 165 -17.13 30.47 -43.54
CA VAL B 165 -17.74 30.84 -44.84
C VAL B 165 -17.90 32.36 -44.95
N VAL B 166 -18.49 32.97 -43.92
CA VAL B 166 -18.68 34.43 -43.84
C VAL B 166 -17.32 35.16 -43.94
N GLU B 167 -16.35 34.67 -43.20
CA GLU B 167 -15.00 35.19 -43.23
C GLU B 167 -14.45 35.27 -44.66
N ARG B 168 -14.50 34.16 -45.38
CA ARG B 168 -13.98 34.12 -46.75
C ARG B 168 -14.80 34.93 -47.74
N ASP B 169 -16.12 35.01 -47.50
CA ASP B 169 -16.99 35.92 -48.24
C ASP B 169 -16.49 37.38 -48.16
N SER B 170 -16.24 37.86 -46.94
CA SER B 170 -15.80 39.25 -46.76
C SER B 170 -14.45 39.49 -47.41
N TRP B 171 -13.52 38.57 -47.22
CA TRP B 171 -12.20 38.70 -47.83
C TRP B 171 -12.30 38.71 -49.37
N SER B 172 -13.13 37.84 -49.92
CA SER B 172 -13.39 37.80 -51.38
C SER B 172 -13.92 39.15 -51.88
N ILE B 173 -14.90 39.71 -51.17
CA ILE B 173 -15.46 41.02 -51.50
C ILE B 173 -14.38 42.09 -51.51
N VAL B 174 -13.53 42.12 -50.48
CA VAL B 174 -12.42 43.09 -50.43
C VAL B 174 -11.45 42.90 -51.61
N GLU B 175 -11.10 41.66 -51.95
CA GLU B 175 -10.16 41.41 -53.06
C GLU B 175 -10.77 41.65 -54.45
N TYR B 176 -12.02 41.24 -54.63
CA TYR B 176 -12.72 41.39 -55.92
C TYR B 176 -12.85 42.85 -56.37
N PHE B 177 -13.27 43.74 -55.46
CA PHE B 177 -13.40 45.18 -55.76
C PHE B 177 -12.23 46.01 -55.26
N ARG B 178 -11.18 45.34 -54.79
CA ARG B 178 -10.02 46.02 -54.18
C ARG B 178 -10.44 47.18 -53.25
N ILE B 179 -11.34 46.89 -52.32
CA ILE B 179 -11.81 47.82 -51.28
C ILE B 179 -10.67 48.11 -50.31
N HIS B 180 -10.62 49.36 -49.81
CA HIS B 180 -9.69 49.78 -48.77
C HIS B 180 -10.43 49.79 -47.43
N PRO B 181 -10.40 48.65 -46.66
CA PRO B 181 -11.19 48.61 -45.42
C PRO B 181 -10.63 49.55 -44.35
N PRO B 182 -11.49 50.05 -43.43
CA PRO B 182 -11.03 50.91 -42.34
C PRO B 182 -10.06 50.21 -41.36
N GLU B 183 -9.19 50.98 -40.73
CA GLU B 183 -8.38 50.49 -39.63
C GLU B 183 -9.31 50.18 -38.45
N LEU B 184 -9.03 49.10 -37.73
CA LEU B 184 -9.76 48.82 -36.52
C LEU B 184 -8.85 49.07 -35.33
N GLU B 185 -9.34 49.91 -34.42
CA GLU B 185 -8.57 50.28 -33.24
C GLU B 185 -9.03 49.45 -32.05
N VAL B 186 -8.08 48.83 -31.36
CA VAL B 186 -8.38 47.96 -30.21
C VAL B 186 -7.59 48.45 -28.99
N HIS B 187 -7.83 47.85 -27.83
CA HIS B 187 -7.01 48.16 -26.64
C HIS B 187 -6.91 46.97 -25.70
N GLY B 188 -6.34 47.21 -24.52
CA GLY B 188 -6.19 46.19 -23.49
C GLY B 188 -5.34 45.03 -23.95
N GLU B 189 -5.78 43.82 -23.63
CA GLU B 189 -5.09 42.60 -23.99
C GLU B 189 -4.91 42.42 -25.51
N LEU B 190 -5.93 42.79 -26.29
CA LEU B 190 -5.84 42.64 -27.74
C LEU B 190 -4.82 43.55 -28.39
N GLU B 191 -4.75 44.83 -27.95
CA GLU B 191 -3.70 45.74 -28.42
C GLU B 191 -2.32 45.30 -27.98
N GLU B 192 -2.22 44.77 -26.77
CA GLU B 192 -0.97 44.18 -26.29
C GLU B 192 -0.53 42.99 -27.18
N LEU B 193 -1.48 42.13 -27.55
CA LEU B 193 -1.20 41.02 -28.44
C LEU B 193 -0.68 41.46 -29.79
N ARG B 194 -1.30 42.48 -30.41
CA ARG B 194 -0.78 42.93 -31.71
C ARG B 194 0.59 43.61 -31.63
N ARG B 195 0.84 44.40 -30.58
CA ARG B 195 2.18 44.98 -30.33
C ARG B 195 3.24 43.90 -30.13
N SER B 196 2.90 42.89 -29.35
CA SER B 196 3.76 41.75 -29.09
C SER B 196 4.10 40.96 -30.38
N LEU B 197 3.10 40.72 -31.23
CA LEU B 197 3.34 40.10 -32.53
C LEU B 197 4.09 41.02 -33.47
N GLU B 198 3.87 42.33 -33.32
CA GLU B 198 4.59 43.31 -34.11
C GLU B 198 6.10 43.30 -33.84
N ARG B 199 6.49 43.01 -32.59
CA ARG B 199 7.92 42.78 -32.30
C ARG B 199 8.60 41.68 -33.15
N GLU B 200 7.79 40.81 -33.77
CA GLU B 200 8.29 39.67 -34.57
C GLU B 200 8.52 39.99 -36.05
N VAL B 201 7.83 41.03 -36.54
CA VAL B 201 7.88 41.49 -37.93
C VAL B 201 8.04 43.03 -37.91
N GLY B 202 7.81 43.70 -39.03
CA GLY B 202 7.83 45.17 -39.07
C GLY B 202 6.58 45.82 -38.50
N ARG B 203 5.42 45.44 -39.05
CA ARG B 203 4.13 46.05 -38.68
C ARG B 203 3.06 44.97 -38.57
N VAL B 204 2.17 45.11 -37.59
CA VAL B 204 0.92 44.35 -37.55
C VAL B 204 -0.26 45.32 -37.49
N GLU B 205 -1.08 45.32 -38.54
CA GLU B 205 -2.23 46.24 -38.63
C GLU B 205 -3.55 45.54 -38.71
N LEU B 206 -4.57 46.13 -38.08
CA LEU B 206 -5.90 45.55 -38.03
C LEU B 206 -6.90 46.28 -38.93
N ARG B 207 -7.84 45.52 -39.47
CA ARG B 207 -8.85 46.05 -40.38
C ARG B 207 -10.21 45.47 -40.04
N LEU B 208 -11.24 46.29 -40.13
CA LEU B 208 -12.62 45.79 -40.15
C LEU B 208 -13.12 45.68 -41.58
N LEU B 209 -13.35 44.45 -42.01
CA LEU B 209 -13.80 44.16 -43.36
C LEU B 209 -15.30 44.39 -43.45
N PRO B 210 -15.82 44.72 -44.67
CA PRO B 210 -17.28 44.78 -44.80
C PRO B 210 -17.86 43.37 -44.67
N SER B 211 -18.94 43.25 -43.91
CA SER B 211 -19.57 41.95 -43.68
C SER B 211 -20.96 41.99 -44.25
N ARG B 212 -21.29 40.99 -45.05
CA ARG B 212 -22.61 40.91 -45.69
C ARG B 212 -23.65 40.21 -44.83
N VAL B 213 -23.23 39.74 -43.66
CA VAL B 213 -24.15 39.06 -42.74
C VAL B 213 -24.28 39.93 -41.51
N GLU B 214 -25.52 40.34 -41.20
CA GLU B 214 -25.75 41.24 -40.09
C GLU B 214 -25.52 40.55 -38.75
N GLY B 215 -24.82 41.26 -37.86
CA GLY B 215 -24.50 40.74 -36.55
C GLY B 215 -23.21 39.91 -36.50
N VAL B 216 -22.55 39.73 -37.65
CA VAL B 216 -21.26 39.04 -37.71
C VAL B 216 -20.18 40.01 -38.16
N TYR B 217 -19.07 40.03 -37.43
CA TYR B 217 -17.93 40.89 -37.76
C TYR B 217 -16.78 40.08 -38.34
N VAL B 218 -16.13 40.66 -39.35
CA VAL B 218 -14.94 40.06 -39.95
C VAL B 218 -13.77 41.04 -39.77
N VAL B 219 -12.64 40.51 -39.29
CA VAL B 219 -11.46 41.29 -39.02
C VAL B 219 -10.27 40.70 -39.76
N GLY B 220 -9.47 41.57 -40.37
CA GLY B 220 -8.25 41.16 -41.06
C GLY B 220 -7.05 41.71 -40.33
N ALA B 221 -5.96 40.96 -40.35
CA ALA B 221 -4.69 41.41 -39.81
C ALA B 221 -3.64 41.25 -40.89
N VAL B 222 -2.86 42.31 -41.13
CA VAL B 222 -1.88 42.38 -42.20
C VAL B 222 -0.51 42.75 -41.64
N THR B 223 0.53 42.06 -42.12
CA THR B 223 1.88 42.35 -41.68
C THR B 223 2.74 43.04 -42.74
N GLU B 224 3.68 43.86 -42.26
CA GLU B 224 4.84 44.33 -43.01
C GLU B 224 6.08 43.72 -42.36
N ALA B 225 7.02 43.28 -43.17
CA ALA B 225 8.22 42.61 -42.72
C ALA B 225 9.35 42.89 -43.71
N GLU B 226 10.60 42.79 -43.25
CA GLU B 226 11.72 42.97 -44.19
C GLU B 226 11.91 41.76 -45.12
N ARG B 227 11.39 40.60 -44.69
CA ARG B 227 11.35 39.39 -45.51
C ARG B 227 9.92 39.15 -46.02
N VAL B 228 9.77 38.98 -47.33
CA VAL B 228 8.47 38.85 -47.98
C VAL B 228 7.61 37.65 -47.50
N GLU B 229 8.27 36.56 -47.09
CA GLU B 229 7.60 35.34 -46.59
C GLU B 229 6.86 35.60 -45.28
N GLU B 230 7.33 36.60 -44.52
CA GLU B 230 6.74 36.99 -43.25
C GLU B 230 5.69 38.09 -43.39
N MSE B 231 5.34 38.42 -44.63
CA MSE B 231 4.27 39.39 -44.88
C MSE B 231 3.08 38.54 -45.12
O MSE B 231 2.82 38.09 -46.25
CB MSE B 231 4.60 40.35 -46.02
CG MSE B 231 5.66 41.35 -45.57
SE MSE B 231 5.83 42.65 -47.01
CE MSE B 231 6.35 44.33 -46.15
N VAL B 232 2.35 38.27 -44.04
CA VAL B 232 1.26 37.31 -44.05
C VAL B 232 -0.03 38.03 -43.65
N MSE B 233 -1.15 37.37 -43.90
CA MSE B 233 -2.46 37.88 -43.47
C MSE B 233 -3.24 36.86 -42.66
O MSE B 233 -3.10 35.65 -42.87
CB MSE B 233 -3.27 38.27 -44.70
CG MSE B 233 -2.62 39.44 -45.44
SE MSE B 233 -3.90 40.22 -46.73
CE MSE B 233 -3.94 38.61 -47.85
N GLY B 234 -4.05 37.33 -41.72
CA GLY B 234 -4.91 36.45 -40.95
C GLY B 234 -6.27 37.08 -40.81
N PHE B 235 -7.28 36.23 -40.58
CA PHE B 235 -8.68 36.63 -40.52
C PHE B 235 -9.42 35.88 -39.43
N GLY B 236 -10.48 36.51 -38.92
CA GLY B 236 -11.42 35.93 -37.97
C GLY B 236 -12.81 36.52 -38.16
N ALA B 237 -13.83 35.69 -37.92
CA ALA B 237 -15.22 36.14 -37.97
C ALA B 237 -15.97 35.64 -36.74
N SER B 238 -16.86 36.48 -36.23
CA SER B 238 -17.59 36.19 -35.01
C SER B 238 -18.64 37.24 -34.78
N PRO B 239 -19.78 36.86 -34.17
CA PRO B 239 -20.69 37.88 -33.64
C PRO B 239 -20.01 38.76 -32.57
N ASP B 240 -19.00 38.21 -31.89
CA ASP B 240 -18.26 38.93 -30.86
C ASP B 240 -17.02 39.53 -31.54
N PRO B 241 -16.95 40.87 -31.64
CA PRO B 241 -15.84 41.44 -32.42
C PRO B 241 -14.45 41.21 -31.78
N GLU B 242 -14.39 40.98 -30.48
CA GLU B 242 -13.09 40.72 -29.81
C GLU B 242 -12.52 39.35 -30.22
N MSE B 243 -13.41 38.37 -30.42
CA MSE B 243 -13.06 37.05 -30.93
C MSE B 243 -12.52 37.13 -32.34
O MSE B 243 -11.51 36.50 -32.65
CB MSE B 243 -14.28 36.10 -30.85
CG MSE B 243 -13.88 34.70 -31.27
SE MSE B 243 -15.41 33.47 -31.41
CE MSE B 243 -15.29 32.93 -33.30
N ALA B 244 -13.19 37.90 -33.20
CA ALA B 244 -12.75 38.08 -34.58
C ALA B 244 -11.35 38.69 -34.63
N VAL B 245 -11.07 39.66 -33.74
CA VAL B 245 -9.74 40.25 -33.67
C VAL B 245 -8.73 39.20 -33.24
N LEU B 246 -9.07 38.45 -32.20
CA LEU B 246 -8.17 37.43 -31.67
C LEU B 246 -7.75 36.39 -32.73
N ARG B 247 -8.72 35.88 -33.46
CA ARG B 247 -8.48 34.84 -34.46
C ARG B 247 -7.64 35.35 -35.61
N ALA B 248 -7.93 36.57 -36.06
CA ALA B 248 -7.10 37.28 -37.03
C ALA B 248 -5.61 37.31 -36.60
N LEU B 249 -5.39 37.65 -35.33
CA LEU B 249 -4.04 37.69 -34.75
C LEU B 249 -3.42 36.32 -34.60
N LEU B 250 -4.23 35.35 -34.20
CA LEU B 250 -3.75 33.98 -34.07
C LEU B 250 -3.34 33.37 -35.42
N GLU B 251 -4.05 33.74 -36.48
CA GLU B 251 -3.73 33.31 -37.83
C GLU B 251 -2.43 33.89 -38.39
N VAL B 252 -2.16 35.17 -38.09
CA VAL B 252 -0.83 35.78 -38.34
C VAL B 252 0.30 34.94 -37.70
N ALA B 253 0.14 34.66 -36.41
CA ALA B 253 1.13 33.84 -35.68
C ALA B 253 1.32 32.47 -36.33
N GLN B 254 0.21 31.81 -36.63
CA GLN B 254 0.24 30.53 -37.35
C GLN B 254 0.98 30.66 -38.67
N GLY B 255 0.60 31.67 -39.46
CA GLY B 255 1.21 31.94 -40.77
C GLY B 255 2.71 32.16 -40.71
N LEU B 256 3.16 32.87 -39.69
CA LEU B 256 4.58 33.12 -39.45
C LEU B 256 5.35 31.83 -39.06
N SER B 257 4.72 30.99 -38.24
CA SER B 257 5.31 29.70 -37.87
C SER B 257 5.53 28.82 -39.10
N MSE B 258 4.52 28.75 -39.95
CA MSE B 258 4.59 27.99 -41.19
C MSE B 258 5.56 28.57 -42.20
O MSE B 258 6.30 27.82 -42.84
CB MSE B 258 3.19 27.82 -41.75
CG MSE B 258 2.55 26.60 -41.09
SE MSE B 258 0.71 26.42 -41.78
CE MSE B 258 0.06 28.26 -42.05
N ALA B 259 5.63 29.91 -42.31
CA ALA B 259 6.61 30.55 -43.20
C ALA B 259 8.04 30.24 -42.77
N ARG B 260 8.31 30.33 -41.46
CA ARG B 260 9.65 30.04 -40.91
C ARG B 260 10.12 28.59 -41.08
N ARG B 261 9.17 27.67 -41.32
CA ARG B 261 9.45 26.28 -41.61
C ARG B 261 9.38 25.99 -43.10
N GLY B 262 9.03 27.01 -43.90
CA GLY B 262 8.83 26.88 -45.35
C GLY B 262 7.74 25.90 -45.77
N ILE B 263 6.67 25.80 -44.97
CA ILE B 263 5.49 25.01 -45.32
C ILE B 263 4.58 25.92 -46.13
N GLU B 264 4.33 25.55 -47.39
CA GLU B 264 3.53 26.36 -48.30
C GLU B 264 2.04 26.19 -48.00
N SER B 265 1.37 27.30 -47.71
CA SER B 265 -0.07 27.31 -47.45
C SER B 265 -0.87 27.21 -48.76
N PRO B 266 -2.11 26.68 -48.71
CA PRO B 266 -3.03 26.77 -49.86
C PRO B 266 -3.35 28.23 -50.27
N VAL B 267 -2.54 28.75 -51.20
CA VAL B 267 -2.71 30.10 -51.75
C VAL B 267 -2.66 30.10 -53.29
N ARG B 268 -3.76 30.55 -53.91
CA ARG B 268 -3.93 30.53 -55.37
C ARG B 268 -3.97 31.94 -55.98
N LYS B 269 -2.77 32.49 -56.24
CA LYS B 269 -2.60 33.85 -56.80
C LYS B 269 -2.59 33.82 -58.33
N LYS B 279 10.21 35.70 -57.09
CA LYS B 279 10.10 36.21 -55.73
C LYS B 279 10.04 37.75 -55.64
N LEU B 280 8.91 38.23 -55.14
CA LEU B 280 8.59 39.65 -54.99
C LEU B 280 9.39 40.35 -53.87
N THR B 281 9.68 41.63 -54.07
CA THR B 281 10.25 42.45 -53.02
C THR B 281 9.14 42.86 -52.05
N PRO B 282 9.50 43.20 -50.79
CA PRO B 282 8.46 43.73 -49.88
C PRO B 282 7.73 44.97 -50.41
N GLU B 283 8.47 45.88 -51.05
CA GLU B 283 7.92 47.11 -51.64
C GLU B 283 6.93 46.81 -52.77
N ARG B 284 7.24 45.81 -53.59
CA ARG B 284 6.32 45.37 -54.64
C ARG B 284 5.06 44.76 -54.04
N LEU B 285 5.21 43.89 -53.03
CA LEU B 285 4.07 43.29 -52.35
C LEU B 285 3.15 44.34 -51.73
N LYS B 286 3.74 45.30 -51.00
CA LYS B 286 3.00 46.47 -50.46
C LYS B 286 2.21 47.19 -51.54
N ARG B 287 2.85 47.44 -52.68
CA ARG B 287 2.23 48.14 -53.81
C ARG B 287 1.05 47.36 -54.39
N LEU B 288 1.27 46.07 -54.65
CA LEU B 288 0.27 45.16 -55.19
C LEU B 288 -0.95 45.04 -54.27
N ASN B 289 -0.73 45.19 -52.96
CA ASN B 289 -1.76 45.06 -51.94
C ASN B 289 -1.97 46.36 -51.16
N ARG B 290 -1.88 47.49 -51.87
CA ARG B 290 -2.02 48.84 -51.28
C ARG B 290 -3.40 49.08 -50.63
N HIS B 291 -4.41 48.36 -51.11
CA HIS B 291 -5.74 48.38 -50.49
C HIS B 291 -5.71 47.95 -49.01
N TRP B 292 -4.82 47.02 -48.67
CA TRP B 292 -4.56 46.63 -47.28
C TRP B 292 -3.69 47.62 -46.49
N PHE B 293 -2.79 48.32 -47.18
CA PHE B 293 -1.83 49.21 -46.49
C PHE B 293 -2.20 50.69 -46.45
N GLU B 294 -3.20 51.05 -47.24
CA GLU B 294 -3.73 52.42 -47.26
C GLU B 294 -5.21 52.41 -46.83
N PRO B 295 -5.47 52.32 -45.50
CA PRO B 295 -6.87 52.16 -45.07
C PRO B 295 -7.74 53.40 -45.24
N GLU B 296 -9.01 53.17 -45.52
CA GLU B 296 -10.01 54.23 -45.68
C GLU B 296 -10.84 54.36 -44.41
N GLY B 297 -10.49 55.33 -43.58
CA GLY B 297 -11.20 55.58 -42.33
C GLY B 297 -10.67 54.74 -41.19
N THR B 298 -11.36 54.88 -40.05
CA THR B 298 -11.00 54.21 -38.80
C THR B 298 -12.28 53.78 -38.06
N VAL B 299 -12.20 52.67 -37.33
CA VAL B 299 -13.32 52.18 -36.50
C VAL B 299 -12.79 51.82 -35.12
N GLU B 300 -13.52 52.22 -34.09
CA GLU B 300 -13.18 51.86 -32.70
C GLU B 300 -13.99 50.65 -32.29
N ILE B 301 -13.30 49.64 -31.76
CA ILE B 301 -13.92 48.34 -31.44
C ILE B 301 -15.13 48.49 -30.52
N ASP B 302 -15.02 49.39 -29.54
CA ASP B 302 -16.09 49.67 -28.58
C ASP B 302 -17.40 50.20 -29.20
N ASP B 303 -17.32 50.82 -30.38
CA ASP B 303 -18.52 51.32 -31.06
C ASP B 303 -19.37 50.24 -31.72
N LEU B 304 -18.84 49.02 -31.81
CA LEU B 304 -19.53 47.95 -32.54
C LEU B 304 -20.59 47.32 -31.67
N ASP B 305 -21.82 47.33 -32.17
CA ASP B 305 -22.99 46.71 -31.52
C ASP B 305 -22.80 45.24 -31.32
N ARG B 306 -23.01 44.78 -30.10
CA ARG B 306 -23.07 43.36 -29.83
C ARG B 306 -24.49 42.87 -30.07
N VAL B 307 -24.79 42.59 -31.35
CA VAL B 307 -26.14 42.22 -31.81
C VAL B 307 -26.54 40.84 -31.30
N ILE B 308 -25.69 39.85 -31.56
CA ILE B 308 -25.94 38.46 -31.13
C ILE B 308 -25.10 38.20 -29.88
N THR B 309 -25.78 37.84 -28.79
CA THR B 309 -25.14 37.62 -27.49
C THR B 309 -25.09 36.14 -27.14
N THR B 310 -23.94 35.73 -26.63
CA THR B 310 -23.58 34.32 -26.41
C THR B 310 -24.16 33.74 -25.12
N GLY B 311 -25.08 32.79 -25.26
CA GLY B 311 -25.68 32.08 -24.13
C GLY B 311 -25.66 30.59 -24.33
N SER B 312 -26.65 30.09 -25.06
CA SER B 312 -26.72 28.67 -25.37
C SER B 312 -26.20 28.40 -26.78
N LEU B 313 -25.57 27.24 -26.93
CA LEU B 313 -25.04 26.80 -28.20
C LEU B 313 -26.11 26.61 -29.29
N GLU B 314 -27.28 26.09 -28.91
CA GLU B 314 -28.37 25.83 -29.88
C GLU B 314 -28.92 27.12 -30.47
N LYS B 315 -29.08 28.12 -29.60
CA LYS B 315 -29.66 29.42 -29.95
C LYS B 315 -28.67 30.22 -30.83
N LEU B 316 -27.39 30.16 -30.49
CA LEU B 316 -26.34 30.80 -31.28
C LEU B 316 -26.25 30.23 -32.69
N THR B 317 -26.44 28.92 -32.81
CA THR B 317 -26.48 28.24 -34.13
C THR B 317 -27.70 28.74 -34.92
N GLU B 318 -28.85 28.78 -34.26
CA GLU B 318 -30.11 29.22 -34.87
C GLU B 318 -30.00 30.66 -35.39
N GLU B 319 -29.52 31.55 -34.53
CA GLU B 319 -29.41 32.96 -34.86
C GLU B 319 -28.45 33.20 -36.02
N LEU B 320 -27.30 32.52 -36.00
CA LEU B 320 -26.32 32.67 -37.08
C LEU B 320 -26.86 32.18 -38.43
N VAL B 321 -27.47 31.00 -38.43
CA VAL B 321 -28.09 30.44 -39.63
C VAL B 321 -29.15 31.42 -40.17
N GLU B 322 -30.01 31.88 -39.26
CA GLU B 322 -31.04 32.88 -39.60
C GLU B 322 -30.50 34.14 -40.28
N ARG B 323 -29.41 34.70 -39.74
CA ARG B 323 -28.79 35.90 -40.34
C ARG B 323 -28.17 35.67 -41.71
N VAL B 324 -27.53 34.51 -41.90
CA VAL B 324 -26.96 34.13 -43.21
C VAL B 324 -28.07 33.88 -44.22
N ALA B 325 -29.15 33.23 -43.79
CA ALA B 325 -30.30 32.96 -44.68
C ALA B 325 -31.01 34.25 -45.16
N GLU B 326 -30.96 35.30 -44.33
CA GLU B 326 -31.54 36.62 -44.64
C GLU B 326 -30.65 37.52 -45.50
N ALA B 327 -29.40 37.08 -45.69
CA ALA B 327 -28.35 37.96 -46.25
C ALA B 327 -28.32 38.07 -47.78
N GLY B 328 -29.17 37.32 -48.46
CA GLY B 328 -29.17 37.33 -49.94
C GLY B 328 -27.96 36.59 -50.49
N LEU B 329 -27.54 35.55 -49.77
CA LEU B 329 -26.39 34.74 -50.15
C LEU B 329 -26.77 33.28 -50.45
N GLY B 330 -28.02 33.05 -50.87
CA GLY B 330 -28.50 31.70 -51.20
C GLY B 330 -28.78 30.84 -49.97
N LYS B 331 -28.68 29.52 -50.14
CA LYS B 331 -29.07 28.55 -49.10
C LYS B 331 -27.91 28.18 -48.17
N VAL B 332 -28.25 27.87 -46.90
CA VAL B 332 -27.31 27.41 -45.90
C VAL B 332 -27.53 25.91 -45.79
N ILE B 333 -26.50 25.14 -46.15
CA ILE B 333 -26.54 23.67 -46.22
C ILE B 333 -25.47 23.02 -45.31
N GLU B 334 -25.91 22.11 -44.45
CA GLU B 334 -25.03 21.28 -43.63
C GLU B 334 -24.90 19.86 -44.22
N VAL B 335 -23.68 19.42 -44.49
CA VAL B 335 -23.40 18.00 -44.80
C VAL B 335 -22.68 17.36 -43.62
N ASP B 336 -23.27 16.29 -43.07
CA ASP B 336 -22.65 15.55 -41.98
C ASP B 336 -21.49 14.70 -42.50
N LEU B 337 -20.31 14.91 -41.89
CA LEU B 337 -19.11 14.16 -42.27
C LEU B 337 -18.50 13.35 -41.13
N THR B 338 -19.25 13.17 -40.03
CA THR B 338 -18.84 12.35 -38.90
C THR B 338 -18.39 10.97 -39.37
N LEU B 339 -17.23 10.54 -38.90
CA LEU B 339 -16.75 9.19 -39.19
C LEU B 339 -17.37 8.24 -38.18
N GLU B 340 -17.93 7.15 -38.71
CA GLU B 340 -18.59 6.09 -37.93
C GLU B 340 -17.74 5.60 -36.75
N ASN B 341 -16.46 5.31 -37.02
CA ASN B 341 -15.55 4.77 -36.01
C ASN B 341 -15.06 5.80 -34.99
N LEU B 342 -14.72 7.00 -35.43
CA LEU B 342 -14.22 8.07 -34.55
C LEU B 342 -15.26 8.72 -33.63
N ASP B 343 -16.50 8.87 -34.14
CA ASP B 343 -17.61 9.52 -33.41
C ASP B 343 -17.27 10.96 -32.91
N VAL B 344 -16.68 11.74 -33.81
CA VAL B 344 -16.39 13.16 -33.57
C VAL B 344 -17.18 13.92 -34.65
N PRO B 345 -18.13 14.77 -34.22
CA PRO B 345 -18.93 15.55 -35.19
C PRO B 345 -18.07 16.45 -36.11
N VAL B 346 -18.19 16.21 -37.41
CA VAL B 346 -17.54 17.00 -38.45
C VAL B 346 -18.63 17.34 -39.48
N VAL B 347 -18.59 18.59 -39.96
CA VAL B 347 -19.53 19.06 -40.98
C VAL B 347 -18.79 19.74 -42.12
N ARG B 348 -19.45 19.77 -43.27
CA ARG B 348 -19.18 20.77 -44.29
C ARG B 348 -20.37 21.74 -44.27
N VAL B 349 -20.09 23.03 -44.09
CA VAL B 349 -21.15 24.03 -44.23
C VAL B 349 -20.99 24.65 -45.61
N ARG B 350 -22.08 24.72 -46.38
CA ARG B 350 -22.09 25.47 -47.63
C ARG B 350 -23.14 26.55 -47.62
N VAL B 351 -22.75 27.72 -48.11
CA VAL B 351 -23.64 28.84 -48.34
C VAL B 351 -23.54 29.11 -49.85
N THR B 352 -24.63 28.84 -50.58
CA THR B 352 -24.57 28.64 -52.05
C THR B 352 -24.22 29.89 -52.86
N GLY B 353 -24.64 31.05 -52.35
CA GLY B 353 -24.29 32.33 -52.96
C GLY B 353 -23.13 33.09 -52.30
N ALA B 354 -22.50 32.51 -51.28
CA ALA B 354 -21.31 33.12 -50.69
C ALA B 354 -20.13 33.06 -51.67
N SER B 355 -19.31 34.10 -51.65
CA SER B 355 -18.19 34.19 -52.55
C SER B 355 -16.97 33.46 -52.00
N GLU B 356 -16.35 32.64 -52.85
CA GLU B 356 -15.09 31.98 -52.53
C GLU B 356 -14.01 32.39 -53.53
N TYR B 357 -14.11 33.64 -54.00
CA TYR B 357 -13.20 34.24 -54.96
C TYR B 357 -11.72 34.13 -54.58
N VAL B 358 -11.39 34.33 -53.29
CA VAL B 358 -10.00 34.21 -52.82
C VAL B 358 -9.42 32.80 -52.91
N ILE B 359 -10.26 31.78 -53.00
CA ILE B 359 -9.81 30.39 -53.16
C ILE B 359 -9.64 30.05 -54.64
N ASP B 360 -10.63 30.41 -55.43
CA ASP B 360 -10.63 30.27 -56.88
C ASP B 360 -11.46 31.40 -57.49
N GLU B 361 -10.91 32.03 -58.53
CA GLU B 361 -11.58 33.12 -59.27
C GLU B 361 -12.89 32.74 -59.93
N ALA B 362 -13.07 31.45 -60.25
CA ALA B 362 -14.34 30.97 -60.81
C ALA B 362 -15.47 31.01 -59.77
N ARG B 363 -15.13 30.75 -58.50
CA ARG B 363 -16.10 30.74 -57.40
C ARG B 363 -16.55 32.16 -56.98
N VAL B 364 -17.22 32.86 -57.92
CA VAL B 364 -17.59 34.27 -57.76
C VAL B 364 -18.71 34.45 -56.72
N GLY B 365 -19.75 33.63 -56.80
CA GLY B 365 -20.94 33.73 -55.94
C GLY B 365 -21.85 34.88 -56.32
N ASN B 366 -22.76 35.23 -55.41
CA ASN B 366 -23.68 36.36 -55.61
C ASN B 366 -22.93 37.68 -55.41
N MSE B 367 -22.44 38.24 -56.51
CA MSE B 367 -21.64 39.45 -56.45
C MSE B 367 -22.42 40.58 -57.07
O MSE B 367 -23.00 40.39 -58.14
CB MSE B 367 -20.33 39.14 -57.21
CG MSE B 367 -19.17 40.03 -56.80
SE MSE B 367 -18.58 39.66 -54.95
CE MSE B 367 -17.00 38.54 -55.33
N PRO B 368 -22.45 41.76 -56.40
CA PRO B 368 -23.04 42.95 -57.05
C PRO B 368 -22.04 43.62 -57.99
N GLU B 369 -22.38 44.78 -58.56
CA GLU B 369 -21.44 45.55 -59.40
C GLU B 369 -20.96 46.85 -58.75
N LYS B 370 -21.64 47.23 -57.67
CA LYS B 370 -21.18 48.30 -56.77
C LYS B 370 -20.72 47.66 -55.44
N PRO B 371 -19.54 48.08 -54.92
CA PRO B 371 -19.09 47.60 -53.60
C PRO B 371 -19.94 48.15 -52.44
N PRO B 372 -20.11 47.36 -51.35
CA PRO B 372 -20.96 47.79 -50.21
C PRO B 372 -20.47 49.06 -49.48
N GLY B 373 -21.11 50.20 -49.79
CA GLY B 373 -20.72 51.52 -49.25
C GLY B 373 -21.26 51.74 -47.83
N MSE C 1 -10.33 57.03 45.32
CA MSE C 1 -11.35 56.04 45.81
C MSE C 1 -12.73 56.19 45.14
O MSE C 1 -13.67 56.72 45.75
CB MSE C 1 -11.46 56.15 47.34
CG MSE C 1 -11.97 54.88 48.03
SE MSE C 1 -10.67 53.98 48.88
CE MSE C 1 -10.49 54.95 50.38
N THR C 2 -12.83 55.71 43.89
CA THR C 2 -14.05 55.81 43.07
C THR C 2 -14.90 54.53 43.12
N ASP C 3 -16.13 54.66 43.61
CA ASP C 3 -17.08 53.53 43.71
C ASP C 3 -17.43 52.94 42.37
N ILE C 4 -17.50 51.62 42.32
CA ILE C 4 -18.09 50.94 41.18
C ILE C 4 -19.59 50.90 41.45
N VAL C 5 -20.34 51.69 40.68
CA VAL C 5 -21.80 51.77 40.87
C VAL C 5 -22.59 50.85 39.95
N TYR C 6 -21.90 50.22 38.99
CA TYR C 6 -22.51 49.36 37.96
C TYR C 6 -21.55 48.23 37.58
N ASP C 7 -22.03 46.99 37.63
CA ASP C 7 -21.19 45.83 37.35
C ASP C 7 -21.93 44.76 36.54
N VAL C 8 -22.70 45.19 35.54
CA VAL C 8 -23.51 44.23 34.78
C VAL C 8 -22.70 43.72 33.57
N GLU C 9 -22.51 44.58 32.57
CA GLU C 9 -21.74 44.24 31.36
C GLU C 9 -20.26 44.55 31.55
N GLY C 10 -19.98 45.41 32.52
CA GLY C 10 -18.66 45.96 32.76
C GLY C 10 -18.64 46.76 34.06
N PHE C 11 -17.44 47.04 34.55
CA PHE C 11 -17.25 47.74 35.82
C PHE C 11 -17.22 49.24 35.58
N ARG C 12 -18.23 49.97 36.10
CA ARG C 12 -18.39 51.41 35.77
C ARG C 12 -18.58 52.36 36.96
N ALA C 13 -18.05 53.56 36.81
CA ALA C 13 -18.18 54.63 37.79
C ALA C 13 -19.53 55.37 37.71
N PHE C 14 -20.24 55.18 36.60
CA PHE C 14 -21.50 55.87 36.31
C PHE C 14 -22.53 54.88 35.79
N LEU C 15 -23.80 55.18 36.00
CA LEU C 15 -24.87 54.34 35.49
C LEU C 15 -24.98 54.58 33.98
N PRO C 16 -25.36 53.54 33.18
CA PRO C 16 -25.51 53.70 31.74
C PRO C 16 -26.40 54.88 31.32
N LYS C 17 -27.52 55.10 32.04
CA LYS C 17 -28.43 56.24 31.75
C LYS C 17 -27.74 57.61 31.89
N GLU C 18 -26.82 57.72 32.86
CA GLU C 18 -26.03 58.94 33.07
C GLU C 18 -25.04 59.12 31.92
N THR C 19 -24.35 58.03 31.56
CA THR C 19 -23.38 58.00 30.44
C THR C 19 -24.03 58.33 29.09
N LEU C 20 -25.25 57.81 28.84
CA LEU C 20 -25.98 58.12 27.61
C LEU C 20 -26.36 59.60 27.50
N ARG C 21 -26.76 60.21 28.63
CA ARG C 21 -26.99 61.67 28.72
C ARG C 21 -25.72 62.43 28.38
N TRP C 22 -24.60 61.92 28.90
CA TRP C 22 -23.28 62.52 28.72
C TRP C 22 -22.79 62.41 27.29
N ILE C 23 -23.03 61.25 26.66
CA ILE C 23 -22.66 61.00 25.26
C ILE C 23 -23.41 61.97 24.32
N ARG C 24 -24.72 62.10 24.55
CA ARG C 24 -25.58 62.98 23.76
C ARG C 24 -25.24 64.47 23.93
N HIS C 25 -25.07 64.90 25.19
CA HIS C 25 -24.71 66.28 25.52
C HIS C 25 -23.36 66.71 24.93
N ARG C 26 -22.43 65.76 24.78
CA ARG C 26 -21.11 66.05 24.21
C ARG C 26 -21.06 65.85 22.69
N GLU C 27 -22.17 65.38 22.12
CA GLU C 27 -22.31 65.09 20.67
C GLU C 27 -21.22 64.15 20.11
N LEU C 28 -20.91 63.09 20.85
CA LEU C 28 -19.74 62.25 20.58
C LEU C 28 -19.82 61.47 19.27
N GLU C 29 -20.99 60.87 19.01
CA GLU C 29 -21.19 60.06 17.79
C GLU C 29 -21.03 60.91 16.51
N ARG C 30 -21.58 62.12 16.54
CA ARG C 30 -21.43 63.09 15.45
C ARG C 30 -19.95 63.45 15.23
N LYS C 31 -19.28 63.89 16.30
CA LYS C 31 -17.87 64.30 16.24
C LYS C 31 -16.92 63.20 15.75
N VAL C 32 -17.35 61.95 15.94
CA VAL C 32 -16.55 60.76 15.65
C VAL C 32 -16.89 60.14 14.28
N GLY C 33 -17.87 60.71 13.59
CA GLY C 33 -18.15 60.37 12.19
C GLY C 33 -19.21 59.32 11.96
N VAL C 34 -20.13 59.18 12.91
CA VAL C 34 -21.33 58.32 12.76
C VAL C 34 -22.31 58.99 11.80
N VAL C 35 -22.74 58.25 10.79
CA VAL C 35 -23.66 58.77 9.76
C VAL C 35 -25.00 58.04 9.64
N GLU C 36 -25.08 56.85 10.23
CA GLU C 36 -26.31 56.07 10.27
C GLU C 36 -26.36 55.19 11.53
N LYS C 37 -27.56 55.08 12.10
CA LYS C 37 -27.82 54.25 13.27
C LYS C 37 -28.87 53.21 12.92
N PHE C 38 -28.76 52.04 13.54
CA PHE C 38 -29.73 50.97 13.40
C PHE C 38 -29.96 50.34 14.77
N SER C 39 -31.17 49.84 15.00
CA SER C 39 -31.51 49.12 16.21
C SER C 39 -32.02 47.74 15.88
N ASP C 40 -31.40 46.74 16.48
CA ASP C 40 -31.82 45.36 16.32
C ASP C 40 -32.19 44.80 17.67
N ARG C 41 -32.88 43.67 17.63
CA ARG C 41 -33.22 42.93 18.83
C ARG C 41 -33.09 41.46 18.46
N VAL C 42 -32.23 40.76 19.20
CA VAL C 42 -31.96 39.34 18.97
C VAL C 42 -32.37 38.59 20.23
N GLY C 43 -33.45 37.82 20.12
CA GLY C 43 -34.12 37.26 21.31
C GLY C 43 -34.47 38.42 22.24
N PRO C 44 -34.03 38.35 23.52
CA PRO C 44 -34.33 39.49 24.40
C PRO C 44 -33.29 40.62 24.34
N ILE C 45 -32.27 40.49 23.50
CA ILE C 45 -31.11 41.38 23.58
C ILE C 45 -31.13 42.51 22.56
N PRO C 46 -31.03 43.75 23.05
CA PRO C 46 -30.85 44.94 22.22
C PRO C 46 -29.44 45.02 21.62
N VAL C 47 -29.37 44.94 20.29
CA VAL C 47 -28.11 45.15 19.57
C VAL C 47 -28.24 46.47 18.80
N GLU C 48 -27.17 47.26 18.81
CA GLU C 48 -27.11 48.55 18.13
C GLU C 48 -26.01 48.55 17.07
N ILE C 49 -26.30 49.17 15.93
CA ILE C 49 -25.33 49.20 14.82
C ILE C 49 -25.10 50.60 14.30
N ARG C 50 -23.83 50.93 14.11
CA ARG C 50 -23.41 52.24 13.66
C ARG C 50 -22.63 52.16 12.35
N ARG C 51 -22.89 53.12 11.46
CA ARG C 51 -22.07 53.29 10.26
C ARG C 51 -21.22 54.53 10.47
N ARG C 52 -19.90 54.36 10.33
CA ARG C 52 -18.95 55.41 10.66
C ARG C 52 -17.99 55.69 9.50
N ARG C 53 -17.88 56.96 9.15
CA ARG C 53 -17.01 57.39 8.06
C ARG C 53 -15.91 58.28 8.60
N SER C 54 -14.69 57.99 8.15
CA SER C 54 -13.51 58.81 8.43
C SER C 54 -12.56 58.75 7.23
N GLN C 55 -11.46 59.50 7.34
CA GLN C 55 -10.40 59.51 6.34
C GLN C 55 -9.78 58.13 6.04
N TYR C 56 -10.07 57.14 6.89
CA TYR C 56 -9.60 55.76 6.71
C TYR C 56 -10.63 54.84 6.08
N GLY C 57 -11.80 55.39 5.74
CA GLY C 57 -12.86 54.63 5.08
C GLY C 57 -14.17 54.55 5.83
N GLU C 58 -14.94 53.49 5.55
CA GLU C 58 -16.27 53.27 6.10
C GLU C 58 -16.32 52.00 6.95
N PHE C 59 -16.69 52.15 8.22
CA PHE C 59 -16.75 51.03 9.15
C PHE C 59 -18.14 50.76 9.71
N TYR C 60 -18.37 49.53 10.13
CA TYR C 60 -19.54 49.13 10.90
C TYR C 60 -19.14 48.75 12.32
N HIS C 61 -19.56 49.59 13.28
CA HIS C 61 -19.33 49.31 14.69
C HIS C 61 -20.64 48.91 15.37
N ALA C 62 -20.59 47.85 16.15
CA ALA C 62 -21.74 47.35 16.88
C ALA C 62 -21.64 47.66 18.37
N GLY C 63 -22.80 47.62 19.03
CA GLY C 63 -22.91 47.70 20.49
C GLY C 63 -24.04 46.81 20.94
N LYS C 64 -24.09 46.52 22.24
CA LYS C 64 -25.09 45.61 22.82
C LYS C 64 -25.14 45.76 24.34
N GLY C 65 -26.17 45.16 24.95
CA GLY C 65 -26.36 45.19 26.40
C GLY C 65 -27.59 44.41 26.81
N THR C 66 -27.85 44.33 28.11
CA THR C 66 -29.13 43.83 28.65
C THR C 66 -30.27 44.84 28.38
N THR C 67 -29.92 46.12 28.42
CA THR C 67 -30.88 47.21 28.21
C THR C 67 -30.53 47.99 26.94
N ARG C 68 -31.55 48.63 26.37
CA ARG C 68 -31.41 49.45 25.16
C ARG C 68 -30.48 50.63 25.42
N ILE C 69 -30.54 51.19 26.63
CA ILE C 69 -29.69 52.29 27.04
C ILE C 69 -28.23 51.86 26.95
N GLN C 70 -27.90 50.75 27.61
CA GLN C 70 -26.53 50.22 27.64
C GLN C 70 -26.05 49.91 26.23
N ALA C 71 -26.90 49.20 25.47
CA ALA C 71 -26.65 48.91 24.06
C ALA C 71 -26.22 50.14 23.25
N ARG C 72 -26.89 51.27 23.55
CA ARG C 72 -26.64 52.53 22.89
C ARG C 72 -25.37 53.22 23.38
N VAL C 73 -25.01 53.06 24.66
CA VAL C 73 -23.70 53.59 25.11
C VAL C 73 -22.56 52.74 24.56
N SER C 74 -22.76 51.42 24.56
CA SER C 74 -21.83 50.44 24.01
C SER C 74 -21.38 50.78 22.57
N ALA C 75 -22.36 50.96 21.66
CA ALA C 75 -22.11 51.33 20.26
C ALA C 75 -21.45 52.71 20.11
N ALA C 76 -21.92 53.67 20.92
CA ALA C 76 -21.35 55.00 20.94
C ALA C 76 -19.87 54.99 21.32
N MSE C 77 -19.55 54.27 22.41
CA MSE C 77 -18.18 54.27 22.97
C MSE C 77 -17.26 53.38 22.17
O MSE C 77 -16.05 53.60 22.17
CB MSE C 77 -18.19 53.93 24.47
CG MSE C 77 -18.97 54.98 25.27
SE MSE C 77 -17.93 56.63 25.38
CE MSE C 77 -16.79 56.02 26.89
N GLU C 78 -17.83 52.38 21.47
CA GLU C 78 -17.10 51.59 20.48
C GLU C 78 -16.63 52.51 19.32
N CYS C 79 -17.48 53.44 18.90
CA CYS C 79 -17.14 54.39 17.84
C CYS C 79 -15.98 55.31 18.25
N VAL C 80 -16.07 55.87 19.44
CA VAL C 80 -15.01 56.74 20.00
C VAL C 80 -13.67 55.99 20.09
N GLU C 81 -13.74 54.78 20.66
CA GLU C 81 -12.62 53.84 20.74
C GLU C 81 -11.88 53.72 19.41
N ARG C 82 -12.60 53.37 18.35
CA ARG C 82 -11.98 53.14 17.05
C ARG C 82 -11.45 54.41 16.37
N ALA C 83 -12.05 55.56 16.70
CA ALA C 83 -11.60 56.86 16.20
C ALA C 83 -10.26 57.24 16.82
N ALA C 84 -10.18 57.09 18.13
CA ALA C 84 -8.97 57.37 18.90
C ALA C 84 -7.75 56.54 18.46
N ALA C 85 -8.00 55.33 17.96
CA ALA C 85 -6.97 54.37 17.53
C ALA C 85 -6.47 54.56 16.10
N GLU C 86 -7.09 55.49 15.37
CA GLU C 86 -6.63 55.84 14.02
C GLU C 86 -5.25 56.49 14.10
N PRO C 87 -4.34 56.13 13.15
CA PRO C 87 -2.96 56.65 13.20
C PRO C 87 -2.93 58.17 13.32
N ARG C 88 -2.18 58.65 14.31
CA ARG C 88 -1.98 60.07 14.58
C ARG C 88 -0.48 60.35 14.66
N GLU C 89 0.02 61.18 13.74
CA GLU C 89 1.43 61.54 13.66
C GLU C 89 1.92 62.33 14.90
N GLU C 90 1.00 63.02 15.58
CA GLU C 90 1.27 63.85 16.75
C GLU C 90 1.91 63.10 17.94
N ILE C 91 1.66 61.79 18.03
CA ILE C 91 2.17 60.95 19.12
C ILE C 91 3.10 59.83 18.61
N ILE C 92 3.60 59.97 17.38
CA ILE C 92 4.60 59.04 16.83
C ILE C 92 6.01 59.58 17.03
N GLU C 93 6.94 58.67 17.32
CA GLU C 93 8.37 58.96 17.47
C GLU C 93 9.19 57.92 16.73
N ARG C 94 10.35 58.33 16.21
CA ARG C 94 11.15 57.47 15.31
C ARG C 94 12.54 57.08 15.82
N GLY C 95 13.19 57.99 16.54
CA GLY C 95 14.49 57.72 17.16
C GLY C 95 14.35 57.77 18.67
N PRO C 96 13.75 56.72 19.26
CA PRO C 96 13.27 56.83 20.65
C PRO C 96 14.34 56.61 21.73
N GLU C 97 14.36 57.51 22.71
CA GLU C 97 15.23 57.40 23.87
C GLU C 97 14.45 56.72 25.00
N GLY C 98 14.84 55.48 25.31
CA GLY C 98 14.21 54.66 26.34
C GLY C 98 14.08 53.20 25.96
N ASP C 99 13.41 52.41 26.81
CA ASP C 99 13.15 50.99 26.54
C ASP C 99 12.12 50.80 25.43
N LYS C 100 12.30 49.74 24.66
CA LYS C 100 11.45 49.39 23.52
C LYS C 100 10.95 47.97 23.72
N TRP C 101 9.71 47.72 23.32
CA TRP C 101 9.27 46.35 23.16
C TRP C 101 9.22 45.99 21.67
N THR C 102 10.03 44.99 21.28
CA THR C 102 10.11 44.55 19.91
C THR C 102 9.58 43.11 19.83
N PRO C 103 8.36 42.95 19.29
CA PRO C 103 7.73 41.62 19.18
C PRO C 103 8.62 40.57 18.51
N ALA C 104 8.48 39.32 18.97
CA ALA C 104 9.28 38.19 18.51
C ALA C 104 9.12 37.87 17.01
N TRP C 105 7.99 38.27 16.41
CA TRP C 105 7.72 38.01 14.99
C TRP C 105 8.39 39.00 14.03
N TYR C 106 8.89 40.12 14.58
CA TYR C 106 9.61 41.10 13.78
C TYR C 106 10.97 40.59 13.33
N ARG C 107 11.09 40.37 12.02
CA ARG C 107 12.37 40.03 11.39
C ARG C 107 13.26 41.26 11.26
N THR C 108 12.65 42.43 11.39
CA THR C 108 13.31 43.73 11.25
C THR C 108 13.23 44.55 12.56
N GLU C 109 13.78 45.76 12.53
CA GLU C 109 13.60 46.76 13.58
C GLU C 109 12.44 47.69 13.18
N PRO C 110 11.40 47.82 14.04
CA PRO C 110 10.28 48.74 13.74
C PRO C 110 10.69 50.20 13.65
N ARG C 111 9.97 50.95 12.81
CA ARG C 111 10.30 52.32 12.44
C ARG C 111 9.55 53.33 13.31
N GLU C 112 8.25 53.10 13.47
CA GLU C 112 7.34 54.01 14.18
C GLU C 112 7.01 53.50 15.58
N TRP C 113 7.21 54.37 16.59
CA TRP C 113 7.03 54.04 18.00
C TRP C 113 6.05 54.98 18.72
N VAL C 114 5.26 54.42 19.62
CA VAL C 114 4.41 55.20 20.53
C VAL C 114 4.84 54.94 21.98
N GLU C 115 4.94 56.00 22.79
CA GLU C 115 5.35 55.88 24.19
C GLU C 115 4.18 55.45 25.07
N GLY C 116 4.39 54.36 25.80
CA GLY C 116 3.47 53.87 26.83
C GLY C 116 4.10 53.85 28.21
N VAL C 117 3.38 53.24 29.14
CA VAL C 117 3.82 53.08 30.53
C VAL C 117 3.74 51.59 30.85
N ASP C 118 4.80 51.09 31.46
CA ASP C 118 4.81 49.76 32.07
C ASP C 118 4.00 49.87 33.36
N LEU C 119 2.90 49.12 33.43
CA LEU C 119 2.01 49.22 34.57
C LEU C 119 2.58 48.64 35.89
N THR C 120 3.53 47.71 35.77
CA THR C 120 4.22 47.14 36.92
C THR C 120 5.26 48.13 37.49
N THR C 121 6.21 48.56 36.65
CA THR C 121 7.33 49.40 37.11
C THR C 121 7.04 50.90 37.11
N ARG C 122 5.98 51.32 36.42
CA ARG C 122 5.63 52.74 36.22
C ARG C 122 6.72 53.50 35.44
N GLU C 123 7.48 52.75 34.64
CA GLU C 123 8.55 53.28 33.79
C GLU C 123 8.05 53.40 32.35
N PRO C 124 8.47 54.47 31.62
CA PRO C 124 8.17 54.63 30.18
C PRO C 124 8.63 53.43 29.35
N VAL C 125 7.85 53.06 28.36
CA VAL C 125 8.25 51.99 27.43
C VAL C 125 7.57 52.22 26.08
N TYR C 126 8.35 52.10 25.01
CA TYR C 126 7.87 52.30 23.65
C TYR C 126 7.30 51.02 23.06
N VAL C 127 6.20 51.20 22.34
CA VAL C 127 5.48 50.14 21.66
C VAL C 127 5.49 50.52 20.16
N PRO C 128 5.62 49.51 19.26
CA PRO C 128 5.47 49.80 17.83
C PRO C 128 4.07 50.31 17.50
N ALA C 129 4.00 51.31 16.61
CA ALA C 129 2.74 51.86 16.13
C ALA C 129 1.80 50.83 15.48
N ASN C 130 2.35 49.78 14.86
CA ASN C 130 1.56 48.65 14.34
C ASN C 130 0.84 47.87 15.46
N GLU C 131 1.41 47.92 16.67
CA GLU C 131 0.79 47.33 17.83
C GLU C 131 -0.14 48.29 18.61
N VAL C 132 -0.08 49.59 18.30
CA VAL C 132 -0.95 50.61 18.92
C VAL C 132 -2.23 50.96 18.11
N PHE C 133 -2.04 51.35 16.84
CA PHE C 133 -3.11 51.96 16.02
C PHE C 133 -3.88 50.95 15.19
N HIS C 134 -5.05 51.37 14.70
CA HIS C 134 -5.86 50.62 13.72
C HIS C 134 -6.67 51.60 12.83
N PRO C 135 -6.61 51.46 11.49
CA PRO C 135 -5.73 50.49 10.81
C PRO C 135 -4.32 51.03 10.58
N TRP C 136 -3.34 50.13 10.61
CA TRP C 136 -1.94 50.44 10.30
C TRP C 136 -1.45 49.50 9.20
N LEU C 137 -1.13 50.07 8.02
CA LEU C 137 -0.92 49.30 6.78
C LEU C 137 0.52 48.90 6.46
N GLY C 138 1.49 49.60 7.06
CA GLY C 138 2.91 49.36 6.82
C GLY C 138 3.48 47.97 7.15
N ASP C 139 3.53 47.64 8.45
CA ASP C 139 4.47 46.64 9.02
C ASP C 139 4.26 45.14 8.73
N ALA C 140 4.93 44.32 9.55
CA ALA C 140 5.07 42.86 9.37
C ALA C 140 3.77 42.05 9.45
N LEU C 141 2.81 42.54 10.23
CA LEU C 141 1.51 41.86 10.42
C LEU C 141 0.33 42.85 10.34
N PRO C 142 -0.89 42.35 9.98
CA PRO C 142 -2.06 43.23 10.00
C PRO C 142 -2.39 43.81 11.40
N SER C 143 -2.87 45.04 11.38
CA SER C 143 -3.39 45.72 12.54
C SER C 143 -4.64 45.00 13.09
N HIS C 144 -4.86 45.12 14.40
CA HIS C 144 -6.08 44.59 15.03
C HIS C 144 -6.57 45.49 16.16
N THR C 145 -7.60 45.03 16.85
CA THR C 145 -8.27 45.84 17.85
C THR C 145 -8.24 45.32 19.31
N ASN C 146 -7.59 44.19 19.54
CA ASN C 146 -7.48 43.56 20.86
C ASN C 146 -6.72 44.43 21.86
N GLY C 147 -7.38 44.70 23.00
CA GLY C 147 -6.81 45.53 24.05
C GLY C 147 -7.14 47.01 23.94
N LEU C 148 -7.88 47.35 22.90
CA LEU C 148 -8.33 48.70 22.70
C LEU C 148 -9.64 48.89 23.46
N SER C 149 -9.73 49.96 24.25
CA SER C 149 -10.90 50.23 25.08
C SER C 149 -11.10 51.70 25.45
N ALA C 150 -12.36 52.09 25.51
CA ALA C 150 -12.80 53.43 25.87
C ALA C 150 -13.62 53.38 27.16
N GLY C 151 -13.52 54.43 27.95
CA GLY C 151 -14.32 54.53 29.18
C GLY C 151 -14.47 55.96 29.63
N ARG C 152 -15.22 56.18 30.70
CA ARG C 152 -15.39 57.53 31.22
C ARG C 152 -14.25 57.94 32.15
N LEU C 153 -13.52 56.95 32.65
CA LEU C 153 -12.26 57.15 33.37
C LEU C 153 -11.24 56.16 32.80
N ARG C 154 -9.96 56.54 32.79
CA ARG C 154 -8.94 55.63 32.24
C ARG C 154 -8.96 54.27 32.93
N GLU C 155 -9.21 54.26 34.25
CA GLU C 155 -9.35 52.99 34.99
C GLU C 155 -10.37 52.04 34.34
N GLU C 156 -11.53 52.58 33.93
CA GLU C 156 -12.58 51.78 33.26
C GLU C 156 -12.02 51.16 31.98
N ALA C 157 -11.25 51.97 31.24
CA ALA C 157 -10.68 51.51 29.98
C ALA C 157 -9.56 50.46 30.19
N VAL C 158 -8.64 50.73 31.12
CA VAL C 158 -7.60 49.76 31.49
C VAL C 158 -8.22 48.42 31.87
N ILE C 159 -9.24 48.44 32.75
CA ILE C 159 -9.89 47.21 33.21
C ILE C 159 -10.45 46.43 32.02
N GLN C 160 -11.24 47.12 31.20
CA GLN C 160 -11.92 46.48 30.09
C GLN C 160 -10.93 45.98 29.00
N GLY C 161 -9.94 46.80 28.66
CA GLY C 161 -8.88 46.43 27.72
C GLY C 161 -8.05 45.22 28.16
N LEU C 162 -7.68 45.21 29.45
CA LEU C 162 -6.89 44.15 30.04
C LEU C 162 -7.67 42.84 29.98
N LEU C 163 -8.94 42.90 30.35
CA LEU C 163 -9.80 41.72 30.36
C LEU C 163 -10.00 41.14 28.96
N GLU C 164 -10.14 42.01 27.98
CA GLU C 164 -10.18 41.63 26.56
C GLU C 164 -8.92 40.82 26.17
N VAL C 165 -7.74 41.33 26.55
CA VAL C 165 -6.47 40.64 26.31
C VAL C 165 -6.43 39.24 26.92
N VAL C 166 -6.90 39.12 28.17
CA VAL C 166 -6.93 37.81 28.84
C VAL C 166 -7.85 36.88 28.07
N GLU C 167 -9.00 37.41 27.69
CA GLU C 167 -10.04 36.73 26.92
C GLU C 167 -9.48 36.07 25.65
N ARG C 168 -8.71 36.82 24.85
CA ARG C 168 -8.16 36.31 23.60
C ARG C 168 -6.99 35.35 23.84
N ASP C 169 -6.21 35.60 24.89
CA ASP C 169 -5.18 34.68 25.38
C ASP C 169 -5.78 33.29 25.63
N SER C 170 -6.87 33.24 26.38
CA SER C 170 -7.54 31.98 26.70
C SER C 170 -8.12 31.28 25.45
N TRP C 171 -8.74 32.09 24.58
CA TRP C 171 -9.24 31.60 23.31
C TRP C 171 -8.10 31.01 22.46
N SER C 172 -6.99 31.75 22.36
CA SER C 172 -5.78 31.31 21.63
C SER C 172 -5.24 29.97 22.13
N ILE C 173 -5.17 29.84 23.45
CA ILE C 173 -4.70 28.63 24.14
C ILE C 173 -5.52 27.40 23.73
N VAL C 174 -6.84 27.58 23.66
CA VAL C 174 -7.77 26.51 23.31
C VAL C 174 -7.56 26.08 21.83
N GLU C 175 -7.36 27.06 20.95
CA GLU C 175 -7.24 26.77 19.53
C GLU C 175 -5.89 26.15 19.18
N TYR C 176 -4.82 26.71 19.73
CA TYR C 176 -3.46 26.21 19.56
C TYR C 176 -3.30 24.73 19.95
N PHE C 177 -3.81 24.35 21.12
CA PHE C 177 -3.66 22.98 21.61
C PHE C 177 -4.85 22.08 21.26
N ARG C 178 -5.90 22.67 20.68
CA ARG C 178 -7.19 21.97 20.46
C ARG C 178 -7.72 21.37 21.77
N ILE C 179 -7.68 22.17 22.83
CA ILE C 179 -8.23 21.79 24.13
C ILE C 179 -9.76 21.65 23.98
N HIS C 180 -10.31 20.59 24.57
CA HIS C 180 -11.75 20.40 24.70
C HIS C 180 -12.18 20.98 26.05
N PRO C 181 -12.57 22.30 26.09
CA PRO C 181 -12.91 22.94 27.38
C PRO C 181 -14.18 22.36 28.02
N PRO C 182 -14.31 22.48 29.36
CA PRO C 182 -15.49 21.91 30.04
C PRO C 182 -16.75 22.73 29.81
N GLU C 183 -17.91 22.08 29.84
CA GLU C 183 -19.22 22.74 29.86
C GLU C 183 -19.36 23.55 31.15
N LEU C 184 -19.73 24.82 31.00
CA LEU C 184 -20.13 25.62 32.15
C LEU C 184 -21.65 25.59 32.33
N GLU C 185 -22.06 25.09 33.50
CA GLU C 185 -23.47 24.98 33.87
C GLU C 185 -23.89 26.21 34.65
N VAL C 186 -24.93 26.89 34.16
CA VAL C 186 -25.47 28.12 34.80
C VAL C 186 -26.96 27.98 35.17
N HIS C 187 -27.46 28.97 35.91
CA HIS C 187 -28.82 28.95 36.48
C HIS C 187 -29.54 30.29 36.34
N GLY C 188 -30.83 30.28 36.71
CA GLY C 188 -31.63 31.50 36.84
C GLY C 188 -31.66 32.32 35.57
N GLU C 189 -31.35 33.62 35.71
CA GLU C 189 -31.43 34.59 34.60
C GLU C 189 -30.48 34.30 33.44
N LEU C 190 -29.28 33.82 33.78
CA LEU C 190 -28.24 33.54 32.78
C LEU C 190 -28.62 32.34 31.92
N GLU C 191 -29.14 31.31 32.57
CA GLU C 191 -29.66 30.11 31.90
C GLU C 191 -30.92 30.43 31.07
N GLU C 192 -31.73 31.39 31.55
CA GLU C 192 -32.90 31.86 30.80
C GLU C 192 -32.48 32.65 29.55
N LEU C 193 -31.44 33.46 29.68
CA LEU C 193 -30.90 34.24 28.56
C LEU C 193 -30.36 33.36 27.41
N ARG C 194 -29.68 32.26 27.76
CA ARG C 194 -29.16 31.34 26.75
C ARG C 194 -30.24 30.44 26.17
N ARG C 195 -31.27 30.14 26.96
CA ARG C 195 -32.48 29.47 26.45
C ARG C 195 -33.18 30.34 25.41
N SER C 196 -33.37 31.61 25.75
CA SER C 196 -33.94 32.62 24.85
C SER C 196 -33.13 32.84 23.57
N LEU C 197 -31.81 32.78 23.68
CA LEU C 197 -30.94 32.95 22.50
C LEU C 197 -30.92 31.69 21.65
N GLU C 198 -31.14 30.55 22.28
CA GLU C 198 -31.25 29.25 21.60
C GLU C 198 -32.41 29.21 20.61
N ARG C 199 -33.53 29.85 20.97
CA ARG C 199 -34.71 30.00 20.10
C ARG C 199 -34.40 30.64 18.75
N GLU C 200 -33.36 31.46 18.71
CA GLU C 200 -32.93 32.13 17.49
C GLU C 200 -32.12 31.25 16.54
N VAL C 201 -31.60 30.14 17.07
CA VAL C 201 -30.70 29.23 16.35
C VAL C 201 -31.04 27.77 16.65
N GLY C 202 -30.07 26.86 16.52
CA GLY C 202 -30.24 25.47 16.92
C GLY C 202 -29.87 25.23 18.38
N ARG C 203 -28.60 25.50 18.71
CA ARG C 203 -28.05 25.32 20.07
C ARG C 203 -27.18 26.51 20.48
N VAL C 204 -27.21 26.84 21.76
CA VAL C 204 -26.25 27.78 22.37
C VAL C 204 -25.62 27.10 23.57
N GLU C 205 -24.29 26.94 23.51
CA GLU C 205 -23.57 26.20 24.55
C GLU C 205 -22.50 27.04 25.24
N LEU C 206 -22.30 26.77 26.53
CA LEU C 206 -21.34 27.50 27.35
C LEU C 206 -20.11 26.67 27.74
N ARG C 207 -18.95 27.32 27.71
CA ARG C 207 -17.69 26.68 28.12
C ARG C 207 -16.93 27.57 29.08
N LEU C 208 -16.28 26.97 30.08
CA LEU C 208 -15.29 27.68 30.88
C LEU C 208 -13.92 27.40 30.26
N LEU C 209 -13.29 28.45 29.75
CA LEU C 209 -11.96 28.33 29.13
C LEU C 209 -10.89 28.30 30.23
N PRO C 210 -9.76 27.60 29.98
CA PRO C 210 -8.60 27.73 30.87
C PRO C 210 -8.11 29.18 30.89
N SER C 211 -7.95 29.72 32.10
CA SER C 211 -7.42 31.06 32.27
C SER C 211 -6.01 30.98 32.86
N ARG C 212 -5.12 31.84 32.34
CA ARG C 212 -3.72 31.87 32.78
C ARG C 212 -3.45 32.98 33.79
N VAL C 213 -4.50 33.73 34.11
CA VAL C 213 -4.41 34.85 35.04
C VAL C 213 -5.27 34.46 36.23
N GLU C 214 -4.69 34.39 37.42
CA GLU C 214 -5.46 33.99 38.58
C GLU C 214 -6.50 35.03 38.96
N GLY C 215 -7.71 34.56 39.29
CA GLY C 215 -8.82 35.43 39.66
C GLY C 215 -9.60 36.07 38.52
N VAL C 216 -9.25 35.71 37.28
CA VAL C 216 -10.03 36.09 36.08
C VAL C 216 -10.60 34.83 35.43
N TYR C 217 -11.88 34.87 35.06
CA TYR C 217 -12.54 33.76 34.40
C TYR C 217 -12.86 34.12 32.95
N VAL C 218 -12.75 33.14 32.06
CA VAL C 218 -13.04 33.34 30.65
C VAL C 218 -14.08 32.31 30.21
N VAL C 219 -15.19 32.82 29.69
CA VAL C 219 -16.29 32.00 29.21
C VAL C 219 -16.41 32.13 27.70
N GLY C 220 -16.71 31.00 27.07
CA GLY C 220 -17.04 30.95 25.67
C GLY C 220 -18.45 30.47 25.43
N ALA C 221 -19.08 31.02 24.39
CA ALA C 221 -20.40 30.61 23.97
C ALA C 221 -20.33 30.20 22.50
N VAL C 222 -20.77 28.97 22.21
CA VAL C 222 -20.72 28.41 20.85
C VAL C 222 -22.12 28.11 20.32
N THR C 223 -22.31 28.35 19.02
CA THR C 223 -23.60 28.22 18.38
C THR C 223 -23.62 27.06 17.37
N GLU C 224 -24.74 26.34 17.37
CA GLU C 224 -25.13 25.44 16.29
C GLU C 224 -26.36 26.03 15.59
N ALA C 225 -26.40 25.95 14.26
CA ALA C 225 -27.48 26.52 13.44
C ALA C 225 -27.63 25.77 12.13
N GLU C 226 -28.80 25.89 11.49
CA GLU C 226 -29.02 25.30 10.16
C GLU C 226 -28.33 26.10 9.04
N ARG C 227 -28.12 27.39 9.30
CA ARG C 227 -27.33 28.26 8.42
C ARG C 227 -25.94 28.49 9.01
N VAL C 228 -24.93 28.44 8.15
CA VAL C 228 -23.52 28.40 8.58
C VAL C 228 -22.97 29.75 9.09
N GLU C 229 -23.46 30.85 8.53
CA GLU C 229 -23.03 32.21 8.90
C GLU C 229 -23.57 32.64 10.28
N GLU C 230 -24.59 31.92 10.75
CA GLU C 230 -25.15 32.12 12.10
C GLU C 230 -24.55 31.19 13.16
N MSE C 231 -23.56 30.38 12.76
CA MSE C 231 -22.80 29.55 13.70
C MSE C 231 -21.67 30.40 14.21
O MSE C 231 -20.54 30.35 13.71
CB MSE C 231 -22.33 28.27 13.02
CG MSE C 231 -23.36 27.22 13.37
SE MSE C 231 -22.93 25.55 12.44
CE MSE C 231 -21.62 24.78 13.69
N VAL C 232 -21.99 31.21 15.23
CA VAL C 232 -21.05 32.20 15.77
C VAL C 232 -20.52 31.78 17.14
N MSE C 233 -19.52 32.51 17.60
CA MSE C 233 -18.92 32.28 18.93
C MSE C 233 -18.81 33.60 19.63
O MSE C 233 -18.55 34.62 19.01
CB MSE C 233 -17.53 31.65 18.79
CG MSE C 233 -17.64 30.14 18.56
SE MSE C 233 -15.89 29.25 18.73
CE MSE C 233 -15.06 30.08 17.13
N GLY C 234 -19.04 33.57 20.93
CA GLY C 234 -18.86 34.75 21.77
C GLY C 234 -18.06 34.50 23.03
N PHE C 235 -17.35 35.52 23.49
CA PHE C 235 -16.47 35.40 24.67
C PHE C 235 -16.63 36.54 25.67
N GLY C 236 -16.33 36.24 26.92
CA GLY C 236 -16.31 37.25 27.96
C GLY C 236 -15.27 36.88 28.99
N ALA C 237 -14.70 37.90 29.62
CA ALA C 237 -13.74 37.68 30.69
C ALA C 237 -13.93 38.66 31.84
N SER C 238 -13.96 38.13 33.05
CA SER C 238 -14.14 38.93 34.27
C SER C 238 -13.64 38.19 35.53
N PRO C 239 -13.26 38.96 36.58
CA PRO C 239 -13.14 38.39 37.93
C PRO C 239 -14.48 37.91 38.49
N ASP C 240 -15.57 38.44 37.96
CA ASP C 240 -16.91 37.94 38.25
C ASP C 240 -17.37 36.96 37.14
N PRO C 241 -17.51 35.67 37.47
CA PRO C 241 -17.86 34.67 36.44
C PRO C 241 -19.25 34.88 35.80
N GLU C 242 -20.12 35.60 36.48
CA GLU C 242 -21.45 35.89 35.96
C GLU C 242 -21.40 36.92 34.86
N MSE C 243 -20.56 37.95 35.04
CA MSE C 243 -20.24 38.91 33.98
C MSE C 243 -19.65 38.22 32.77
O MSE C 243 -20.03 38.52 31.63
CB MSE C 243 -19.29 40.01 34.49
CG MSE C 243 -18.81 40.91 33.35
SE MSE C 243 -17.79 42.42 34.11
CE MSE C 243 -16.78 43.08 32.56
N ALA C 244 -18.73 37.26 32.99
CA ALA C 244 -18.08 36.57 31.87
C ALA C 244 -19.08 35.81 31.01
N VAL C 245 -20.02 35.14 31.67
CA VAL C 245 -21.11 34.42 30.99
C VAL C 245 -21.97 35.41 30.21
N LEU C 246 -22.43 36.47 30.87
CA LEU C 246 -23.29 37.47 30.25
C LEU C 246 -22.66 38.04 28.97
N ARG C 247 -21.38 38.40 29.05
CA ARG C 247 -20.66 39.00 27.94
C ARG C 247 -20.50 38.06 26.76
N ALA C 248 -20.28 36.77 27.04
CA ALA C 248 -20.22 35.74 26.01
C ALA C 248 -21.54 35.63 25.23
N LEU C 249 -22.64 35.61 25.99
CA LEU C 249 -23.97 35.55 25.40
C LEU C 249 -24.31 36.81 24.62
N LEU C 250 -23.93 37.97 25.16
CA LEU C 250 -24.11 39.24 24.45
C LEU C 250 -23.33 39.28 23.12
N GLU C 251 -22.10 38.76 23.12
CA GLU C 251 -21.31 38.63 21.88
C GLU C 251 -21.99 37.70 20.87
N VAL C 252 -22.58 36.61 21.33
CA VAL C 252 -23.40 35.73 20.46
C VAL C 252 -24.52 36.54 19.79
N ALA C 253 -25.26 37.32 20.58
CA ALA C 253 -26.39 38.14 20.09
C ALA C 253 -25.92 39.19 19.08
N GLN C 254 -24.83 39.89 19.41
CA GLN C 254 -24.24 40.87 18.51
C GLN C 254 -23.84 40.24 17.17
N GLY C 255 -23.20 39.06 17.25
CA GLY C 255 -22.73 38.31 16.09
C GLY C 255 -23.84 37.85 15.17
N LEU C 256 -24.94 37.37 15.76
CA LEU C 256 -26.16 36.95 15.03
C LEU C 256 -26.82 38.13 14.29
N SER C 257 -26.85 39.28 14.94
CA SER C 257 -27.35 40.52 14.33
C SER C 257 -26.52 40.90 13.11
N MSE C 258 -25.20 40.86 13.27
CA MSE C 258 -24.28 41.29 12.21
C MSE C 258 -24.24 40.33 11.05
O MSE C 258 -24.08 40.76 9.90
CB MSE C 258 -22.94 41.51 12.85
CG MSE C 258 -22.85 42.95 13.33
SE MSE C 258 -21.05 43.19 14.08
CE MSE C 258 -20.72 41.48 15.01
N ALA C 259 -24.41 39.04 11.34
CA ALA C 259 -24.51 38.00 10.30
C ALA C 259 -25.78 38.16 9.46
N ARG C 260 -26.88 38.51 10.14
CA ARG C 260 -28.17 38.73 9.49
C ARG C 260 -28.20 39.97 8.58
N ARG C 261 -27.31 40.93 8.85
CA ARG C 261 -27.15 42.12 8.00
C ARG C 261 -26.03 41.96 6.95
N GLY C 262 -25.39 40.79 6.93
CA GLY C 262 -24.31 40.50 6.00
C GLY C 262 -23.04 41.29 6.26
N ILE C 263 -22.72 41.48 7.54
CA ILE C 263 -21.45 42.09 7.96
C ILE C 263 -20.55 41.01 8.55
N GLU C 264 -19.23 41.22 8.49
CA GLU C 264 -18.24 40.27 9.05
C GLU C 264 -17.00 40.98 9.60
N SER C 265 -16.27 40.31 10.50
CA SER C 265 -15.03 40.86 11.08
C SER C 265 -13.95 39.79 11.30
N GLY C 278 -16.08 27.92 -2.00
CA GLY C 278 -17.54 27.69 -1.98
C GLY C 278 -18.11 27.63 -0.56
N LYS C 279 -19.27 26.96 -0.45
CA LYS C 279 -20.04 26.91 0.79
C LYS C 279 -19.49 25.89 1.81
N LEU C 280 -19.25 26.37 3.03
CA LEU C 280 -19.01 25.49 4.19
C LEU C 280 -20.35 25.05 4.76
N THR C 281 -20.48 23.74 4.99
CA THR C 281 -21.68 23.19 5.63
C THR C 281 -21.56 23.20 7.16
N PRO C 282 -22.70 23.39 7.89
CA PRO C 282 -22.78 23.15 9.34
C PRO C 282 -22.22 21.81 9.80
N GLU C 283 -22.24 20.80 8.91
CA GLU C 283 -21.63 19.51 9.14
C GLU C 283 -20.10 19.61 9.16
N ARG C 284 -19.54 20.37 8.21
CA ARG C 284 -18.10 20.53 8.06
C ARG C 284 -17.49 21.39 9.19
N LEU C 285 -18.13 22.51 9.50
CA LEU C 285 -17.67 23.45 10.54
C LEU C 285 -17.68 22.83 11.93
N LYS C 286 -18.70 22.00 12.21
CA LYS C 286 -18.82 21.25 13.47
C LYS C 286 -17.70 20.23 13.66
N ARG C 287 -17.31 19.57 12.57
CA ARG C 287 -16.22 18.59 12.58
C ARG C 287 -14.84 19.27 12.69
N LEU C 288 -14.69 20.44 12.05
CA LEU C 288 -13.48 21.27 12.19
C LEU C 288 -13.32 21.89 13.58
N ASN C 289 -14.41 22.01 14.32
CA ASN C 289 -14.40 22.55 15.69
C ASN C 289 -14.90 21.52 16.70
N ARG C 290 -14.56 20.26 16.44
CA ARG C 290 -14.84 19.13 17.34
C ARG C 290 -14.67 19.50 18.80
N HIS C 291 -13.53 20.14 19.11
CA HIS C 291 -13.12 20.49 20.48
C HIS C 291 -14.10 21.38 21.25
N TRP C 292 -14.81 22.27 20.55
CA TRP C 292 -15.87 23.11 21.13
C TRP C 292 -17.20 22.39 21.37
N PHE C 293 -17.50 21.38 20.56
CA PHE C 293 -18.80 20.68 20.60
C PHE C 293 -18.78 19.36 21.38
N GLU C 294 -17.57 18.92 21.72
CA GLU C 294 -17.36 17.70 22.50
C GLU C 294 -16.62 18.07 23.80
N PRO C 295 -17.35 18.62 24.79
CA PRO C 295 -16.67 19.10 26.00
C PRO C 295 -16.09 17.98 26.86
N GLU C 296 -14.99 18.28 27.54
CA GLU C 296 -14.41 17.38 28.53
C GLU C 296 -14.85 17.81 29.92
N GLY C 297 -15.85 17.12 30.44
CA GLY C 297 -16.33 17.34 31.80
C GLY C 297 -17.25 18.55 31.91
N THR C 298 -17.58 18.91 33.14
CA THR C 298 -18.50 20.00 33.42
C THR C 298 -18.07 20.79 34.66
N VAL C 299 -18.38 22.07 34.68
CA VAL C 299 -18.13 22.92 35.85
C VAL C 299 -19.45 23.63 36.18
N GLU C 300 -19.71 23.81 37.48
CA GLU C 300 -20.86 24.56 37.95
C GLU C 300 -20.42 25.95 38.41
N ILE C 301 -21.13 26.98 37.95
CA ILE C 301 -20.78 28.38 38.19
C ILE C 301 -20.67 28.75 39.68
N ASP C 302 -21.40 28.04 40.53
CA ASP C 302 -21.39 28.29 41.99
C ASP C 302 -20.13 27.81 42.68
N ASP C 303 -19.44 26.84 42.08
CA ASP C 303 -18.18 26.29 42.62
C ASP C 303 -16.97 27.22 42.43
N LEU C 304 -17.10 28.22 41.56
CA LEU C 304 -16.01 29.12 41.22
C LEU C 304 -15.85 30.20 42.28
N ASP C 305 -14.63 30.33 42.81
CA ASP C 305 -14.32 31.29 43.89
C ASP C 305 -14.30 32.71 43.36
N ARG C 306 -14.87 33.62 44.13
CA ARG C 306 -14.73 35.03 43.83
C ARG C 306 -13.46 35.56 44.50
N VAL C 307 -12.34 35.42 43.77
CA VAL C 307 -11.00 35.77 44.26
C VAL C 307 -10.78 37.29 44.29
N ILE C 308 -11.22 37.99 43.24
CA ILE C 308 -11.14 39.45 43.21
C ILE C 308 -12.55 40.03 43.41
N THR C 309 -12.72 40.78 44.50
CA THR C 309 -14.04 41.32 44.86
C THR C 309 -14.10 42.80 44.53
N THR C 310 -15.10 43.16 43.74
CA THR C 310 -15.31 44.51 43.20
C THR C 310 -15.69 45.54 44.29
N GLY C 311 -14.73 46.38 44.67
CA GLY C 311 -14.96 47.49 45.60
C GLY C 311 -14.77 48.83 44.90
N SER C 312 -13.55 49.35 44.97
CA SER C 312 -13.24 50.57 44.24
C SER C 312 -12.61 50.26 42.87
N LEU C 313 -12.66 51.26 41.99
CA LEU C 313 -12.23 51.13 40.62
C LEU C 313 -10.70 51.06 40.58
N GLU C 314 -10.05 51.96 41.34
CA GLU C 314 -8.59 52.00 41.50
C GLU C 314 -8.04 50.67 42.03
N LYS C 315 -8.70 50.11 43.05
CA LYS C 315 -8.34 48.83 43.65
C LYS C 315 -8.51 47.67 42.65
N LEU C 316 -9.59 47.69 41.87
CA LEU C 316 -9.81 46.67 40.85
C LEU C 316 -8.75 46.72 39.73
N THR C 317 -8.37 47.93 39.32
CA THR C 317 -7.32 48.12 38.31
C THR C 317 -6.01 47.53 38.81
N GLU C 318 -5.59 47.96 40.00
CA GLU C 318 -4.33 47.54 40.62
C GLU C 318 -4.23 46.01 40.72
N GLU C 319 -5.30 45.37 41.21
CA GLU C 319 -5.34 43.93 41.40
C GLU C 319 -5.25 43.13 40.09
N LEU C 320 -6.02 43.55 39.07
CA LEU C 320 -5.98 42.89 37.77
C LEU C 320 -4.61 43.02 37.10
N VAL C 321 -4.01 44.22 37.18
CA VAL C 321 -2.69 44.49 36.63
C VAL C 321 -1.69 43.55 37.29
N GLU C 322 -1.72 43.52 38.61
CA GLU C 322 -0.89 42.63 39.42
C GLU C 322 -1.01 41.15 39.05
N ARG C 323 -2.23 40.65 38.88
CA ARG C 323 -2.42 39.23 38.55
C ARG C 323 -1.93 38.88 37.14
N VAL C 324 -2.12 39.79 36.19
CA VAL C 324 -1.60 39.64 34.82
C VAL C 324 -0.05 39.66 34.83
N ALA C 325 0.52 40.67 35.49
CA ALA C 325 1.98 40.78 35.64
C ALA C 325 2.64 39.53 36.28
N GLU C 326 1.89 38.82 37.12
CA GLU C 326 2.37 37.59 37.77
C GLU C 326 2.21 36.35 36.91
N ALA C 327 1.45 36.46 35.81
CA ALA C 327 1.01 35.25 35.08
C ALA C 327 2.04 34.62 34.11
N GLY C 328 3.22 35.23 34.00
CA GLY C 328 4.24 34.75 33.07
C GLY C 328 3.90 35.06 31.63
N LEU C 329 3.21 36.19 31.45
CA LEU C 329 2.69 36.62 30.15
C LEU C 329 3.34 37.90 29.69
N GLY C 330 4.58 38.16 30.16
CA GLY C 330 5.34 39.34 29.74
C GLY C 330 4.90 40.57 30.49
N LYS C 331 5.22 41.74 29.93
CA LYS C 331 4.92 43.04 30.54
C LYS C 331 3.49 43.54 30.23
N VAL C 332 2.92 44.29 31.17
CA VAL C 332 1.60 44.93 31.00
C VAL C 332 1.84 46.41 30.73
N ILE C 333 1.45 46.85 29.52
CA ILE C 333 1.72 48.20 29.00
C ILE C 333 0.45 48.96 28.60
N GLU C 334 0.36 50.20 29.07
CA GLU C 334 -0.74 51.10 28.76
C GLU C 334 -0.27 52.20 27.82
N VAL C 335 -0.96 52.33 26.69
CA VAL C 335 -0.74 53.46 25.78
C VAL C 335 -2.01 54.31 25.77
N ASP C 336 -1.84 55.56 26.19
CA ASP C 336 -2.90 56.55 26.20
C ASP C 336 -3.24 56.98 24.76
N LEU C 337 -4.49 56.78 24.38
CA LEU C 337 -4.97 57.14 23.05
C LEU C 337 -6.12 58.17 23.06
N THR C 338 -6.33 58.81 24.22
CA THR C 338 -7.30 59.90 24.40
C THR C 338 -7.14 60.97 23.31
N LEU C 339 -8.24 61.30 22.64
CA LEU C 339 -8.21 62.37 21.63
C LEU C 339 -8.22 63.74 22.31
N GLU C 340 -7.36 64.63 21.79
CA GLU C 340 -7.19 66.02 22.28
C GLU C 340 -8.49 66.85 22.23
N ASN C 341 -9.15 66.83 21.07
CA ASN C 341 -10.42 67.56 20.85
C ASN C 341 -11.55 67.07 21.76
N LEU C 342 -11.65 65.75 21.91
CA LEU C 342 -12.57 65.13 22.88
C LEU C 342 -11.94 65.08 24.27
N ASP C 343 -12.69 64.52 25.23
CA ASP C 343 -12.20 64.36 26.59
C ASP C 343 -12.63 62.99 27.10
N VAL C 344 -12.48 61.99 26.23
CA VAL C 344 -12.92 60.64 26.51
C VAL C 344 -11.69 59.74 26.64
N PRO C 345 -11.43 59.20 27.84
CA PRO C 345 -10.29 58.30 28.02
C PRO C 345 -10.41 57.06 27.14
N VAL C 346 -9.40 56.86 26.27
CA VAL C 346 -9.23 55.64 25.48
C VAL C 346 -7.79 55.16 25.69
N VAL C 347 -7.62 53.84 25.76
CA VAL C 347 -6.29 53.25 25.93
C VAL C 347 -6.09 52.07 24.99
N ARG C 348 -4.82 51.81 24.68
CA ARG C 348 -4.41 50.50 24.19
C ARG C 348 -3.69 49.76 25.33
N VAL C 349 -4.10 48.51 25.57
CA VAL C 349 -3.41 47.65 26.53
C VAL C 349 -2.71 46.55 25.74
N ARG C 350 -1.39 46.46 25.91
CA ARG C 350 -0.63 45.31 25.38
C ARG C 350 -0.04 44.53 26.53
N VAL C 351 -0.27 43.23 26.51
CA VAL C 351 0.41 42.31 27.37
C VAL C 351 1.36 41.53 26.44
N THR C 352 2.66 41.85 26.53
CA THR C 352 3.71 41.47 25.56
C THR C 352 3.91 39.98 25.31
N GLY C 353 3.61 39.13 26.28
CA GLY C 353 3.61 37.69 26.08
C GLY C 353 2.24 37.01 25.96
N ALA C 354 1.15 37.78 26.03
CA ALA C 354 -0.20 37.25 25.84
C ALA C 354 -0.38 36.78 24.40
N SER C 355 -0.95 35.59 24.26
CA SER C 355 -1.16 34.99 22.95
C SER C 355 -2.31 35.67 22.20
N GLU C 356 -2.10 35.91 20.92
CA GLU C 356 -3.13 36.40 20.02
C GLU C 356 -3.25 35.50 18.80
N TYR C 357 -3.08 34.20 19.03
CA TYR C 357 -3.11 33.17 17.99
C TYR C 357 -4.40 33.17 17.14
N VAL C 358 -5.54 33.41 17.80
CA VAL C 358 -6.85 33.49 17.12
C VAL C 358 -6.96 34.68 16.15
N ILE C 359 -6.21 35.75 16.41
CA ILE C 359 -6.18 36.95 15.58
C ILE C 359 -5.23 36.72 14.39
N ASP C 360 -4.02 36.25 14.67
CA ASP C 360 -3.03 35.93 13.65
C ASP C 360 -2.15 34.78 14.16
N GLU C 361 -2.01 33.74 13.33
CA GLU C 361 -1.25 32.52 13.67
C GLU C 361 0.20 32.79 14.07
N ALA C 362 0.77 33.87 13.54
CA ALA C 362 2.12 34.33 13.90
C ALA C 362 2.23 34.85 15.34
N ARG C 363 1.15 35.44 15.84
CA ARG C 363 1.08 36.00 17.20
C ARG C 363 0.93 34.92 18.31
N VAL C 364 1.93 34.04 18.41
CA VAL C 364 1.95 32.90 19.35
C VAL C 364 1.99 33.32 20.84
N GLY C 365 2.83 34.30 21.15
CA GLY C 365 3.11 34.71 22.54
C GLY C 365 3.82 33.65 23.38
N ASN C 366 3.88 33.88 24.70
CA ASN C 366 4.41 32.91 25.65
C ASN C 366 3.51 31.69 25.66
N MSE C 367 3.91 30.68 24.91
CA MSE C 367 3.14 29.43 24.82
C MSE C 367 3.90 28.31 25.51
O MSE C 367 5.09 28.12 25.27
CB MSE C 367 2.89 29.17 23.34
CG MSE C 367 1.77 28.16 23.12
SE MSE C 367 0.00 28.90 23.59
CE MSE C 367 -0.45 29.72 21.87
N PRO C 368 3.22 27.56 26.41
CA PRO C 368 3.87 26.44 27.13
C PRO C 368 4.04 25.20 26.24
N GLU C 369 4.81 24.22 26.71
CA GLU C 369 4.96 22.94 25.99
C GLU C 369 3.73 22.02 26.15
N LYS C 370 3.15 22.02 27.33
CA LYS C 370 1.89 21.30 27.58
C LYS C 370 0.74 22.27 27.80
N PRO C 371 -0.49 21.89 27.39
CA PRO C 371 -1.67 22.63 27.83
C PRO C 371 -1.89 22.46 29.35
N PRO C 372 -2.16 23.57 30.08
CA PRO C 372 -2.39 23.56 31.53
C PRO C 372 -3.34 22.45 32.04
N GLY C 373 -3.07 21.90 33.23
CA GLY C 373 -3.88 20.84 33.84
C GLY C 373 -5.01 21.41 34.69
N MSE D 1 46.44 0.53 6.62
CA MSE D 1 46.77 -0.13 5.32
C MSE D 1 47.84 -1.26 5.41
O MSE D 1 49.03 -1.01 5.20
CB MSE D 1 47.12 0.93 4.27
CG MSE D 1 47.13 0.42 2.82
SE MSE D 1 47.35 1.66 1.51
CE MSE D 1 49.04 2.23 1.78
N THR D 2 47.38 -2.47 5.73
CA THR D 2 48.23 -3.68 5.85
C THR D 2 48.38 -4.42 4.51
N ASP D 3 49.60 -4.52 4.02
CA ASP D 3 49.91 -5.24 2.78
C ASP D 3 49.62 -6.73 2.84
N ILE D 4 49.09 -7.26 1.75
CA ILE D 4 48.97 -8.71 1.56
C ILE D 4 50.29 -9.14 0.97
N VAL D 5 51.13 -9.84 1.75
CA VAL D 5 52.46 -10.28 1.26
C VAL D 5 52.47 -11.71 0.71
N TYR D 6 51.35 -12.40 0.88
CA TYR D 6 51.18 -13.80 0.49
C TYR D 6 49.73 -14.07 0.11
N ASP D 7 49.55 -14.69 -1.06
CA ASP D 7 48.22 -15.03 -1.60
C ASP D 7 48.18 -16.38 -2.35
N VAL D 8 48.84 -17.41 -1.81
CA VAL D 8 48.79 -18.75 -2.43
C VAL D 8 47.52 -19.48 -1.95
N GLU D 9 47.53 -19.99 -0.71
CA GLU D 9 46.40 -20.73 -0.16
C GLU D 9 45.31 -19.79 0.41
N GLY D 10 45.66 -18.52 0.57
CA GLY D 10 44.83 -17.55 1.26
C GLY D 10 45.53 -16.21 1.28
N PHE D 11 44.80 -15.17 1.70
CA PHE D 11 45.33 -13.81 1.71
C PHE D 11 45.90 -13.50 3.08
N ARG D 12 47.21 -13.32 3.16
CA ARG D 12 47.89 -13.22 4.46
C ARG D 12 48.83 -12.03 4.54
N ALA D 13 48.87 -11.44 5.73
CA ALA D 13 49.74 -10.30 6.03
C ALA D 13 51.20 -10.69 6.37
N PHE D 14 51.46 -11.99 6.46
CA PHE D 14 52.78 -12.53 6.82
C PHE D 14 53.08 -13.74 5.96
N LEU D 15 54.35 -14.01 5.74
CA LEU D 15 54.79 -15.24 5.09
C LEU D 15 54.57 -16.42 6.05
N PRO D 16 54.18 -17.60 5.51
CA PRO D 16 53.98 -18.79 6.33
C PRO D 16 55.15 -19.15 7.25
N LYS D 17 56.40 -18.95 6.79
CA LYS D 17 57.59 -19.22 7.64
C LYS D 17 57.68 -18.29 8.86
N GLU D 18 57.27 -17.03 8.69
CA GLU D 18 57.18 -16.08 9.81
C GLU D 18 56.13 -16.54 10.82
N THR D 19 54.99 -16.99 10.29
CA THR D 19 53.86 -17.43 11.11
C THR D 19 54.17 -18.75 11.84
N LEU D 20 54.86 -19.67 11.17
CA LEU D 20 55.27 -20.92 11.81
C LEU D 20 56.18 -20.64 13.02
N ARG D 21 57.17 -19.74 12.83
CA ARG D 21 58.04 -19.26 13.92
C ARG D 21 57.21 -18.76 15.07
N TRP D 22 56.19 -17.97 14.73
CA TRP D 22 55.30 -17.32 15.68
C TRP D 22 54.39 -18.31 16.44
N ILE D 23 53.79 -19.25 15.70
CA ILE D 23 53.06 -20.41 16.27
C ILE D 23 53.93 -21.18 17.29
N ARG D 24 55.15 -21.52 16.88
CA ARG D 24 56.12 -22.23 17.73
C ARG D 24 56.56 -21.44 18.96
N HIS D 25 56.90 -20.17 18.76
CA HIS D 25 57.28 -19.27 19.86
C HIS D 25 56.19 -19.08 20.92
N ARG D 26 54.93 -19.02 20.50
CA ARG D 26 53.81 -18.87 21.45
C ARG D 26 53.29 -20.20 22.00
N GLU D 27 53.82 -21.31 21.47
CA GLU D 27 53.52 -22.68 21.92
C GLU D 27 52.01 -22.97 21.82
N LEU D 28 51.43 -22.53 20.70
CA LEU D 28 49.97 -22.52 20.52
C LEU D 28 49.34 -23.91 20.54
N GLU D 29 49.96 -24.85 19.80
CA GLU D 29 49.50 -26.24 19.68
C GLU D 29 49.42 -26.99 21.02
N ARG D 30 50.43 -26.84 21.86
CA ARG D 30 50.36 -27.40 23.21
C ARG D 30 49.26 -26.72 24.03
N LYS D 31 49.28 -25.39 24.08
CA LYS D 31 48.28 -24.56 24.79
C LYS D 31 46.83 -24.86 24.41
N VAL D 32 46.64 -25.46 23.25
CA VAL D 32 45.34 -25.73 22.65
C VAL D 32 45.04 -27.26 22.68
N GLY D 33 45.96 -28.03 23.27
CA GLY D 33 45.71 -29.44 23.60
C GLY D 33 46.09 -30.50 22.57
N VAL D 34 46.98 -30.14 21.64
CA VAL D 34 47.50 -31.09 20.63
C VAL D 34 48.42 -32.11 21.32
N VAL D 35 48.09 -33.39 21.14
CA VAL D 35 48.84 -34.48 21.78
C VAL D 35 49.59 -35.36 20.78
N GLU D 36 49.15 -35.36 19.52
CA GLU D 36 49.84 -36.10 18.46
C GLU D 36 49.83 -35.42 17.09
N LYS D 37 51.01 -35.43 16.47
CA LYS D 37 51.26 -34.88 15.13
C LYS D 37 51.61 -36.00 14.13
N PHE D 38 51.22 -35.80 12.88
CA PHE D 38 51.49 -36.73 11.80
C PHE D 38 51.72 -35.90 10.54
N SER D 39 52.63 -36.39 9.69
CA SER D 39 52.88 -35.80 8.41
C SER D 39 52.63 -36.85 7.34
N ASP D 40 51.76 -36.49 6.39
CA ASP D 40 51.51 -37.27 5.19
C ASP D 40 51.91 -36.46 3.97
N ARG D 41 51.97 -37.14 2.84
CA ARG D 41 52.12 -36.49 1.57
C ARG D 41 51.23 -37.27 0.63
N VAL D 42 50.31 -36.56 0.01
CA VAL D 42 49.39 -37.13 -0.97
C VAL D 42 49.79 -36.55 -2.31
N GLY D 43 50.47 -37.38 -3.11
CA GLY D 43 51.15 -36.93 -4.32
C GLY D 43 52.20 -35.91 -3.94
N PRO D 44 52.22 -34.74 -4.61
CA PRO D 44 53.16 -33.68 -4.20
C PRO D 44 52.68 -32.86 -2.97
N ILE D 45 51.51 -33.18 -2.41
CA ILE D 45 50.88 -32.33 -1.40
C ILE D 45 51.10 -32.78 0.05
N PRO D 46 51.79 -31.92 0.85
CA PRO D 46 51.94 -32.15 2.28
C PRO D 46 50.62 -31.96 3.01
N VAL D 47 50.26 -32.93 3.84
CA VAL D 47 49.07 -32.87 4.68
C VAL D 47 49.54 -33.14 6.09
N GLU D 48 48.92 -32.42 7.03
CA GLU D 48 49.29 -32.49 8.44
C GLU D 48 48.11 -32.87 9.29
N ILE D 49 48.29 -33.88 10.13
CA ILE D 49 47.23 -34.38 10.98
C ILE D 49 47.58 -34.16 12.47
N ARG D 50 46.55 -33.72 13.21
CA ARG D 50 46.68 -33.40 14.63
C ARG D 50 45.61 -34.11 15.43
N ARG D 51 46.03 -34.74 16.53
CA ARG D 51 45.11 -35.33 17.51
C ARG D 51 45.03 -34.35 18.68
N ARG D 52 43.82 -33.87 18.96
CA ARG D 52 43.64 -32.81 19.94
C ARG D 52 42.66 -33.25 21.03
N ARG D 53 42.99 -32.90 22.27
CA ARG D 53 42.21 -33.29 23.44
C ARG D 53 41.74 -32.05 24.20
N SER D 54 40.44 -32.01 24.48
CA SER D 54 39.83 -30.96 25.28
C SER D 54 38.71 -31.55 26.12
N GLN D 55 38.21 -30.78 27.09
CA GLN D 55 37.07 -31.19 27.92
C GLN D 55 35.83 -31.64 27.11
N TYR D 56 35.80 -31.36 25.81
CA TYR D 56 34.70 -31.80 24.91
C TYR D 56 35.03 -33.09 24.15
N GLY D 57 36.17 -33.70 24.46
CA GLY D 57 36.57 -34.97 23.87
C GLY D 57 37.87 -34.92 23.09
N GLU D 58 37.98 -35.85 22.13
CA GLU D 58 39.17 -36.00 21.32
C GLU D 58 38.81 -35.80 19.85
N PHE D 59 39.56 -34.91 19.19
CA PHE D 59 39.30 -34.55 17.80
C PHE D 59 40.52 -34.78 16.93
N TYR D 60 40.27 -35.08 15.66
CA TYR D 60 41.31 -35.07 14.64
C TYR D 60 41.14 -33.84 13.76
N HIS D 61 42.20 -33.04 13.67
CA HIS D 61 42.21 -31.89 12.76
C HIS D 61 43.24 -32.11 11.67
N ALA D 62 42.99 -31.54 10.51
CA ALA D 62 43.95 -31.60 9.42
C ALA D 62 44.35 -30.21 8.99
N GLY D 63 45.46 -30.14 8.26
CA GLY D 63 45.95 -28.91 7.63
C GLY D 63 46.67 -29.35 6.38
N LYS D 64 46.89 -28.42 5.44
CA LYS D 64 47.54 -28.72 4.16
C LYS D 64 48.07 -27.45 3.51
N GLY D 65 48.75 -27.62 2.37
CA GLY D 65 49.39 -26.53 1.66
C GLY D 65 50.26 -27.05 0.52
N THR D 66 50.85 -26.12 -0.22
CA THR D 66 51.76 -26.44 -1.32
C THR D 66 53.19 -26.62 -0.80
N THR D 67 53.41 -26.25 0.46
CA THR D 67 54.69 -26.42 1.13
C THR D 67 54.41 -27.01 2.50
N ARG D 68 55.41 -27.70 3.05
CA ARG D 68 55.33 -28.31 4.36
C ARG D 68 55.08 -27.29 5.47
N ILE D 69 55.75 -26.14 5.38
CA ILE D 69 55.56 -25.04 6.35
C ILE D 69 54.08 -24.63 6.39
N GLN D 70 53.50 -24.34 5.22
CA GLN D 70 52.10 -23.90 5.15
C GLN D 70 51.14 -24.95 5.69
N ALA D 71 51.41 -26.22 5.36
CA ALA D 71 50.64 -27.34 5.91
C ALA D 71 50.70 -27.36 7.44
N ARG D 72 51.86 -27.03 8.00
CA ARG D 72 52.05 -27.03 9.44
C ARG D 72 51.40 -25.84 10.13
N VAL D 73 51.45 -24.66 9.50
CA VAL D 73 50.66 -23.50 9.98
C VAL D 73 49.15 -23.74 9.86
N SER D 74 48.72 -24.24 8.71
CA SER D 74 47.32 -24.61 8.46
C SER D 74 46.74 -25.54 9.55
N ALA D 75 47.50 -26.57 9.95
CA ALA D 75 47.09 -27.52 10.97
C ALA D 75 47.05 -26.91 12.37
N ALA D 76 48.07 -26.13 12.71
CA ALA D 76 48.12 -25.45 14.00
C ALA D 76 46.93 -24.49 14.16
N MSE D 77 46.68 -23.69 13.12
CA MSE D 77 45.66 -22.62 13.17
C MSE D 77 44.25 -23.19 13.14
O MSE D 77 43.34 -22.64 13.74
CB MSE D 77 45.94 -21.57 12.08
CG MSE D 77 47.24 -20.79 12.27
SE MSE D 77 47.18 -19.78 13.97
CE MSE D 77 46.58 -18.09 13.15
N GLU D 78 44.08 -24.31 12.45
CA GLU D 78 42.83 -25.10 12.52
C GLU D 78 42.57 -25.61 13.96
N CYS D 79 43.62 -26.01 14.69
CA CYS D 79 43.48 -26.42 16.09
C CYS D 79 43.10 -25.24 16.98
N VAL D 80 43.73 -24.08 16.73
CA VAL D 80 43.42 -22.85 17.46
C VAL D 80 41.97 -22.40 17.20
N GLU D 81 41.54 -22.41 15.93
CA GLU D 81 40.16 -22.02 15.60
C GLU D 81 39.13 -22.91 16.31
N ARG D 82 39.35 -24.22 16.29
CA ARG D 82 38.43 -25.18 16.89
C ARG D 82 38.36 -25.11 18.43
N ALA D 83 39.51 -24.88 19.07
CA ALA D 83 39.58 -24.60 20.51
C ALA D 83 38.80 -23.35 20.90
N ALA D 84 38.98 -22.27 20.12
CA ALA D 84 38.31 -20.97 20.39
C ALA D 84 36.77 -21.00 20.19
N ALA D 85 36.30 -21.95 19.39
CA ALA D 85 34.88 -22.16 19.07
C ALA D 85 34.11 -22.92 20.14
N GLU D 86 34.81 -23.52 21.09
CA GLU D 86 34.19 -24.32 22.14
C GLU D 86 33.35 -23.42 23.06
N PRO D 87 32.17 -23.89 23.52
CA PRO D 87 31.32 -23.02 24.35
C PRO D 87 32.08 -22.33 25.46
N ARG D 88 31.78 -21.04 25.65
CA ARG D 88 32.37 -20.22 26.69
C ARG D 88 31.28 -19.38 27.32
N GLU D 89 31.03 -19.63 28.60
CA GLU D 89 29.99 -18.95 29.36
C GLU D 89 30.24 -17.44 29.50
N GLU D 90 31.52 -17.06 29.66
CA GLU D 90 31.94 -15.66 29.81
C GLU D 90 31.34 -14.69 28.78
N ILE D 91 31.24 -15.12 27.54
CA ILE D 91 30.73 -14.27 26.45
C ILE D 91 29.26 -14.55 26.10
N ILE D 92 28.61 -15.43 26.86
CA ILE D 92 27.18 -15.72 26.67
C ILE D 92 26.32 -14.69 27.41
N GLU D 93 25.21 -14.30 26.77
CA GLU D 93 24.20 -13.42 27.39
C GLU D 93 22.80 -14.00 27.19
N ARG D 94 22.00 -13.94 28.24
CA ARG D 94 20.64 -14.50 28.26
C ARG D 94 19.55 -13.45 28.30
N GLY D 95 19.85 -12.32 28.95
CA GLY D 95 19.00 -11.13 28.92
C GLY D 95 19.58 -10.20 27.87
N PRO D 96 19.10 -10.31 26.61
CA PRO D 96 19.79 -9.63 25.52
C PRO D 96 19.16 -8.30 25.14
N GLU D 97 19.91 -7.22 25.33
CA GLU D 97 19.44 -5.87 25.01
C GLU D 97 20.03 -5.36 23.68
N GLY D 98 19.17 -5.32 22.65
CA GLY D 98 19.55 -4.88 21.30
C GLY D 98 18.96 -5.74 20.19
N ASP D 99 19.42 -5.52 18.96
CA ASP D 99 19.00 -6.32 17.80
C ASP D 99 19.47 -7.77 17.93
N LYS D 100 18.63 -8.69 17.46
CA LYS D 100 18.88 -10.12 17.56
C LYS D 100 18.58 -10.75 16.23
N TRP D 101 19.37 -11.75 15.86
CA TRP D 101 19.02 -12.57 14.70
C TRP D 101 18.45 -13.93 15.12
N THR D 102 17.16 -14.14 14.85
CA THR D 102 16.51 -15.42 15.05
C THR D 102 16.41 -16.13 13.70
N PRO D 103 17.12 -17.26 13.56
CA PRO D 103 17.04 -18.05 12.32
C PRO D 103 15.63 -18.57 12.05
N ALA D 104 15.33 -18.83 10.77
CA ALA D 104 13.98 -19.21 10.31
C ALA D 104 13.48 -20.52 10.92
N TRP D 105 14.37 -21.49 11.07
CA TRP D 105 14.04 -22.84 11.55
C TRP D 105 13.62 -22.93 13.02
N TYR D 106 13.96 -21.92 13.81
CA TYR D 106 13.60 -21.87 15.24
C TYR D 106 12.08 -21.83 15.45
N ARG D 107 11.61 -22.77 16.29
CA ARG D 107 10.20 -22.86 16.69
C ARG D 107 9.97 -21.95 17.89
N THR D 108 11.04 -21.71 18.66
CA THR D 108 10.99 -20.97 19.92
C THR D 108 12.14 -19.94 20.02
N GLU D 109 11.95 -18.91 20.87
CA GLU D 109 12.99 -17.91 21.18
C GLU D 109 14.24 -18.62 21.73
N PRO D 110 15.42 -18.36 21.12
CA PRO D 110 16.68 -18.91 21.64
C PRO D 110 17.01 -18.41 23.05
N ARG D 111 17.67 -19.28 23.81
CA ARG D 111 17.94 -19.06 25.23
C ARG D 111 19.23 -18.26 25.42
N GLU D 112 20.30 -18.70 24.76
CA GLU D 112 21.64 -18.13 24.89
C GLU D 112 22.09 -17.39 23.62
N TRP D 113 22.84 -16.30 23.81
CA TRP D 113 23.23 -15.38 22.73
C TRP D 113 24.68 -14.88 22.91
N VAL D 114 25.35 -14.60 21.78
CA VAL D 114 26.66 -13.91 21.79
C VAL D 114 26.55 -12.65 20.92
N GLU D 115 27.19 -11.57 21.37
CA GLU D 115 27.17 -10.30 20.66
C GLU D 115 28.11 -10.32 19.47
N GLY D 116 27.55 -10.05 18.30
CA GLY D 116 28.35 -9.88 17.10
C GLY D 116 28.27 -8.44 16.59
N VAL D 117 28.89 -8.20 15.45
CA VAL D 117 28.84 -6.91 14.76
C VAL D 117 28.34 -7.14 13.33
N ASP D 118 27.29 -6.43 12.95
CA ASP D 118 26.81 -6.34 11.56
C ASP D 118 27.87 -5.61 10.75
N LEU D 119 28.44 -6.28 9.76
CA LEU D 119 29.61 -5.74 9.04
C LEU D 119 29.27 -4.63 8.03
N THR D 120 27.99 -4.55 7.68
CA THR D 120 27.47 -3.47 6.84
C THR D 120 27.22 -2.21 7.68
N THR D 121 26.38 -2.33 8.72
CA THR D 121 25.95 -1.15 9.46
C THR D 121 26.92 -0.78 10.58
N ARG D 122 27.80 -1.72 10.94
CA ARG D 122 28.73 -1.58 12.08
C ARG D 122 28.02 -1.45 13.44
N GLU D 123 26.79 -1.94 13.49
CA GLU D 123 25.96 -1.94 14.70
C GLU D 123 26.00 -3.34 15.34
N PRO D 124 25.91 -3.40 16.70
CA PRO D 124 25.76 -4.69 17.40
C PRO D 124 24.52 -5.45 16.97
N VAL D 125 24.65 -6.78 16.90
CA VAL D 125 23.54 -7.71 16.66
C VAL D 125 23.90 -9.03 17.36
N TYR D 126 22.90 -9.63 18.02
CA TYR D 126 23.09 -10.86 18.77
C TYR D 126 22.80 -12.08 17.93
N VAL D 127 23.59 -13.12 18.17
CA VAL D 127 23.52 -14.37 17.41
C VAL D 127 23.29 -15.49 18.43
N PRO D 128 22.43 -16.48 18.11
CA PRO D 128 22.22 -17.60 19.07
C PRO D 128 23.51 -18.40 19.27
N ALA D 129 23.82 -18.73 20.52
CA ALA D 129 25.04 -19.49 20.86
C ALA D 129 25.21 -20.76 20.02
N ASN D 130 24.10 -21.39 19.62
CA ASN D 130 24.08 -22.54 18.69
C ASN D 130 24.74 -22.23 17.34
N GLU D 131 24.64 -20.95 16.92
CA GLU D 131 25.21 -20.50 15.65
C GLU D 131 26.64 -19.92 15.72
N VAL D 132 27.17 -19.81 16.94
CA VAL D 132 28.54 -19.37 17.21
C VAL D 132 29.47 -20.56 17.54
N PHE D 133 29.09 -21.35 18.55
CA PHE D 133 29.99 -22.34 19.16
C PHE D 133 29.94 -23.74 18.52
N HIS D 134 30.99 -24.52 18.78
CA HIS D 134 31.05 -25.95 18.42
C HIS D 134 31.92 -26.71 19.45
N PRO D 135 31.40 -27.80 20.03
CA PRO D 135 30.02 -28.27 19.82
C PRO D 135 29.02 -27.59 20.77
N TRP D 136 27.82 -27.36 20.27
CA TRP D 136 26.71 -26.86 21.08
C TRP D 136 25.61 -27.90 20.94
N LEU D 137 25.22 -28.46 22.08
CA LEU D 137 24.35 -29.64 22.11
C LEU D 137 22.88 -29.34 22.44
N GLY D 138 22.63 -28.19 23.06
CA GLY D 138 21.29 -27.73 23.41
C GLY D 138 20.22 -27.64 22.33
N ASP D 139 20.28 -26.59 21.51
CA ASP D 139 19.15 -26.13 20.66
C ASP D 139 18.73 -27.01 19.45
N ALA D 140 17.94 -26.43 18.55
CA ALA D 140 17.21 -27.11 17.47
C ALA D 140 18.04 -28.04 16.56
N LEU D 141 19.07 -27.49 15.92
CA LEU D 141 19.91 -28.25 14.99
C LEU D 141 21.33 -28.44 15.54
N PRO D 142 22.09 -29.44 15.00
CA PRO D 142 23.48 -29.58 15.46
C PRO D 142 24.37 -28.38 15.07
N SER D 143 25.43 -28.20 15.83
CA SER D 143 26.49 -27.25 15.53
C SER D 143 27.31 -27.69 14.32
N HIS D 144 27.96 -26.70 13.71
CA HIS D 144 28.98 -26.95 12.70
C HIS D 144 30.09 -25.90 12.78
N THR D 145 30.86 -25.81 11.71
CA THR D 145 32.17 -25.21 11.74
C THR D 145 32.32 -24.17 10.58
N ASN D 146 31.25 -24.01 9.81
CA ASN D 146 31.23 -23.16 8.65
C ASN D 146 31.28 -21.67 9.03
N GLY D 147 32.22 -20.96 8.44
CA GLY D 147 32.44 -19.53 8.72
C GLY D 147 33.40 -19.28 9.88
N LEU D 148 33.81 -20.35 10.54
CA LEU D 148 34.81 -20.29 11.60
C LEU D 148 36.19 -20.16 10.98
N SER D 149 37.00 -19.27 11.53
CA SER D 149 38.30 -18.99 10.93
C SER D 149 39.23 -18.28 11.89
N ALA D 150 40.52 -18.64 11.79
CA ALA D 150 41.60 -18.06 12.58
C ALA D 150 42.59 -17.34 11.68
N GLY D 151 43.25 -16.29 12.20
CA GLY D 151 44.35 -15.59 11.47
C GLY D 151 45.30 -14.80 12.38
N ARG D 152 46.33 -14.21 11.79
CA ARG D 152 47.25 -13.34 12.56
C ARG D 152 46.59 -11.99 12.85
N LEU D 153 45.59 -11.67 12.03
CA LEU D 153 44.81 -10.44 12.13
C LEU D 153 43.38 -10.82 11.85
N ARG D 154 42.44 -10.11 12.47
CA ARG D 154 41.02 -10.40 12.28
C ARG D 154 40.58 -10.31 10.81
N GLU D 155 41.24 -9.44 10.04
CA GLU D 155 40.89 -9.24 8.63
C GLU D 155 41.10 -10.55 7.86
N GLU D 156 42.20 -11.23 8.15
CA GLU D 156 42.52 -12.53 7.55
C GLU D 156 41.41 -13.53 7.84
N ALA D 157 40.93 -13.50 9.08
CA ALA D 157 39.92 -14.43 9.57
C ALA D 157 38.55 -14.14 8.96
N VAL D 158 38.18 -12.86 8.87
CA VAL D 158 36.93 -12.45 8.20
C VAL D 158 36.96 -12.83 6.72
N ILE D 159 38.06 -12.53 6.05
CA ILE D 159 38.19 -12.93 4.64
C ILE D 159 37.99 -14.44 4.46
N GLN D 160 38.76 -15.26 5.18
CA GLN D 160 38.71 -16.70 5.04
C GLN D 160 37.34 -17.28 5.48
N GLY D 161 36.81 -16.76 6.59
CA GLY D 161 35.51 -17.16 7.12
C GLY D 161 34.36 -16.87 6.17
N LEU D 162 34.37 -15.66 5.60
CA LEU D 162 33.35 -15.22 4.66
C LEU D 162 33.40 -16.02 3.36
N LEU D 163 34.60 -16.22 2.82
CA LEU D 163 34.79 -17.06 1.63
C LEU D 163 34.33 -18.50 1.83
N GLU D 164 34.53 -19.03 3.03
CA GLU D 164 34.04 -20.37 3.40
C GLU D 164 32.50 -20.41 3.33
N VAL D 165 31.85 -19.34 3.77
CA VAL D 165 30.39 -19.23 3.74
C VAL D 165 29.88 -19.22 2.30
N VAL D 166 30.54 -18.45 1.45
CA VAL D 166 30.20 -18.37 0.02
C VAL D 166 30.40 -19.74 -0.63
N GLU D 167 31.54 -20.36 -0.34
CA GLU D 167 31.86 -21.71 -0.75
C GLU D 167 30.70 -22.68 -0.51
N ARG D 168 30.26 -22.81 0.74
CA ARG D 168 29.17 -23.73 1.11
C ARG D 168 27.79 -23.33 0.56
N ASP D 169 27.57 -22.03 0.35
CA ASP D 169 26.35 -21.53 -0.30
C ASP D 169 26.29 -22.02 -1.75
N SER D 170 27.38 -21.90 -2.48
CA SER D 170 27.45 -22.34 -3.87
C SER D 170 27.23 -23.86 -3.98
N TRP D 171 27.84 -24.60 -3.06
CA TRP D 171 27.73 -26.05 -3.03
C TRP D 171 26.29 -26.47 -2.71
N SER D 172 25.69 -25.77 -1.75
CA SER D 172 24.29 -25.96 -1.35
C SER D 172 23.33 -25.78 -2.52
N ILE D 173 23.54 -24.72 -3.29
CA ILE D 173 22.76 -24.42 -4.49
C ILE D 173 22.84 -25.57 -5.49
N VAL D 174 24.06 -26.09 -5.69
CA VAL D 174 24.31 -27.20 -6.59
C VAL D 174 23.52 -28.44 -6.14
N GLU D 175 23.57 -28.78 -4.85
CA GLU D 175 22.91 -30.00 -4.34
C GLU D 175 21.37 -29.89 -4.28
N TYR D 176 20.88 -28.71 -3.88
CA TYR D 176 19.44 -28.42 -3.82
C TYR D 176 18.75 -28.57 -5.18
N PHE D 177 19.28 -27.88 -6.19
CA PHE D 177 18.70 -27.89 -7.53
C PHE D 177 19.27 -28.96 -8.45
N ARG D 178 20.24 -29.73 -7.94
CA ARG D 178 20.95 -30.76 -8.71
C ARG D 178 21.50 -30.26 -10.07
N ILE D 179 22.14 -29.09 -10.02
CA ILE D 179 22.74 -28.44 -11.20
C ILE D 179 23.93 -29.25 -11.70
N HIS D 180 24.18 -29.18 -13.00
CA HIS D 180 25.33 -29.82 -13.62
C HIS D 180 26.32 -28.67 -13.94
N PRO D 181 27.23 -28.34 -12.99
CA PRO D 181 28.13 -27.19 -13.20
C PRO D 181 29.14 -27.49 -14.32
N PRO D 182 29.55 -26.46 -15.08
CA PRO D 182 30.51 -26.68 -16.17
C PRO D 182 31.90 -27.14 -15.69
N GLU D 183 32.63 -27.82 -16.57
CA GLU D 183 34.02 -28.20 -16.30
C GLU D 183 34.89 -26.95 -16.42
N LEU D 184 35.87 -26.84 -15.52
CA LEU D 184 36.81 -25.71 -15.58
C LEU D 184 38.17 -26.14 -16.14
N GLU D 185 38.55 -25.51 -17.24
CA GLU D 185 39.81 -25.77 -17.94
C GLU D 185 40.92 -25.02 -17.23
N VAL D 186 41.99 -25.73 -16.83
CA VAL D 186 43.17 -25.11 -16.20
C VAL D 186 44.49 -25.42 -16.95
N HIS D 187 45.52 -24.61 -16.69
CA HIS D 187 46.82 -24.67 -17.37
C HIS D 187 48.00 -24.72 -16.38
N GLY D 188 49.20 -24.85 -16.92
CA GLY D 188 50.47 -24.78 -16.16
C GLY D 188 50.50 -25.57 -14.87
N GLU D 189 50.83 -24.88 -13.77
CA GLU D 189 51.04 -25.51 -12.47
C GLU D 189 49.76 -26.13 -11.90
N LEU D 190 48.61 -25.49 -12.14
CA LEU D 190 47.31 -26.01 -11.65
C LEU D 190 46.86 -27.28 -12.38
N GLU D 191 47.07 -27.32 -13.70
CA GLU D 191 46.85 -28.54 -14.50
C GLU D 191 47.81 -29.67 -14.09
N GLU D 192 49.08 -29.30 -13.90
CA GLU D 192 50.10 -30.21 -13.38
C GLU D 192 49.72 -30.80 -12.01
N LEU D 193 49.27 -29.94 -11.09
CA LEU D 193 48.84 -30.41 -9.77
C LEU D 193 47.65 -31.40 -9.81
N ARG D 194 46.63 -31.16 -10.64
CA ARG D 194 45.54 -32.13 -10.70
C ARG D 194 45.93 -33.42 -11.44
N ARG D 195 46.80 -33.31 -12.44
CA ARG D 195 47.43 -34.50 -13.04
C ARG D 195 48.11 -35.35 -11.97
N SER D 196 48.91 -34.72 -11.13
CA SER D 196 49.62 -35.40 -10.03
C SER D 196 48.69 -36.05 -9.00
N LEU D 197 47.61 -35.36 -8.66
CA LEU D 197 46.62 -35.92 -7.74
C LEU D 197 45.77 -37.01 -8.40
N GLU D 198 45.61 -36.93 -9.71
CA GLU D 198 44.89 -37.96 -10.48
C GLU D 198 45.59 -39.32 -10.42
N ARG D 199 46.93 -39.31 -10.39
CA ARG D 199 47.74 -40.53 -10.20
C ARG D 199 47.55 -41.22 -8.84
N GLU D 200 46.95 -40.50 -7.87
CA GLU D 200 46.64 -41.07 -6.56
C GLU D 200 45.33 -41.86 -6.54
N VAL D 201 44.43 -41.53 -7.48
CA VAL D 201 43.09 -42.12 -7.59
C VAL D 201 42.81 -42.55 -9.05
N GLY D 202 41.58 -42.41 -9.53
CA GLY D 202 41.23 -42.69 -10.94
C GLY D 202 41.04 -41.43 -11.78
N ARG D 203 40.23 -40.51 -11.26
CA ARG D 203 39.96 -39.22 -11.92
C ARG D 203 39.91 -38.08 -10.90
N VAL D 204 40.43 -36.93 -11.31
CA VAL D 204 40.27 -35.67 -10.58
C VAL D 204 39.76 -34.65 -11.57
N GLU D 205 38.55 -34.16 -11.33
CA GLU D 205 37.91 -33.21 -12.22
C GLU D 205 37.58 -31.89 -11.54
N LEU D 206 37.67 -30.82 -12.32
CA LEU D 206 37.40 -29.46 -11.84
C LEU D 206 36.13 -28.85 -12.40
N ARG D 207 35.40 -28.18 -11.51
CA ARG D 207 34.11 -27.54 -11.83
C ARG D 207 34.04 -26.09 -11.34
N LEU D 208 33.49 -25.22 -12.18
CA LEU D 208 33.11 -23.89 -11.75
C LEU D 208 31.64 -23.89 -11.26
N LEU D 209 31.47 -23.78 -9.94
CA LEU D 209 30.15 -23.68 -9.32
C LEU D 209 29.47 -22.33 -9.58
N PRO D 210 28.11 -22.30 -9.66
CA PRO D 210 27.47 -20.97 -9.68
C PRO D 210 27.72 -20.24 -8.37
N SER D 211 28.15 -19.00 -8.48
CA SER D 211 28.36 -18.13 -7.33
C SER D 211 27.32 -17.03 -7.26
N ARG D 212 26.69 -16.92 -6.10
CA ARG D 212 25.69 -15.86 -5.87
C ARG D 212 26.29 -14.55 -5.37
N VAL D 213 27.62 -14.48 -5.27
CA VAL D 213 28.31 -13.27 -4.84
C VAL D 213 29.23 -12.81 -5.96
N GLU D 214 28.96 -11.60 -6.44
CA GLU D 214 29.69 -11.03 -7.57
C GLU D 214 31.16 -10.78 -7.23
N GLY D 215 32.04 -11.19 -8.15
CA GLY D 215 33.49 -11.05 -7.98
C GLY D 215 34.16 -12.18 -7.21
N VAL D 216 33.36 -13.13 -6.70
CA VAL D 216 33.88 -14.30 -5.98
C VAL D 216 33.58 -15.57 -6.78
N TYR D 217 34.62 -16.37 -7.03
CA TYR D 217 34.53 -17.64 -7.75
C TYR D 217 34.61 -18.81 -6.80
N VAL D 218 33.77 -19.81 -7.05
CA VAL D 218 33.77 -21.04 -6.27
C VAL D 218 34.07 -22.21 -7.21
N VAL D 219 35.10 -22.99 -6.87
CA VAL D 219 35.53 -24.16 -7.65
C VAL D 219 35.35 -25.43 -6.83
N GLY D 220 34.87 -26.47 -7.49
CA GLY D 220 34.73 -27.81 -6.90
C GLY D 220 35.68 -28.76 -7.58
N ALA D 221 36.14 -29.76 -6.84
CA ALA D 221 37.00 -30.81 -7.38
C ALA D 221 36.42 -32.16 -7.00
N VAL D 222 36.18 -33.01 -8.00
CA VAL D 222 35.52 -34.33 -7.79
C VAL D 222 36.40 -35.51 -8.21
N THR D 223 36.32 -36.57 -7.42
CA THR D 223 37.15 -37.76 -7.58
C THR D 223 36.41 -39.05 -8.01
N GLU D 224 36.99 -39.76 -8.98
CA GLU D 224 36.67 -41.17 -9.24
C GLU D 224 37.78 -42.05 -8.66
N ALA D 225 37.40 -43.08 -7.91
CA ALA D 225 38.36 -44.01 -7.30
C ALA D 225 37.84 -45.45 -7.23
N GLU D 226 38.78 -46.41 -7.26
CA GLU D 226 38.46 -47.84 -7.11
C GLU D 226 37.87 -48.18 -5.74
N ARG D 227 38.35 -47.50 -4.69
CA ARG D 227 37.76 -47.60 -3.34
C ARG D 227 36.80 -46.43 -3.10
N VAL D 228 35.72 -46.69 -2.38
CA VAL D 228 34.62 -45.72 -2.23
C VAL D 228 34.97 -44.49 -1.36
N GLU D 229 35.65 -44.73 -0.24
CA GLU D 229 36.06 -43.70 0.72
C GLU D 229 37.10 -42.72 0.14
N GLU D 230 37.70 -43.11 -0.98
CA GLU D 230 38.65 -42.25 -1.71
C GLU D 230 38.00 -41.44 -2.81
N MSE D 231 36.68 -41.58 -2.96
CA MSE D 231 35.89 -40.65 -3.76
C MSE D 231 35.52 -39.55 -2.82
O MSE D 231 34.67 -39.72 -1.93
CB MSE D 231 34.70 -41.36 -4.38
CG MSE D 231 35.18 -42.13 -5.60
SE MSE D 231 33.69 -43.18 -6.34
CE MSE D 231 33.44 -42.14 -7.99
N VAL D 232 36.20 -38.41 -3.00
CA VAL D 232 36.05 -37.25 -2.12
C VAL D 232 35.80 -36.01 -2.98
N MSE D 233 35.28 -34.97 -2.33
CA MSE D 233 35.16 -33.67 -2.99
C MSE D 233 35.92 -32.61 -2.24
O MSE D 233 36.01 -32.64 -1.01
CB MSE D 233 33.69 -33.34 -3.10
CG MSE D 233 33.05 -34.13 -4.23
SE MSE D 233 31.15 -33.63 -4.38
CE MSE D 233 30.60 -34.14 -2.56
N GLY D 234 36.47 -31.64 -2.96
CA GLY D 234 37.07 -30.47 -2.31
C GLY D 234 36.59 -29.19 -2.95
N PHE D 235 36.51 -28.13 -2.16
CA PHE D 235 36.00 -26.84 -2.67
C PHE D 235 36.92 -25.70 -2.28
N GLY D 236 36.89 -24.65 -3.10
CA GLY D 236 37.61 -23.40 -2.81
C GLY D 236 36.86 -22.19 -3.35
N ALA D 237 36.96 -21.08 -2.63
CA ALA D 237 36.31 -19.83 -3.03
C ALA D 237 37.29 -18.67 -2.86
N SER D 238 37.33 -17.80 -3.86
CA SER D 238 38.21 -16.63 -3.83
C SER D 238 37.81 -15.67 -4.92
N PRO D 239 38.08 -14.36 -4.73
CA PRO D 239 38.06 -13.43 -5.85
C PRO D 239 39.11 -13.78 -6.93
N ASP D 240 40.13 -14.54 -6.56
CA ASP D 240 41.16 -15.03 -7.49
C ASP D 240 40.86 -16.49 -7.85
N PRO D 241 40.50 -16.75 -9.13
CA PRO D 241 40.04 -18.11 -9.50
C PRO D 241 41.12 -19.19 -9.38
N GLU D 242 42.39 -18.82 -9.53
CA GLU D 242 43.54 -19.72 -9.29
C GLU D 242 43.67 -20.19 -7.83
N MSE D 243 43.46 -19.27 -6.88
CA MSE D 243 43.38 -19.64 -5.47
C MSE D 243 42.23 -20.61 -5.24
O MSE D 243 42.40 -21.61 -4.54
CB MSE D 243 43.29 -18.40 -4.58
CG MSE D 243 43.28 -18.84 -3.11
SE MSE D 243 42.85 -17.28 -2.01
CE MSE D 243 41.71 -18.11 -0.64
N ALA D 244 41.07 -20.32 -5.84
CA ALA D 244 39.91 -21.21 -5.74
C ALA D 244 40.18 -22.63 -6.26
N VAL D 245 40.82 -22.75 -7.42
CA VAL D 245 41.23 -24.05 -7.98
C VAL D 245 42.16 -24.78 -7.01
N LEU D 246 43.25 -24.11 -6.64
CA LEU D 246 44.25 -24.65 -5.70
C LEU D 246 43.63 -25.15 -4.41
N ARG D 247 42.73 -24.37 -3.83
CA ARG D 247 42.09 -24.74 -2.56
C ARG D 247 41.26 -26.02 -2.67
N ALA D 248 40.56 -26.19 -3.80
CA ALA D 248 39.77 -27.40 -4.07
C ALA D 248 40.67 -28.64 -4.19
N LEU D 249 41.73 -28.53 -5.00
CA LEU D 249 42.77 -29.58 -5.14
C LEU D 249 43.43 -29.93 -3.80
N LEU D 250 43.79 -28.90 -3.05
CA LEU D 250 44.36 -29.10 -1.72
C LEU D 250 43.39 -29.83 -0.78
N GLU D 251 42.09 -29.54 -0.93
CA GLU D 251 41.11 -30.19 -0.06
C GLU D 251 40.89 -31.67 -0.46
N VAL D 252 41.02 -31.97 -1.74
CA VAL D 252 41.02 -33.34 -2.24
C VAL D 252 42.12 -34.15 -1.55
N ALA D 253 43.34 -33.60 -1.61
CA ALA D 253 44.53 -34.22 -1.03
C ALA D 253 44.35 -34.46 0.47
N GLN D 254 43.76 -33.48 1.16
CA GLN D 254 43.49 -33.60 2.59
C GLN D 254 42.51 -34.74 2.90
N GLY D 255 41.41 -34.79 2.13
CA GLY D 255 40.41 -35.88 2.20
C GLY D 255 41.01 -37.27 1.98
N LEU D 256 41.79 -37.41 0.91
CA LEU D 256 42.54 -38.65 0.64
C LEU D 256 43.41 -39.08 1.81
N SER D 257 44.10 -38.12 2.42
CA SER D 257 44.93 -38.40 3.61
C SER D 257 44.11 -38.85 4.82
N MSE D 258 42.93 -38.27 5.02
CA MSE D 258 42.07 -38.66 6.13
C MSE D 258 41.38 -39.99 5.87
O MSE D 258 41.22 -40.79 6.81
CB MSE D 258 41.07 -37.57 6.48
CG MSE D 258 41.75 -36.52 7.35
SE MSE D 258 40.52 -34.98 7.56
CE MSE D 258 39.85 -34.64 5.73
N ALA D 259 40.98 -40.23 4.63
CA ALA D 259 40.35 -41.52 4.23
C ALA D 259 41.27 -42.70 4.48
N ARG D 260 42.53 -42.55 4.07
CA ARG D 260 43.56 -43.59 4.18
C ARG D 260 43.96 -43.89 5.62
N ARG D 261 43.53 -43.02 6.54
CA ARG D 261 43.75 -43.20 7.97
C ARG D 261 42.47 -43.58 8.70
N GLY D 262 41.39 -43.76 7.95
CA GLY D 262 40.05 -44.04 8.51
C GLY D 262 39.41 -42.94 9.33
N ILE D 263 39.85 -41.69 9.16
CA ILE D 263 39.18 -40.51 9.75
C ILE D 263 38.16 -39.97 8.73
N GLU D 264 37.06 -39.40 9.23
CA GLU D 264 36.08 -38.67 8.39
C GLU D 264 35.22 -37.71 9.21
N SER D 265 34.44 -36.89 8.50
CA SER D 265 33.28 -36.14 9.03
C SER D 265 32.35 -35.67 7.90
N PRO D 266 31.65 -36.62 7.22
CA PRO D 266 30.69 -36.22 6.17
C PRO D 266 29.37 -35.72 6.76
N VAL D 267 28.47 -35.22 5.91
CA VAL D 267 27.17 -34.65 6.35
C VAL D 267 25.99 -34.97 5.40
N ARG D 268 26.01 -36.16 4.80
CA ARG D 268 24.94 -36.61 3.88
C ARG D 268 23.92 -37.53 4.57
N LEU D 280 27.53 -48.77 -0.10
CA LEU D 280 27.72 -48.06 -1.37
C LEU D 280 28.95 -48.52 -2.13
N THR D 281 28.82 -48.58 -3.45
CA THR D 281 29.93 -48.96 -4.35
C THR D 281 30.28 -47.78 -5.27
N PRO D 282 31.54 -47.73 -5.79
CA PRO D 282 31.97 -46.71 -6.77
C PRO D 282 30.99 -46.40 -7.91
N GLU D 283 30.39 -47.44 -8.51
CA GLU D 283 29.46 -47.24 -9.62
C GLU D 283 28.09 -46.73 -9.16
N ARG D 284 27.71 -47.10 -7.93
CA ARG D 284 26.48 -46.66 -7.29
C ARG D 284 26.55 -45.18 -6.91
N LEU D 285 27.65 -44.80 -6.27
CA LEU D 285 27.92 -43.42 -5.85
C LEU D 285 28.04 -42.49 -7.07
N LYS D 286 28.67 -42.97 -8.14
CA LYS D 286 28.83 -42.21 -9.39
C LYS D 286 27.48 -41.85 -10.03
N ARG D 287 26.54 -42.80 -10.01
CA ARG D 287 25.19 -42.63 -10.58
C ARG D 287 24.30 -41.70 -9.75
N LEU D 288 24.38 -41.82 -8.41
CA LEU D 288 23.71 -40.88 -7.50
C LEU D 288 24.16 -39.41 -7.67
N ASN D 289 25.48 -39.19 -7.74
CA ASN D 289 26.07 -37.85 -7.88
C ASN D 289 26.40 -37.48 -9.33
N ARG D 290 25.58 -37.96 -10.26
CA ARG D 290 25.85 -37.86 -11.70
C ARG D 290 25.86 -36.43 -12.25
N HIS D 291 25.32 -35.49 -11.47
CA HIS D 291 25.37 -34.07 -11.81
C HIS D 291 26.80 -33.48 -11.69
N TRP D 292 27.62 -34.11 -10.86
CA TRP D 292 29.04 -33.82 -10.78
C TRP D 292 29.84 -34.42 -11.95
N PHE D 293 29.48 -35.65 -12.35
CA PHE D 293 30.26 -36.39 -13.34
C PHE D 293 29.87 -36.15 -14.81
N GLU D 294 28.81 -35.38 -15.03
CA GLU D 294 28.37 -35.05 -16.38
C GLU D 294 28.21 -33.54 -16.54
N PRO D 295 29.34 -32.80 -16.66
CA PRO D 295 29.25 -31.34 -16.70
C PRO D 295 28.52 -30.83 -17.92
N GLU D 296 27.72 -29.78 -17.73
CA GLU D 296 27.09 -29.08 -18.84
C GLU D 296 27.85 -27.79 -19.13
N GLY D 297 28.59 -27.79 -20.24
CA GLY D 297 29.42 -26.66 -20.65
C GLY D 297 30.88 -26.75 -20.22
N THR D 298 31.67 -25.78 -20.68
CA THR D 298 33.10 -25.69 -20.36
C THR D 298 33.54 -24.23 -20.15
N VAL D 299 34.43 -24.01 -19.16
CA VAL D 299 34.97 -22.67 -18.89
C VAL D 299 36.51 -22.66 -18.91
N GLU D 300 37.08 -21.70 -19.66
CA GLU D 300 38.51 -21.39 -19.67
C GLU D 300 38.82 -20.44 -18.50
N ILE D 301 39.75 -20.83 -17.63
CA ILE D 301 40.12 -20.02 -16.44
C ILE D 301 40.63 -18.59 -16.80
N ASP D 302 41.27 -18.47 -17.96
CA ASP D 302 41.79 -17.17 -18.41
C ASP D 302 40.70 -16.21 -18.87
N ASP D 303 39.48 -16.71 -19.09
CA ASP D 303 38.33 -15.88 -19.47
C ASP D 303 37.64 -15.24 -18.26
N LEU D 304 37.96 -15.73 -17.07
CA LEU D 304 37.32 -15.27 -15.84
C LEU D 304 37.86 -13.91 -15.39
N ASP D 305 36.96 -12.92 -15.33
CA ASP D 305 37.24 -11.55 -14.88
C ASP D 305 37.84 -11.47 -13.48
N ARG D 306 38.97 -10.78 -13.34
CA ARG D 306 39.53 -10.50 -12.00
C ARG D 306 38.93 -9.20 -11.47
N VAL D 307 37.72 -9.31 -10.91
CA VAL D 307 36.90 -8.17 -10.50
C VAL D 307 37.49 -7.49 -9.25
N ILE D 308 37.83 -8.29 -8.26
CA ILE D 308 38.38 -7.80 -7.01
C ILE D 308 39.88 -8.06 -7.03
N THR D 309 40.65 -6.98 -7.16
CA THR D 309 42.11 -7.04 -7.27
C THR D 309 42.70 -6.82 -5.90
N THR D 310 43.69 -7.65 -5.58
CA THR D 310 44.11 -7.82 -4.20
C THR D 310 45.32 -6.93 -3.87
N GLY D 311 45.08 -5.91 -3.04
CA GLY D 311 46.13 -4.97 -2.64
C GLY D 311 46.32 -4.98 -1.13
N SER D 312 45.43 -4.27 -0.43
CA SER D 312 45.46 -4.21 1.03
C SER D 312 44.40 -5.11 1.68
N LEU D 313 44.71 -5.61 2.87
CA LEU D 313 43.88 -6.55 3.60
C LEU D 313 42.57 -5.91 4.03
N GLU D 314 42.65 -4.64 4.45
CA GLU D 314 41.48 -3.85 4.88
C GLU D 314 40.54 -3.60 3.72
N LYS D 315 41.11 -3.28 2.56
CA LYS D 315 40.33 -3.02 1.36
C LYS D 315 39.65 -4.29 0.86
N LEU D 316 40.38 -5.41 0.91
CA LEU D 316 39.85 -6.69 0.44
C LEU D 316 38.71 -7.16 1.32
N THR D 317 38.85 -6.95 2.64
CA THR D 317 37.78 -7.33 3.56
C THR D 317 36.52 -6.50 3.25
N GLU D 318 36.71 -5.22 2.99
CA GLU D 318 35.63 -4.28 2.79
C GLU D 318 34.89 -4.62 1.50
N GLU D 319 35.65 -4.88 0.44
CA GLU D 319 35.08 -5.24 -0.86
C GLU D 319 34.24 -6.52 -0.78
N LEU D 320 34.76 -7.53 -0.08
CA LEU D 320 34.08 -8.80 0.03
C LEU D 320 32.82 -8.70 0.86
N VAL D 321 32.90 -7.99 1.99
CA VAL D 321 31.71 -7.73 2.81
C VAL D 321 30.62 -7.05 1.95
N GLU D 322 31.04 -6.02 1.21
CA GLU D 322 30.13 -5.27 0.34
C GLU D 322 29.41 -6.18 -0.67
N ARG D 323 30.16 -7.01 -1.40
CA ARG D 323 29.59 -7.89 -2.42
C ARG D 323 28.59 -8.91 -1.84
N VAL D 324 28.93 -9.47 -0.68
CA VAL D 324 28.04 -10.40 0.03
C VAL D 324 26.76 -9.68 0.51
N ALA D 325 26.90 -8.47 1.01
CA ALA D 325 25.75 -7.69 1.50
C ALA D 325 24.80 -7.24 0.37
N GLU D 326 25.31 -7.22 -0.88
CA GLU D 326 24.53 -6.85 -2.08
C GLU D 326 23.81 -8.04 -2.75
N ALA D 327 24.07 -9.25 -2.25
CA ALA D 327 23.72 -10.50 -2.95
C ALA D 327 22.32 -11.08 -2.62
N GLY D 328 21.60 -10.45 -1.69
CA GLY D 328 20.29 -10.95 -1.30
C GLY D 328 20.41 -12.13 -0.35
N LEU D 329 21.48 -12.12 0.44
CA LEU D 329 21.75 -13.24 1.33
C LEU D 329 21.64 -12.84 2.81
N GLY D 330 20.87 -11.78 3.10
CA GLY D 330 20.73 -11.29 4.48
C GLY D 330 21.96 -10.53 4.96
N LYS D 331 22.15 -10.53 6.27
CA LYS D 331 23.18 -9.75 6.95
C LYS D 331 24.51 -10.50 7.09
N VAL D 332 25.61 -9.75 7.05
CA VAL D 332 26.94 -10.26 7.26
C VAL D 332 27.31 -9.91 8.68
N ILE D 333 27.45 -10.93 9.53
CA ILE D 333 27.76 -10.75 10.96
C ILE D 333 29.09 -11.42 11.34
N GLU D 334 29.91 -10.68 12.09
CA GLU D 334 31.16 -11.17 12.65
C GLU D 334 30.97 -11.35 14.16
N VAL D 335 31.36 -12.52 14.69
CA VAL D 335 31.45 -12.74 16.13
C VAL D 335 32.91 -13.02 16.48
N ASP D 336 33.45 -12.16 17.34
CA ASP D 336 34.82 -12.24 17.85
C ASP D 336 34.98 -13.38 18.84
N LEU D 337 35.76 -14.40 18.47
CA LEU D 337 35.98 -15.58 19.33
C LEU D 337 37.38 -15.66 19.91
N THR D 338 38.17 -14.60 19.75
CA THR D 338 39.53 -14.54 20.28
C THR D 338 39.53 -14.97 21.75
N LEU D 339 40.41 -15.92 22.09
CA LEU D 339 40.55 -16.40 23.47
C LEU D 339 41.37 -15.43 24.28
N GLU D 340 40.98 -15.22 25.53
CA GLU D 340 41.70 -14.32 26.45
C GLU D 340 43.16 -14.73 26.65
N ASN D 341 43.38 -16.03 26.91
CA ASN D 341 44.73 -16.58 27.19
C ASN D 341 45.68 -16.53 25.99
N LEU D 342 45.25 -17.05 24.84
CA LEU D 342 45.97 -16.83 23.56
C LEU D 342 45.64 -15.44 23.05
N ASP D 343 46.43 -14.92 22.11
CA ASP D 343 46.03 -13.67 21.48
C ASP D 343 45.97 -13.87 19.96
N VAL D 344 45.20 -14.87 19.56
CA VAL D 344 45.08 -15.25 18.16
C VAL D 344 43.68 -14.85 17.71
N PRO D 345 43.58 -13.91 16.74
CA PRO D 345 42.26 -13.58 16.21
C PRO D 345 41.52 -14.81 15.66
N VAL D 346 40.33 -15.07 16.20
CA VAL D 346 39.40 -16.10 15.73
C VAL D 346 38.00 -15.47 15.59
N VAL D 347 37.33 -15.77 14.49
CA VAL D 347 35.97 -15.27 14.28
C VAL D 347 35.05 -16.38 13.82
N ARG D 348 33.77 -16.14 14.04
CA ARG D 348 32.72 -16.84 13.34
C ARG D 348 32.04 -15.81 12.45
N VAL D 349 32.01 -16.08 11.15
CA VAL D 349 31.21 -15.27 10.21
C VAL D 349 29.88 -15.96 9.86
N ARG D 350 28.75 -15.26 10.08
CA ARG D 350 27.42 -15.72 9.61
C ARG D 350 26.87 -14.76 8.59
N VAL D 351 26.43 -15.33 7.48
CA VAL D 351 25.64 -14.65 6.49
C VAL D 351 24.24 -15.27 6.65
N THR D 352 23.32 -14.49 7.25
CA THR D 352 22.01 -14.97 7.75
C THR D 352 21.11 -15.68 6.74
N GLY D 353 21.18 -15.29 5.47
CA GLY D 353 20.42 -15.92 4.40
C GLY D 353 21.26 -16.73 3.42
N ALA D 354 22.52 -17.00 3.75
CA ALA D 354 23.33 -17.92 2.94
C ALA D 354 22.91 -19.35 3.26
N SER D 355 22.93 -20.20 2.24
CA SER D 355 22.47 -21.56 2.38
C SER D 355 23.53 -22.47 2.98
N GLU D 356 23.09 -23.35 3.87
CA GLU D 356 23.95 -24.39 4.44
C GLU D 356 23.30 -25.76 4.31
N TYR D 357 22.68 -25.97 3.14
CA TYR D 357 21.91 -27.19 2.84
C TYR D 357 22.79 -28.44 2.84
N VAL D 358 24.03 -28.30 2.36
CA VAL D 358 25.03 -29.37 2.39
C VAL D 358 25.36 -29.87 3.80
N ILE D 359 25.27 -28.98 4.79
CA ILE D 359 25.57 -29.32 6.18
C ILE D 359 24.35 -29.95 6.84
N ASP D 360 23.18 -29.34 6.62
CA ASP D 360 21.91 -29.81 7.18
C ASP D 360 20.80 -29.34 6.25
N GLU D 361 19.90 -30.25 5.90
CA GLU D 361 18.77 -29.99 4.97
C GLU D 361 17.82 -28.87 5.39
N ALA D 362 17.68 -28.67 6.70
CA ALA D 362 16.87 -27.59 7.28
C ALA D 362 17.45 -26.18 7.06
N ARG D 363 18.78 -26.07 7.02
CA ARG D 363 19.49 -24.77 6.79
C ARG D 363 19.41 -24.35 5.31
N VAL D 364 18.20 -24.10 4.84
CA VAL D 364 17.92 -23.82 3.42
C VAL D 364 18.40 -22.42 3.02
N GLY D 365 18.16 -21.44 3.90
CA GLY D 365 18.48 -20.03 3.63
C GLY D 365 17.65 -19.45 2.49
N ASN D 366 18.04 -18.26 2.01
CA ASN D 366 17.38 -17.59 0.89
C ASN D 366 17.55 -18.36 -0.42
N MSE D 367 16.56 -19.17 -0.79
CA MSE D 367 16.61 -19.92 -2.06
C MSE D 367 15.76 -19.26 -3.11
O MSE D 367 14.65 -18.79 -2.80
CB MSE D 367 16.16 -21.36 -1.86
CG MSE D 367 17.27 -22.20 -1.23
SE MSE D 367 18.75 -22.53 -2.48
CE MSE D 367 19.53 -23.98 -1.40
N PRO D 368 16.26 -19.19 -4.37
CA PRO D 368 15.38 -18.69 -5.44
C PRO D 368 14.41 -19.79 -5.88
N GLU D 369 13.34 -19.42 -6.57
CA GLU D 369 12.44 -20.45 -7.13
C GLU D 369 13.01 -21.08 -8.40
N LYS D 370 13.65 -20.27 -9.24
CA LYS D 370 14.37 -20.73 -10.42
C LYS D 370 15.88 -20.94 -10.11
N PRO D 371 16.47 -22.08 -10.56
CA PRO D 371 17.93 -22.29 -10.47
C PRO D 371 18.70 -21.29 -11.37
N PRO D 372 19.91 -20.85 -10.93
CA PRO D 372 20.71 -19.83 -11.64
C PRO D 372 20.89 -20.04 -13.15
N GLY D 373 20.87 -18.94 -13.91
CA GLY D 373 21.06 -18.97 -15.37
C GLY D 373 21.99 -17.86 -15.84
N MSE E 1 11.67 3.23 -28.74
CA MSE E 1 13.16 3.17 -28.89
C MSE E 1 13.82 2.48 -27.67
O MSE E 1 14.22 1.32 -27.79
CB MSE E 1 13.75 4.57 -29.15
CG MSE E 1 13.14 5.35 -30.31
SE MSE E 1 14.21 5.33 -31.77
CE MSE E 1 13.11 5.95 -33.05
N THR E 2 13.95 3.17 -26.53
CA THR E 2 14.62 2.58 -25.34
C THR E 2 13.66 2.04 -24.30
N ASP E 3 13.74 0.74 -24.05
CA ASP E 3 12.90 0.08 -23.08
C ASP E 3 13.19 0.53 -21.65
N ILE E 4 12.11 0.74 -20.90
CA ILE E 4 12.21 0.95 -19.47
C ILE E 4 12.21 -0.44 -18.82
N VAL E 5 13.37 -0.84 -18.31
CA VAL E 5 13.51 -2.19 -17.70
C VAL E 5 13.32 -2.24 -16.18
N TYR E 6 13.35 -1.05 -15.56
CA TYR E 6 13.29 -0.93 -14.11
C TYR E 6 12.47 0.29 -13.77
N ASP E 7 11.52 0.11 -12.87
CA ASP E 7 10.65 1.20 -12.47
C ASP E 7 10.26 1.17 -10.98
N VAL E 8 11.20 0.78 -10.13
CA VAL E 8 10.94 0.80 -8.68
C VAL E 8 11.12 2.21 -8.10
N GLU E 9 12.36 2.69 -7.93
CA GLU E 9 12.60 4.03 -7.34
C GLU E 9 12.54 5.16 -8.41
N GLY E 10 12.56 4.76 -9.68
CA GLY E 10 12.64 5.68 -10.81
C GLY E 10 12.66 4.89 -12.11
N PHE E 11 12.50 5.58 -13.23
CA PHE E 11 12.41 4.90 -14.55
C PHE E 11 13.79 4.83 -15.18
N ARG E 12 14.31 3.59 -15.31
CA ARG E 12 15.68 3.34 -15.77
C ARG E 12 15.75 2.40 -16.96
N ALA E 13 16.71 2.68 -17.85
CA ALA E 13 17.02 1.86 -19.02
C ALA E 13 17.92 0.64 -18.67
N PHE E 14 18.44 0.61 -17.45
CA PHE E 14 19.31 -0.47 -16.97
C PHE E 14 18.87 -0.96 -15.60
N LEU E 15 19.15 -2.23 -15.30
CA LEU E 15 18.96 -2.75 -13.97
C LEU E 15 20.05 -2.18 -13.04
N PRO E 16 19.71 -1.90 -11.77
CA PRO E 16 20.66 -1.34 -10.79
C PRO E 16 21.95 -2.14 -10.63
N LYS E 17 21.88 -3.47 -10.61
CA LYS E 17 23.10 -4.31 -10.61
C LYS E 17 24.04 -4.00 -11.78
N GLU E 18 23.49 -3.77 -12.97
CA GLU E 18 24.26 -3.40 -14.17
C GLU E 18 24.93 -2.04 -13.99
N THR E 19 24.15 -1.05 -13.51
CA THR E 19 24.63 0.31 -13.30
C THR E 19 25.71 0.39 -12.23
N LEU E 20 25.61 -0.43 -11.19
CA LEU E 20 26.60 -0.45 -10.13
C LEU E 20 27.95 -0.99 -10.61
N ARG E 21 27.92 -2.00 -11.48
CA ARG E 21 29.11 -2.55 -12.12
C ARG E 21 29.81 -1.44 -12.89
N TRP E 22 28.99 -0.71 -13.64
CA TRP E 22 29.40 0.37 -14.52
C TRP E 22 30.02 1.54 -13.75
N ILE E 23 29.36 1.94 -12.64
CA ILE E 23 29.88 2.94 -11.70
C ILE E 23 31.25 2.52 -11.14
N ARG E 24 31.33 1.27 -10.67
CA ARG E 24 32.58 0.73 -10.13
C ARG E 24 33.68 0.63 -11.18
N HIS E 25 33.33 0.13 -12.37
CA HIS E 25 34.30 -0.03 -13.46
C HIS E 25 34.89 1.32 -13.93
N ARG E 26 34.05 2.35 -14.01
CA ARG E 26 34.47 3.69 -14.42
C ARG E 26 35.08 4.52 -13.27
N GLU E 27 35.11 3.94 -12.06
CA GLU E 27 35.70 4.57 -10.85
C GLU E 27 35.11 5.95 -10.54
N LEU E 28 33.78 6.06 -10.66
CA LEU E 28 33.09 7.37 -10.61
C LEU E 28 33.23 8.11 -9.28
N GLU E 29 33.11 7.36 -8.19
CA GLU E 29 33.13 7.96 -6.87
C GLU E 29 34.49 8.54 -6.51
N ARG E 30 35.56 7.80 -6.82
CA ARG E 30 36.91 8.31 -6.64
C ARG E 30 37.12 9.61 -7.45
N LYS E 31 36.77 9.56 -8.74
CA LYS E 31 36.96 10.68 -9.69
C LYS E 31 36.21 11.96 -9.35
N VAL E 32 35.21 11.83 -8.50
CA VAL E 32 34.30 12.90 -8.16
C VAL E 32 34.56 13.42 -6.73
N GLY E 33 35.51 12.78 -6.03
CA GLY E 33 36.06 13.32 -4.79
C GLY E 33 35.48 12.73 -3.51
N VAL E 34 34.94 11.52 -3.64
CA VAL E 34 34.40 10.77 -2.50
C VAL E 34 35.57 10.23 -1.67
N VAL E 35 35.56 10.58 -0.38
CA VAL E 35 36.66 10.24 0.54
C VAL E 35 36.21 9.39 1.74
N GLU E 36 34.89 9.33 1.97
CA GLU E 36 34.34 8.44 2.98
C GLU E 36 32.94 7.91 2.57
N LYS E 37 32.70 6.66 2.92
CA LYS E 37 31.44 5.95 2.64
C LYS E 37 30.89 5.33 3.92
N PHE E 38 29.59 5.48 4.15
CA PHE E 38 28.91 4.80 5.25
C PHE E 38 27.69 4.03 4.75
N SER E 39 27.40 2.92 5.41
CA SER E 39 26.18 2.16 5.19
C SER E 39 25.31 2.10 6.45
N ASP E 40 24.06 2.55 6.30
CA ASP E 40 23.07 2.50 7.37
C ASP E 40 21.88 1.63 6.92
N ARG E 41 21.00 1.31 7.86
CA ARG E 41 19.74 0.64 7.57
C ARG E 41 18.73 1.20 8.55
N VAL E 42 17.67 1.80 8.00
CA VAL E 42 16.63 2.41 8.81
C VAL E 42 15.41 1.50 8.67
N GLY E 43 15.13 0.75 9.73
CA GLY E 43 14.22 -0.39 9.64
C GLY E 43 14.75 -1.34 8.58
N PRO E 44 13.93 -1.63 7.55
CA PRO E 44 14.38 -2.50 6.46
C PRO E 44 15.10 -1.76 5.33
N ILE E 45 15.23 -0.43 5.43
CA ILE E 45 15.68 0.40 4.29
C ILE E 45 17.18 0.69 4.28
N PRO E 46 17.89 0.20 3.24
CA PRO E 46 19.31 0.55 3.14
C PRO E 46 19.51 2.03 2.79
N VAL E 47 20.40 2.69 3.54
CA VAL E 47 20.75 4.08 3.29
C VAL E 47 22.27 4.17 3.17
N GLU E 48 22.71 4.93 2.18
CA GLU E 48 24.13 5.14 1.95
C GLU E 48 24.47 6.61 2.15
N ILE E 49 25.59 6.86 2.82
CA ILE E 49 26.08 8.22 3.11
C ILE E 49 27.46 8.36 2.48
N ARG E 50 27.72 9.51 1.88
CA ARG E 50 29.01 9.80 1.25
C ARG E 50 29.54 11.15 1.72
N ARG E 51 30.83 11.20 2.04
CA ARG E 51 31.55 12.44 2.33
C ARG E 51 32.38 12.76 1.10
N ARG E 52 32.14 13.91 0.51
CA ARG E 52 32.73 14.27 -0.78
C ARG E 52 33.50 15.57 -0.62
N ARG E 53 34.71 15.59 -1.13
CA ARG E 53 35.51 16.81 -1.06
C ARG E 53 35.85 17.31 -2.46
N SER E 54 35.73 18.62 -2.65
CA SER E 54 36.23 19.27 -3.86
C SER E 54 36.72 20.68 -3.53
N GLN E 55 37.35 21.31 -4.52
CA GLN E 55 37.74 22.72 -4.46
C GLN E 55 36.62 23.71 -4.09
N TYR E 56 35.37 23.23 -4.10
CA TYR E 56 34.20 24.05 -3.70
C TYR E 56 33.74 23.71 -2.28
N GLY E 57 34.46 22.82 -1.61
CA GLY E 57 34.19 22.44 -0.23
C GLY E 57 34.01 20.95 0.07
N GLU E 58 33.46 20.69 1.25
CA GLU E 58 33.12 19.35 1.73
C GLU E 58 31.60 19.21 1.81
N PHE E 59 31.08 18.11 1.27
CA PHE E 59 29.64 17.87 1.20
C PHE E 59 29.31 16.46 1.69
N TYR E 60 28.14 16.32 2.32
CA TYR E 60 27.55 15.02 2.59
C TYR E 60 26.41 14.75 1.63
N HIS E 61 26.54 13.67 0.87
CA HIS E 61 25.47 13.18 0.01
C HIS E 61 24.96 11.83 0.52
N ALA E 62 23.70 11.54 0.20
CA ALA E 62 23.10 10.32 0.66
C ALA E 62 22.47 9.62 -0.52
N GLY E 63 22.31 8.30 -0.40
CA GLY E 63 21.51 7.52 -1.34
C GLY E 63 20.69 6.55 -0.54
N LYS E 64 19.71 5.93 -1.19
CA LYS E 64 18.78 4.98 -0.55
C LYS E 64 18.08 4.17 -1.64
N GLY E 65 17.38 3.11 -1.23
CA GLY E 65 16.64 2.26 -2.17
C GLY E 65 15.99 1.08 -1.47
N THR E 66 15.26 0.26 -2.21
CA THR E 66 14.67 -0.96 -1.64
C THR E 66 15.73 -2.04 -1.45
N THR E 67 16.80 -1.96 -2.23
CA THR E 67 17.95 -2.89 -2.14
C THR E 67 19.25 -2.10 -1.87
N ARG E 68 20.26 -2.81 -1.38
CA ARG E 68 21.58 -2.24 -1.11
C ARG E 68 22.24 -1.79 -2.41
N ILE E 69 22.05 -2.57 -3.47
CA ILE E 69 22.59 -2.20 -4.77
C ILE E 69 22.07 -0.82 -5.20
N GLN E 70 20.76 -0.64 -5.18
CA GLN E 70 20.17 0.62 -5.57
C GLN E 70 20.57 1.77 -4.64
N ALA E 71 20.66 1.50 -3.33
CA ALA E 71 21.13 2.55 -2.41
C ALA E 71 22.55 3.04 -2.77
N ARG E 72 23.39 2.10 -3.22
CA ARG E 72 24.78 2.39 -3.58
C ARG E 72 24.91 3.10 -4.93
N VAL E 73 24.06 2.73 -5.90
CA VAL E 73 23.95 3.51 -7.16
C VAL E 73 23.40 4.92 -6.95
N SER E 74 22.33 5.02 -6.16
CA SER E 74 21.69 6.28 -5.80
C SER E 74 22.70 7.26 -5.17
N ALA E 75 23.51 6.77 -4.22
CA ALA E 75 24.55 7.56 -3.54
C ALA E 75 25.67 7.99 -4.48
N ALA E 76 26.18 7.04 -5.28
CA ALA E 76 27.23 7.31 -6.27
C ALA E 76 26.76 8.35 -7.26
N MSE E 77 25.55 8.15 -7.79
CA MSE E 77 24.99 9.02 -8.83
C MSE E 77 24.65 10.40 -8.29
O MSE E 77 24.80 11.39 -9.01
CB MSE E 77 23.85 8.36 -9.61
CG MSE E 77 24.34 7.13 -10.38
SE MSE E 77 25.60 7.60 -11.83
CE MSE E 77 24.28 8.04 -13.21
N GLU E 78 24.22 10.50 -7.03
CA GLU E 78 24.08 11.84 -6.41
C GLU E 78 25.44 12.59 -6.30
N CYS E 79 26.53 11.87 -6.01
CA CYS E 79 27.87 12.46 -5.99
C CYS E 79 28.29 13.01 -7.36
N VAL E 80 28.08 12.22 -8.42
CA VAL E 80 28.33 12.64 -9.80
C VAL E 80 27.51 13.90 -10.15
N GLU E 81 26.23 13.85 -9.82
CA GLU E 81 25.30 14.96 -10.02
C GLU E 81 25.82 16.30 -9.44
N ARG E 82 26.21 16.27 -8.17
CA ARG E 82 26.67 17.49 -7.48
C ARG E 82 28.06 18.00 -7.94
N ALA E 83 28.95 17.08 -8.33
CA ALA E 83 30.22 17.46 -8.97
C ALA E 83 30.00 18.16 -10.30
N ALA E 84 29.05 17.65 -11.08
CA ALA E 84 28.74 18.21 -12.40
C ALA E 84 28.09 19.59 -12.29
N ALA E 85 27.49 19.89 -11.15
CA ALA E 85 26.82 21.19 -10.96
C ALA E 85 27.74 22.26 -10.39
N GLU E 86 29.00 21.91 -10.11
CA GLU E 86 29.98 22.89 -9.63
C GLU E 86 30.26 23.91 -10.72
N PRO E 87 30.31 25.22 -10.36
CA PRO E 87 30.56 26.33 -11.32
C PRO E 87 31.69 26.00 -12.27
N ARG E 88 31.48 26.27 -13.55
CA ARG E 88 32.39 25.81 -14.60
C ARG E 88 32.49 26.88 -15.70
N GLU E 89 33.68 27.48 -15.82
CA GLU E 89 33.91 28.66 -16.66
C GLU E 89 33.71 28.39 -18.16
N GLU E 90 34.10 27.18 -18.59
CA GLU E 90 33.98 26.74 -19.99
C GLU E 90 32.57 26.88 -20.59
N ILE E 91 31.55 26.86 -19.76
CA ILE E 91 30.17 26.94 -20.26
C ILE E 91 29.44 28.21 -19.81
N ILE E 92 30.15 29.13 -19.15
CA ILE E 92 29.57 30.43 -18.76
C ILE E 92 29.69 31.46 -19.90
N GLU E 93 28.61 32.22 -20.13
CA GLU E 93 28.57 33.30 -21.12
C GLU E 93 28.13 34.60 -20.49
N ARG E 94 28.81 35.70 -20.85
CA ARG E 94 28.60 36.99 -20.18
C ARG E 94 27.84 38.05 -20.99
N GLY E 95 27.96 38.01 -22.31
CA GLY E 95 27.13 38.85 -23.16
C GLY E 95 26.43 37.95 -24.17
N PRO E 96 25.42 37.20 -23.73
CA PRO E 96 24.83 36.23 -24.65
C PRO E 96 23.84 36.87 -25.63
N GLU E 97 23.89 36.41 -26.88
CA GLU E 97 22.92 36.81 -27.88
C GLU E 97 21.88 35.68 -28.03
N GLY E 98 20.60 36.03 -27.83
CA GLY E 98 19.49 35.09 -27.91
C GLY E 98 18.43 35.28 -26.84
N ASP E 99 17.51 34.34 -26.75
CA ASP E 99 16.50 34.36 -25.69
C ASP E 99 17.14 34.08 -24.32
N LYS E 100 16.69 34.85 -23.33
CA LYS E 100 17.14 34.74 -21.95
C LYS E 100 15.92 34.52 -21.09
N TRP E 101 16.06 33.72 -20.05
CA TRP E 101 15.08 33.73 -18.96
C TRP E 101 15.64 34.57 -17.80
N THR E 102 14.92 35.61 -17.42
CA THR E 102 15.27 36.44 -16.28
C THR E 102 14.18 36.29 -15.21
N PRO E 103 14.49 35.56 -14.10
CA PRO E 103 13.49 35.34 -13.04
C PRO E 103 13.04 36.68 -12.42
N ALA E 104 11.78 36.72 -11.96
CA ALA E 104 11.14 37.93 -11.45
C ALA E 104 11.84 38.62 -10.26
N TRP E 105 12.45 37.82 -9.38
CA TRP E 105 13.07 38.35 -8.17
C TRP E 105 14.32 39.20 -8.43
N TYR E 106 14.98 38.96 -9.56
CA TYR E 106 16.10 39.80 -9.99
C TYR E 106 15.71 41.27 -10.12
N ARG E 107 16.39 42.11 -9.34
CA ARG E 107 16.27 43.56 -9.44
C ARG E 107 17.27 44.17 -10.44
N THR E 108 18.41 43.50 -10.61
CA THR E 108 19.38 43.86 -11.66
C THR E 108 19.67 42.67 -12.57
N GLU E 109 19.87 42.94 -13.86
CA GLU E 109 20.20 41.93 -14.87
C GLU E 109 21.34 40.98 -14.42
N PRO E 110 21.12 39.64 -14.50
CA PRO E 110 22.22 38.69 -14.29
C PRO E 110 23.36 38.93 -15.28
N ARG E 111 24.59 38.68 -14.82
CA ARG E 111 25.80 38.92 -15.60
C ARG E 111 26.40 37.61 -16.16
N GLU E 112 26.10 36.49 -15.48
CA GLU E 112 26.59 35.16 -15.91
C GLU E 112 25.44 34.24 -16.29
N TRP E 113 25.59 33.57 -17.43
CA TRP E 113 24.52 32.79 -18.04
C TRP E 113 25.03 31.46 -18.53
N VAL E 114 24.13 30.47 -18.61
CA VAL E 114 24.45 29.20 -19.27
C VAL E 114 23.37 28.92 -20.33
N GLU E 115 23.79 28.39 -21.48
CA GLU E 115 22.86 28.08 -22.56
C GLU E 115 22.12 26.76 -22.28
N GLY E 116 20.78 26.84 -22.27
CA GLY E 116 19.92 25.66 -22.24
C GLY E 116 19.09 25.53 -23.51
N VAL E 117 18.18 24.56 -23.51
CA VAL E 117 17.23 24.32 -24.61
C VAL E 117 15.82 24.37 -24.04
N ASP E 118 14.94 25.09 -24.74
CA ASP E 118 13.52 25.11 -24.45
C ASP E 118 12.96 23.77 -24.96
N LEU E 119 12.44 22.95 -24.04
CA LEU E 119 12.02 21.58 -24.37
C LEU E 119 10.69 21.47 -25.15
N THR E 120 9.91 22.56 -25.16
CA THR E 120 8.72 22.68 -26.00
C THR E 120 9.16 23.08 -27.42
N THR E 121 9.86 24.21 -27.54
CA THR E 121 10.15 24.78 -28.87
C THR E 121 11.45 24.28 -29.52
N ARG E 122 12.31 23.63 -28.73
CA ARG E 122 13.62 23.14 -29.19
C ARG E 122 14.62 24.26 -29.56
N GLU E 123 14.27 25.50 -29.21
CA GLU E 123 15.15 26.66 -29.42
C GLU E 123 16.07 26.88 -28.22
N PRO E 124 17.27 27.46 -28.46
CA PRO E 124 18.17 27.87 -27.36
C PRO E 124 17.55 28.95 -26.46
N VAL E 125 17.89 28.93 -25.17
CA VAL E 125 17.47 29.94 -24.20
C VAL E 125 18.48 29.98 -23.03
N TYR E 126 18.83 31.20 -22.60
CA TYR E 126 19.83 31.39 -21.56
C TYR E 126 19.21 31.45 -20.18
N VAL E 127 19.89 30.78 -19.25
CA VAL E 127 19.48 30.69 -17.86
C VAL E 127 20.63 31.26 -17.02
N PRO E 128 20.32 32.06 -15.97
CA PRO E 128 21.39 32.60 -15.11
C PRO E 128 22.19 31.48 -14.47
N ALA E 129 23.51 31.66 -14.36
CA ALA E 129 24.40 30.67 -13.74
C ALA E 129 23.94 30.29 -12.32
N ASN E 130 23.34 31.25 -11.59
CA ASN E 130 22.84 31.00 -10.24
C ASN E 130 21.67 30.01 -10.18
N GLU E 131 21.07 29.76 -11.34
CA GLU E 131 19.95 28.85 -11.47
C GLU E 131 20.41 27.51 -12.05
N VAL E 132 21.71 27.40 -12.32
CA VAL E 132 22.29 26.23 -12.97
C VAL E 132 23.26 25.52 -12.04
N PHE E 133 24.25 26.25 -11.54
CA PHE E 133 25.31 25.66 -10.73
C PHE E 133 24.98 25.62 -9.24
N HIS E 134 25.70 24.78 -8.51
CA HIS E 134 25.73 24.81 -7.04
C HIS E 134 27.12 24.35 -6.58
N PRO E 135 27.78 25.06 -5.65
CA PRO E 135 27.29 26.34 -5.10
C PRO E 135 27.68 27.54 -5.99
N TRP E 136 26.81 28.54 -6.08
CA TRP E 136 27.11 29.75 -6.82
C TRP E 136 26.95 30.89 -5.85
N LEU E 137 28.04 31.63 -5.64
CA LEU E 137 28.08 32.62 -4.56
C LEU E 137 27.50 33.98 -4.96
N GLY E 138 27.37 34.21 -6.27
CA GLY E 138 27.24 35.54 -6.86
C GLY E 138 25.99 36.41 -7.01
N ASP E 139 24.79 35.90 -6.76
CA ASP E 139 23.61 36.80 -6.90
C ASP E 139 22.93 37.02 -5.55
N ALA E 140 21.72 37.58 -5.54
CA ALA E 140 20.99 37.81 -4.29
C ALA E 140 20.63 36.49 -3.55
N LEU E 141 20.06 35.54 -4.28
CA LEU E 141 19.53 34.32 -3.68
C LEU E 141 20.55 33.19 -3.66
N PRO E 142 20.49 32.35 -2.61
CA PRO E 142 21.37 31.18 -2.66
C PRO E 142 21.06 30.25 -3.83
N SER E 143 22.13 29.69 -4.37
CA SER E 143 22.14 28.51 -5.22
C SER E 143 21.33 27.36 -4.58
N HIS E 144 20.83 26.42 -5.37
CA HIS E 144 20.21 25.19 -4.85
C HIS E 144 20.34 24.03 -5.84
N THR E 145 19.81 22.86 -5.46
CA THR E 145 19.97 21.61 -6.22
C THR E 145 18.65 21.05 -6.84
N ASN E 146 17.55 21.78 -6.69
CA ASN E 146 16.26 21.41 -7.24
C ASN E 146 16.25 21.35 -8.77
N GLY E 147 15.85 20.19 -9.30
CA GLY E 147 15.86 20.00 -10.77
C GLY E 147 17.14 19.39 -11.32
N LEU E 148 18.13 19.24 -10.44
CA LEU E 148 19.41 18.64 -10.80
C LEU E 148 19.31 17.13 -10.78
N SER E 149 19.83 16.47 -11.79
CA SER E 149 19.71 15.04 -11.88
C SER E 149 20.77 14.40 -12.76
N ALA E 150 21.23 13.23 -12.35
CA ALA E 150 22.12 12.38 -13.16
C ALA E 150 21.38 11.13 -13.63
N GLY E 151 21.87 10.54 -14.72
CA GLY E 151 21.36 9.27 -15.24
C GLY E 151 22.33 8.58 -16.19
N ARG E 152 21.97 7.40 -16.65
CA ARG E 152 22.77 6.69 -17.63
C ARG E 152 22.45 7.14 -19.03
N LEU E 153 21.24 7.65 -19.22
CA LEU E 153 20.84 8.33 -20.43
C LEU E 153 20.29 9.68 -20.02
N ARG E 154 20.34 10.64 -20.94
CA ARG E 154 19.89 11.97 -20.61
C ARG E 154 18.38 12.03 -20.33
N GLU E 155 17.62 11.13 -20.97
CA GLU E 155 16.17 11.03 -20.75
C GLU E 155 15.85 10.66 -19.31
N GLU E 156 16.69 9.78 -18.73
CA GLU E 156 16.58 9.39 -17.31
C GLU E 156 16.72 10.60 -16.40
N ALA E 157 17.72 11.45 -16.71
CA ALA E 157 18.00 12.64 -15.91
C ALA E 157 16.90 13.71 -16.09
N VAL E 158 16.42 13.90 -17.30
CA VAL E 158 15.28 14.80 -17.53
C VAL E 158 14.01 14.36 -16.79
N ILE E 159 13.64 13.08 -16.92
CA ILE E 159 12.47 12.56 -16.20
C ILE E 159 12.62 12.84 -14.70
N GLN E 160 13.70 12.36 -14.09
CA GLN E 160 13.91 12.45 -12.65
C GLN E 160 13.98 13.92 -12.16
N GLY E 161 14.68 14.76 -12.93
CA GLY E 161 14.79 16.19 -12.66
C GLY E 161 13.49 16.96 -12.75
N LEU E 162 12.71 16.67 -13.79
CA LEU E 162 11.41 17.31 -13.98
C LEU E 162 10.44 16.93 -12.87
N LEU E 163 10.47 15.67 -12.47
CA LEU E 163 9.58 15.18 -11.42
C LEU E 163 9.90 15.81 -10.07
N GLU E 164 11.20 16.03 -9.83
CA GLU E 164 11.67 16.72 -8.63
C GLU E 164 11.15 18.16 -8.58
N VAL E 165 11.20 18.86 -9.71
CA VAL E 165 10.63 20.19 -9.83
C VAL E 165 9.14 20.21 -9.49
N VAL E 166 8.38 19.27 -10.06
CA VAL E 166 6.94 19.15 -9.80
C VAL E 166 6.68 18.86 -8.30
N GLU E 167 7.48 17.98 -7.72
CA GLU E 167 7.42 17.61 -6.31
C GLU E 167 7.53 18.86 -5.39
N ARG E 168 8.55 19.69 -5.62
CA ARG E 168 8.77 20.90 -4.83
C ARG E 168 7.76 22.01 -5.17
N ASP E 169 7.18 21.98 -6.36
CA ASP E 169 6.04 22.83 -6.68
C ASP E 169 4.81 22.51 -5.80
N SER E 170 4.45 21.24 -5.73
CA SER E 170 3.32 20.79 -4.90
C SER E 170 3.57 21.07 -3.41
N TRP E 171 4.76 20.74 -2.93
CA TRP E 171 5.18 21.08 -1.56
C TRP E 171 5.08 22.59 -1.28
N SER E 172 5.62 23.41 -2.19
CA SER E 172 5.54 24.87 -2.11
C SER E 172 4.09 25.33 -2.02
N ILE E 173 3.23 24.76 -2.85
CA ILE E 173 1.80 25.08 -2.86
C ILE E 173 1.20 24.86 -1.49
N VAL E 174 1.50 23.70 -0.91
CA VAL E 174 0.97 23.29 0.40
C VAL E 174 1.45 24.22 1.51
N GLU E 175 2.74 24.52 1.55
CA GLU E 175 3.26 25.43 2.57
C GLU E 175 2.73 26.87 2.42
N TYR E 176 2.76 27.40 1.21
CA TYR E 176 2.33 28.78 0.91
C TYR E 176 0.90 29.06 1.37
N PHE E 177 -0.04 28.18 1.00
CA PHE E 177 -1.45 28.36 1.32
C PHE E 177 -1.90 27.67 2.61
N ARG E 178 -0.97 26.94 3.24
CA ARG E 178 -1.29 26.07 4.38
C ARG E 178 -2.49 25.14 4.11
N ILE E 179 -2.49 24.48 2.95
CA ILE E 179 -3.48 23.45 2.60
C ILE E 179 -3.30 22.24 3.53
N HIS E 180 -4.42 21.64 3.91
CA HIS E 180 -4.45 20.38 4.64
C HIS E 180 -4.67 19.25 3.61
N PRO E 181 -3.59 18.65 3.06
CA PRO E 181 -3.82 17.63 2.04
C PRO E 181 -4.45 16.35 2.63
N PRO E 182 -5.21 15.59 1.81
CA PRO E 182 -5.87 14.39 2.35
C PRO E 182 -4.88 13.30 2.75
N GLU E 183 -5.30 12.46 3.69
CA GLU E 183 -4.61 11.23 4.04
C GLU E 183 -4.68 10.28 2.84
N LEU E 184 -3.58 9.61 2.54
CA LEU E 184 -3.56 8.65 1.45
C LEU E 184 -3.49 7.23 2.01
N GLU E 185 -4.42 6.41 1.56
CA GLU E 185 -4.57 5.03 2.01
C GLU E 185 -3.87 4.11 1.02
N VAL E 186 -2.99 3.26 1.55
CA VAL E 186 -2.25 2.26 0.77
C VAL E 186 -2.35 0.87 1.41
N HIS E 187 -1.86 -0.14 0.68
CA HIS E 187 -2.01 -1.57 1.01
C HIS E 187 -0.73 -2.32 0.68
N GLY E 188 -0.73 -3.63 0.96
CA GLY E 188 0.32 -4.54 0.54
C GLY E 188 1.71 -4.11 1.01
N GLU E 189 2.66 -4.25 0.10
CA GLU E 189 4.06 -3.95 0.39
C GLU E 189 4.31 -2.51 0.86
N LEU E 190 3.52 -1.57 0.36
CA LEU E 190 3.66 -0.16 0.72
C LEU E 190 3.17 0.15 2.13
N GLU E 191 2.04 -0.44 2.52
CA GLU E 191 1.56 -0.32 3.91
C GLU E 191 2.51 -1.05 4.86
N GLU E 192 3.00 -2.22 4.44
CA GLU E 192 4.04 -2.97 5.16
C GLU E 192 5.27 -2.08 5.43
N LEU E 193 5.75 -1.40 4.39
CA LEU E 193 6.88 -0.49 4.51
C LEU E 193 6.61 0.67 5.46
N ARG E 194 5.46 1.34 5.36
CA ARG E 194 5.18 2.44 6.31
C ARG E 194 5.00 1.98 7.77
N ARG E 195 4.47 0.77 7.95
CA ARG E 195 4.42 0.11 9.26
C ARG E 195 5.80 -0.15 9.84
N SER E 196 6.71 -0.67 9.01
CA SER E 196 8.10 -0.92 9.39
C SER E 196 8.77 0.35 9.84
N LEU E 197 8.59 1.41 9.05
CA LEU E 197 9.16 2.73 9.38
C LEU E 197 8.51 3.36 10.60
N GLU E 198 7.20 3.16 10.75
CA GLU E 198 6.44 3.70 11.89
C GLU E 198 6.96 3.11 13.22
N ARG E 199 7.25 1.80 13.18
CA ARG E 199 7.86 1.08 14.29
C ARG E 199 9.21 1.68 14.68
N GLU E 200 9.98 2.10 13.66
CA GLU E 200 11.28 2.76 13.85
C GLU E 200 11.19 4.11 14.53
N VAL E 201 10.13 4.87 14.26
CA VAL E 201 10.14 6.30 14.61
C VAL E 201 9.00 6.78 15.54
N GLY E 202 7.84 6.12 15.51
CA GLY E 202 6.68 6.59 16.27
C GLY E 202 5.41 6.69 15.46
N ARG E 203 5.43 7.54 14.43
CA ARG E 203 4.26 7.84 13.61
C ARG E 203 4.69 8.23 12.19
N VAL E 204 4.15 7.55 11.17
CA VAL E 204 4.38 7.95 9.76
C VAL E 204 3.07 8.20 9.02
N GLU E 205 2.85 9.45 8.63
CA GLU E 205 1.62 9.88 7.97
C GLU E 205 1.84 10.07 6.46
N LEU E 206 0.97 9.48 5.64
CA LEU E 206 1.00 9.66 4.19
C LEU E 206 -0.05 10.65 3.69
N ARG E 207 0.35 11.53 2.77
CA ARG E 207 -0.56 12.51 2.18
C ARG E 207 -0.43 12.57 0.66
N LEU E 208 -1.58 12.68 -0.02
CA LEU E 208 -1.59 13.01 -1.45
C LEU E 208 -1.62 14.52 -1.64
N LEU E 209 -0.51 15.06 -2.11
CA LEU E 209 -0.38 16.50 -2.33
C LEU E 209 -1.15 16.94 -3.58
N PRO E 210 -1.64 18.19 -3.61
CA PRO E 210 -2.25 18.68 -4.83
C PRO E 210 -1.17 18.86 -5.90
N SER E 211 -1.42 18.31 -7.09
CA SER E 211 -0.50 18.42 -8.20
C SER E 211 -1.02 19.39 -9.25
N ARG E 212 -0.17 20.31 -9.70
CA ARG E 212 -0.55 21.22 -10.79
C ARG E 212 -0.24 20.70 -12.19
N VAL E 213 0.23 19.46 -12.26
CA VAL E 213 0.63 18.85 -13.53
C VAL E 213 -0.24 17.60 -13.71
N GLU E 214 -1.05 17.61 -14.76
CA GLU E 214 -1.95 16.51 -15.07
C GLU E 214 -1.19 15.20 -15.30
N GLY E 215 -1.65 14.13 -14.64
CA GLY E 215 -1.03 12.79 -14.79
C GLY E 215 0.22 12.53 -13.97
N VAL E 216 0.57 13.46 -13.07
CA VAL E 216 1.70 13.28 -12.15
C VAL E 216 1.15 13.37 -10.73
N TYR E 217 1.50 12.39 -9.91
CA TYR E 217 1.12 12.32 -8.51
C TYR E 217 2.26 12.76 -7.60
N VAL E 218 1.94 13.51 -6.55
CA VAL E 218 2.92 13.92 -5.56
C VAL E 218 2.47 13.44 -4.17
N VAL E 219 3.36 12.72 -3.49
CA VAL E 219 3.08 12.17 -2.15
C VAL E 219 4.06 12.76 -1.15
N GLY E 220 3.53 13.09 0.03
CA GLY E 220 4.34 13.51 1.18
C GLY E 220 4.21 12.50 2.31
N ALA E 221 5.29 12.26 3.03
CA ALA E 221 5.30 11.46 4.24
C ALA E 221 5.85 12.31 5.38
N VAL E 222 5.14 12.35 6.51
CA VAL E 222 5.61 13.10 7.68
C VAL E 222 5.68 12.19 8.92
N THR E 223 6.73 12.34 9.70
CA THR E 223 6.85 11.60 10.94
C THR E 223 6.56 12.45 12.16
N GLU E 224 6.05 11.79 13.19
CA GLU E 224 6.09 12.31 14.55
C GLU E 224 6.97 11.36 15.37
N ALA E 225 7.85 11.93 16.18
CA ALA E 225 8.79 11.19 17.02
C ALA E 225 8.95 11.86 18.39
N GLU E 226 9.54 11.12 19.34
CA GLU E 226 9.88 11.64 20.66
C GLU E 226 11.03 12.65 20.62
N ARG E 227 11.91 12.51 19.63
CA ARG E 227 13.00 13.45 19.37
C ARG E 227 12.70 14.25 18.13
N VAL E 228 12.83 15.58 18.26
CA VAL E 228 12.45 16.54 17.21
C VAL E 228 13.29 16.41 15.91
N GLU E 229 14.50 15.87 16.06
CA GLU E 229 15.40 15.62 14.93
C GLU E 229 14.92 14.46 14.05
N GLU E 230 14.13 13.56 14.63
CA GLU E 230 13.55 12.42 13.92
C GLU E 230 12.16 12.71 13.34
N MSE E 231 11.74 13.96 13.46
CA MSE E 231 10.54 14.46 12.80
C MSE E 231 10.95 15.00 11.44
O MSE E 231 11.43 16.14 11.31
CB MSE E 231 9.81 15.45 13.70
CG MSE E 231 9.00 14.68 14.73
SE MSE E 231 8.03 15.86 15.98
CE MSE E 231 6.54 16.43 14.82
N VAL E 232 10.81 14.16 10.42
CA VAL E 232 11.28 14.48 9.07
C VAL E 232 10.13 14.39 8.07
N MSE E 233 10.37 14.93 6.88
CA MSE E 233 9.43 14.82 5.77
C MSE E 233 10.13 14.20 4.59
O MSE E 233 11.34 14.36 4.41
CB MSE E 233 8.86 16.17 5.43
CG MSE E 233 7.98 16.69 6.56
SE MSE E 233 7.11 18.38 6.00
CE MSE E 233 8.75 19.43 6.23
N GLY E 234 9.37 13.46 3.78
CA GLY E 234 9.90 12.88 2.55
C GLY E 234 8.83 13.04 1.49
N PHE E 235 9.26 13.15 0.23
CA PHE E 235 8.35 13.40 -0.89
C PHE E 235 8.73 12.51 -2.07
N GLY E 236 7.74 12.22 -2.92
CA GLY E 236 7.96 11.52 -4.17
C GLY E 236 6.98 12.05 -5.19
N ALA E 237 7.38 12.05 -6.46
CA ALA E 237 6.46 12.42 -7.55
C ALA E 237 6.67 11.47 -8.71
N SER E 238 5.57 11.06 -9.34
CA SER E 238 5.63 10.09 -10.44
C SER E 238 4.29 10.02 -11.12
N PRO E 239 4.25 9.66 -12.42
CA PRO E 239 2.98 9.25 -13.03
C PRO E 239 2.41 7.94 -12.46
N ASP E 240 3.23 7.23 -11.70
CA ASP E 240 2.80 5.98 -11.07
C ASP E 240 2.72 6.27 -9.56
N PRO E 241 1.49 6.35 -9.02
CA PRO E 241 1.33 6.78 -7.63
C PRO E 241 2.08 5.91 -6.59
N GLU E 242 2.30 4.63 -6.90
CA GLU E 242 3.08 3.73 -6.04
C GLU E 242 4.56 4.11 -5.89
N MSE E 243 5.15 4.58 -6.98
CA MSE E 243 6.54 5.02 -7.01
C MSE E 243 6.63 6.26 -6.14
O MSE E 243 7.57 6.39 -5.37
CB MSE E 243 6.98 5.25 -8.45
CG MSE E 243 8.44 5.72 -8.46
SE MSE E 243 9.00 6.43 -10.22
CE MSE E 243 9.12 4.68 -11.12
N ALA E 244 5.63 7.14 -6.26
CA ALA E 244 5.60 8.38 -5.53
C ALA E 244 5.54 8.13 -4.02
N VAL E 245 4.65 7.23 -3.58
CA VAL E 245 4.59 6.74 -2.20
C VAL E 245 5.96 6.14 -1.77
N LEU E 246 6.53 5.26 -2.59
CA LEU E 246 7.78 4.58 -2.25
C LEU E 246 8.90 5.58 -2.00
N ARG E 247 8.96 6.58 -2.87
CA ARG E 247 9.98 7.60 -2.82
C ARG E 247 9.86 8.48 -1.58
N ALA E 248 8.64 8.88 -1.23
CA ALA E 248 8.41 9.62 0.01
C ALA E 248 8.91 8.81 1.24
N LEU E 249 8.58 7.52 1.27
CA LEU E 249 8.98 6.64 2.38
C LEU E 249 10.48 6.42 2.42
N LEU E 250 11.07 6.30 1.24
CA LEU E 250 12.52 6.20 1.12
C LEU E 250 13.23 7.47 1.61
N GLU E 251 12.67 8.64 1.31
CA GLU E 251 13.25 9.92 1.73
C GLU E 251 13.16 10.11 3.25
N VAL E 252 12.06 9.64 3.86
CA VAL E 252 11.93 9.58 5.33
C VAL E 252 13.09 8.78 5.96
N ALA E 253 13.33 7.58 5.43
CA ALA E 253 14.40 6.69 5.91
C ALA E 253 15.77 7.36 5.77
N GLN E 254 16.02 7.96 4.59
CA GLN E 254 17.21 8.76 4.35
C GLN E 254 17.37 9.88 5.41
N GLY E 255 16.32 10.67 5.58
CA GLY E 255 16.27 11.74 6.59
C GLY E 255 16.62 11.26 8.00
N LEU E 256 16.00 10.15 8.41
CA LEU E 256 16.28 9.52 9.71
C LEU E 256 17.75 9.15 9.87
N SER E 257 18.35 8.60 8.82
CA SER E 257 19.75 8.22 8.85
C SER E 257 20.67 9.45 9.04
N MSE E 258 20.40 10.50 8.28
CA MSE E 258 21.19 11.72 8.33
C MSE E 258 21.00 12.47 9.61
O MSE E 258 21.96 13.04 10.14
CB MSE E 258 20.84 12.62 7.16
CG MSE E 258 21.74 12.35 5.97
SE MSE E 258 20.95 13.23 4.38
CE MSE E 258 19.15 13.90 4.87
N ALA E 259 19.78 12.47 10.14
CA ALA E 259 19.50 13.13 11.43
C ALA E 259 20.20 12.42 12.58
N ARG E 260 20.20 11.09 12.55
CA ARG E 260 20.95 10.25 13.51
C ARG E 260 22.48 10.47 13.49
N ARG E 261 23.02 11.01 12.39
CA ARG E 261 24.44 11.27 12.26
C ARG E 261 24.79 12.75 12.44
N GLY E 262 23.78 13.54 12.82
CA GLY E 262 23.90 15.00 12.97
C GLY E 262 24.25 15.78 11.71
N ILE E 263 23.87 15.27 10.53
CA ILE E 263 24.10 15.96 9.26
C ILE E 263 22.91 16.87 8.93
N GLU E 264 23.19 18.15 8.65
CA GLU E 264 22.17 19.17 8.41
C GLU E 264 21.65 19.20 6.96
N SER E 265 20.42 19.70 6.79
CA SER E 265 19.77 19.91 5.49
C SER E 265 19.09 21.32 5.43
N PRO E 266 18.59 21.76 4.25
CA PRO E 266 17.84 23.04 4.16
C PRO E 266 16.65 23.19 5.13
N VAL E 267 16.67 24.28 5.92
CA VAL E 267 15.66 24.53 6.98
C VAL E 267 14.23 24.79 6.46
N ARG E 268 13.22 24.36 7.23
CA ARG E 268 11.80 24.42 6.84
C ARG E 268 10.91 25.24 7.82
N LYS E 269 10.16 24.53 8.69
CA LYS E 269 9.24 25.18 9.64
C LYS E 269 9.59 24.79 11.08
N LYS E 279 15.22 26.40 20.16
CA LYS E 279 15.17 24.95 20.34
C LYS E 279 13.72 24.44 20.40
N LEU E 280 13.30 23.79 19.32
CA LEU E 280 11.95 23.22 19.15
C LEU E 280 11.76 21.96 19.98
N THR E 281 10.52 21.74 20.40
CA THR E 281 10.08 20.47 20.98
C THR E 281 9.24 19.73 19.92
N PRO E 282 9.02 18.41 20.08
CA PRO E 282 8.07 17.69 19.20
C PRO E 282 6.69 18.34 19.14
N GLU E 283 6.15 18.71 20.31
CA GLU E 283 4.80 19.28 20.42
C GLU E 283 4.71 20.62 19.68
N ARG E 284 5.68 21.51 19.90
CA ARG E 284 5.69 22.83 19.26
C ARG E 284 5.71 22.70 17.73
N LEU E 285 6.56 21.79 17.24
CA LEU E 285 6.69 21.52 15.82
C LEU E 285 5.40 20.95 15.20
N LYS E 286 4.73 20.04 15.92
CA LYS E 286 3.47 19.45 15.48
C LYS E 286 2.39 20.51 15.42
N ARG E 287 2.38 21.40 16.42
CA ARG E 287 1.32 22.41 16.56
C ARG E 287 1.48 23.54 15.55
N LEU E 288 2.70 23.72 15.05
CA LEU E 288 2.97 24.74 14.04
C LEU E 288 2.91 24.18 12.63
N ASN E 289 2.68 22.87 12.54
CA ASN E 289 2.45 22.17 11.27
C ASN E 289 1.16 21.36 11.28
N ARG E 290 0.10 21.98 11.80
CA ARG E 290 -1.21 21.33 11.92
C ARG E 290 -1.82 20.95 10.55
N HIS E 291 -1.44 21.69 9.49
CA HIS E 291 -1.89 21.39 8.12
C HIS E 291 -1.44 20.02 7.65
N TRP E 292 -0.26 19.58 8.13
CA TRP E 292 0.22 18.22 7.95
C TRP E 292 -0.44 17.16 8.84
N PHE E 293 -0.71 17.53 10.09
CA PHE E 293 -1.21 16.57 11.10
C PHE E 293 -2.73 16.46 11.22
N GLU E 294 -3.45 17.40 10.62
CA GLU E 294 -4.92 17.38 10.60
C GLU E 294 -5.47 17.27 9.15
N PRO E 295 -5.37 16.06 8.53
CA PRO E 295 -5.80 15.94 7.13
C PRO E 295 -7.28 16.20 6.89
N GLU E 296 -7.57 16.84 5.76
CA GLU E 296 -8.93 17.01 5.27
C GLU E 296 -9.22 15.96 4.22
N GLY E 297 -9.98 14.94 4.63
CA GLY E 297 -10.39 13.86 3.75
C GLY E 297 -9.41 12.70 3.65
N THR E 298 -9.78 11.76 2.81
CA THR E 298 -9.04 10.52 2.60
C THR E 298 -9.08 10.18 1.12
N VAL E 299 -7.99 9.60 0.61
CA VAL E 299 -7.92 9.11 -0.77
C VAL E 299 -7.42 7.66 -0.74
N GLU E 300 -8.05 6.82 -1.56
CA GLU E 300 -7.61 5.45 -1.81
C GLU E 300 -6.66 5.44 -2.99
N ILE E 301 -5.48 4.84 -2.83
CA ILE E 301 -4.48 4.79 -3.92
C ILE E 301 -5.00 4.05 -5.16
N ASP E 302 -5.81 3.01 -4.96
CA ASP E 302 -6.38 2.22 -6.08
C ASP E 302 -7.38 3.00 -6.95
N ASP E 303 -7.88 4.12 -6.45
CA ASP E 303 -8.79 5.00 -7.21
C ASP E 303 -8.09 5.96 -8.20
N LEU E 304 -6.77 6.07 -8.11
CA LEU E 304 -6.02 7.04 -8.89
C LEU E 304 -5.72 6.50 -10.26
N ASP E 305 -6.12 7.26 -11.28
CA ASP E 305 -5.93 6.91 -12.69
C ASP E 305 -4.46 6.86 -13.05
N ARG E 306 -4.09 5.78 -13.75
CA ARG E 306 -2.81 5.70 -14.40
C ARG E 306 -2.96 6.36 -15.78
N VAL E 307 -2.82 7.69 -15.79
CA VAL E 307 -2.97 8.51 -16.99
C VAL E 307 -1.81 8.24 -17.95
N ILE E 308 -0.58 8.28 -17.45
CA ILE E 308 0.63 8.06 -18.26
C ILE E 308 1.15 6.63 -18.04
N THR E 309 1.00 5.80 -19.06
CA THR E 309 1.41 4.38 -19.02
C THR E 309 2.70 4.27 -19.80
N THR E 310 3.71 3.78 -19.08
CA THR E 310 5.02 4.36 -19.19
C THR E 310 5.87 3.93 -20.41
N GLY E 311 6.06 2.62 -20.59
CA GLY E 311 6.59 2.07 -21.85
C GLY E 311 8.04 2.35 -22.23
N SER E 312 8.23 3.30 -23.14
CA SER E 312 9.55 3.68 -23.65
C SER E 312 10.06 4.98 -23.01
N LEU E 313 11.36 5.02 -22.75
CA LEU E 313 12.00 6.15 -22.09
C LEU E 313 11.81 7.50 -22.81
N GLU E 314 11.93 7.49 -24.14
CA GLU E 314 11.75 8.70 -24.98
C GLU E 314 10.30 9.18 -24.96
N LYS E 315 9.36 8.24 -24.95
CA LYS E 315 7.95 8.58 -24.96
C LYS E 315 7.53 9.16 -23.61
N LEU E 316 8.07 8.60 -22.53
CA LEU E 316 7.76 9.07 -21.17
C LEU E 316 8.30 10.49 -20.97
N THR E 317 9.52 10.72 -21.45
CA THR E 317 10.11 12.05 -21.43
C THR E 317 9.21 13.04 -22.17
N GLU E 318 8.85 12.69 -23.40
CA GLU E 318 8.00 13.52 -24.26
C GLU E 318 6.68 13.92 -23.56
N GLU E 319 6.05 12.94 -22.91
CA GLU E 319 4.75 13.14 -22.27
C GLU E 319 4.81 13.99 -21.01
N LEU E 320 5.84 13.80 -20.19
CA LEU E 320 6.01 14.60 -18.98
C LEU E 320 6.31 16.05 -19.34
N VAL E 321 7.18 16.27 -20.33
CA VAL E 321 7.47 17.61 -20.81
C VAL E 321 6.19 18.29 -21.32
N GLU E 322 5.40 17.56 -22.12
CA GLU E 322 4.14 18.08 -22.66
C GLU E 322 3.19 18.51 -21.55
N ARG E 323 3.07 17.68 -20.51
CA ARG E 323 2.10 17.95 -19.46
C ARG E 323 2.52 19.16 -18.62
N VAL E 324 3.83 19.26 -18.32
CA VAL E 324 4.37 20.40 -17.59
C VAL E 324 4.19 21.71 -18.38
N ALA E 325 4.41 21.64 -19.69
CA ALA E 325 4.28 22.83 -20.58
C ALA E 325 2.84 23.32 -20.72
N GLU E 326 1.88 22.43 -20.48
CA GLU E 326 0.47 22.76 -20.56
C GLU E 326 -0.11 23.31 -19.23
N ALA E 327 0.70 23.27 -18.17
CA ALA E 327 0.21 23.47 -16.80
C ALA E 327 0.11 24.93 -16.30
N GLY E 328 0.54 25.88 -17.12
CA GLY E 328 0.55 27.30 -16.70
C GLY E 328 1.75 27.61 -15.82
N LEU E 329 2.83 26.86 -16.04
CA LEU E 329 4.02 26.94 -15.20
C LEU E 329 5.25 27.49 -15.94
N GLY E 330 5.03 28.28 -17.00
CA GLY E 330 6.13 28.83 -17.81
C GLY E 330 6.78 27.78 -18.69
N LYS E 331 8.05 28.01 -19.03
CA LYS E 331 8.80 27.17 -19.97
C LYS E 331 9.53 26.04 -19.25
N VAL E 332 9.81 24.97 -19.99
CA VAL E 332 10.52 23.83 -19.48
C VAL E 332 11.85 23.90 -20.18
N ILE E 333 12.91 24.08 -19.39
CA ILE E 333 14.27 24.27 -19.91
C ILE E 333 15.20 23.19 -19.35
N GLU E 334 16.04 22.66 -20.23
CA GLU E 334 17.06 21.70 -19.87
C GLU E 334 18.43 22.32 -20.12
N VAL E 335 19.30 22.31 -19.10
CA VAL E 335 20.69 22.66 -19.27
C VAL E 335 21.54 21.41 -19.11
N ASP E 336 22.40 21.16 -20.10
CA ASP E 336 23.29 20.00 -20.09
C ASP E 336 24.50 20.28 -19.21
N LEU E 337 24.69 19.43 -18.20
CA LEU E 337 25.78 19.62 -17.25
C LEU E 337 26.80 18.49 -17.28
N THR E 338 26.66 17.58 -18.25
CA THR E 338 27.58 16.44 -18.47
C THR E 338 29.04 16.91 -18.45
N LEU E 339 29.82 16.38 -17.51
CA LEU E 339 31.28 16.64 -17.47
C LEU E 339 31.93 15.86 -18.60
N GLU E 340 32.71 16.58 -19.40
CA GLU E 340 33.36 16.00 -20.60
C GLU E 340 34.24 14.79 -20.25
N ASN E 341 35.01 14.91 -19.17
CA ASN E 341 35.89 13.84 -18.67
C ASN E 341 35.15 12.59 -18.20
N LEU E 342 33.99 12.78 -17.56
CA LEU E 342 33.20 11.67 -16.98
C LEU E 342 32.21 10.96 -17.90
N ASP E 343 31.59 11.74 -18.80
CA ASP E 343 30.64 11.23 -19.80
C ASP E 343 29.39 10.57 -19.15
N VAL E 344 28.94 11.16 -18.04
CA VAL E 344 27.73 10.72 -17.34
C VAL E 344 26.70 11.85 -17.49
N PRO E 345 25.56 11.57 -18.16
CA PRO E 345 24.51 12.60 -18.33
C PRO E 345 24.00 13.20 -17.03
N VAL E 346 24.19 14.52 -16.91
CA VAL E 346 23.66 15.30 -15.81
C VAL E 346 23.00 16.53 -16.42
N VAL E 347 21.82 16.84 -15.90
CA VAL E 347 21.09 18.02 -16.33
C VAL E 347 20.66 18.86 -15.14
N ARG E 348 20.43 20.14 -15.40
CA ARG E 348 19.52 20.92 -14.56
C ARG E 348 18.23 21.14 -15.34
N VAL E 349 17.10 20.81 -14.72
CA VAL E 349 15.81 21.10 -15.35
C VAL E 349 15.26 22.29 -14.60
N ARG E 350 14.87 23.33 -15.35
CA ARG E 350 14.15 24.46 -14.78
C ARG E 350 12.79 24.57 -15.41
N VAL E 351 11.79 24.76 -14.57
CA VAL E 351 10.44 25.10 -15.00
C VAL E 351 10.20 26.52 -14.47
N THR E 352 10.10 27.49 -15.41
CA THR E 352 10.26 28.92 -15.08
C THR E 352 9.20 29.52 -14.16
N GLY E 353 8.00 28.95 -14.18
CA GLY E 353 6.91 29.37 -13.30
C GLY E 353 6.59 28.39 -12.19
N ALA E 354 7.39 27.34 -12.05
CA ALA E 354 7.18 26.40 -10.96
C ALA E 354 7.62 27.06 -9.66
N SER E 355 6.92 26.75 -8.58
CA SER E 355 7.25 27.33 -7.31
C SER E 355 8.38 26.61 -6.59
N GLU E 356 9.30 27.40 -6.05
CA GLU E 356 10.34 26.89 -5.16
C GLU E 356 10.31 27.58 -3.77
N TYR E 357 9.11 27.93 -3.33
CA TYR E 357 8.86 28.65 -2.10
C TYR E 357 9.48 27.96 -0.89
N VAL E 358 9.37 26.63 -0.85
CA VAL E 358 10.00 25.81 0.21
C VAL E 358 11.52 25.94 0.28
N ILE E 359 12.17 26.35 -0.81
CA ILE E 359 13.63 26.52 -0.83
C ILE E 359 14.06 27.93 -0.39
N ASP E 360 13.33 28.94 -0.86
CA ASP E 360 13.56 30.34 -0.51
C ASP E 360 12.26 31.06 -0.77
N GLU E 361 11.78 31.80 0.23
CA GLU E 361 10.50 32.53 0.18
C GLU E 361 10.31 33.47 -1.00
N ALA E 362 11.41 34.00 -1.53
CA ALA E 362 11.38 34.85 -2.72
C ALA E 362 10.96 34.11 -4.02
N ARG E 363 11.17 32.79 -4.05
CA ARG E 363 10.90 31.97 -5.25
C ARG E 363 9.44 31.51 -5.33
N VAL E 364 8.53 32.45 -5.49
CA VAL E 364 7.09 32.23 -5.46
C VAL E 364 6.62 31.44 -6.70
N GLY E 365 7.16 31.81 -7.87
CA GLY E 365 6.67 31.29 -9.16
C GLY E 365 5.26 31.78 -9.48
N ASN E 366 4.61 31.09 -10.40
CA ASN E 366 3.22 31.38 -10.78
C ASN E 366 2.24 30.93 -9.71
N MSE E 367 1.95 31.80 -8.75
CA MSE E 367 1.01 31.49 -7.68
C MSE E 367 -0.33 32.09 -7.98
O MSE E 367 -0.41 33.30 -8.27
CB MSE E 367 1.57 32.06 -6.38
CG MSE E 367 1.31 31.15 -5.18
SE MSE E 367 2.08 29.35 -5.45
CE MSE E 367 3.55 29.37 -4.14
N PRO E 368 -1.43 31.29 -7.93
CA PRO E 368 -2.75 31.92 -8.01
C PRO E 368 -3.08 32.61 -6.67
N GLU E 369 -4.22 33.29 -6.58
CA GLU E 369 -4.64 33.90 -5.29
C GLU E 369 -5.44 32.93 -4.41
N LYS E 370 -5.97 31.88 -5.04
CA LYS E 370 -6.79 30.86 -4.38
C LYS E 370 -6.30 29.43 -4.70
N PRO E 371 -6.11 28.57 -3.65
CA PRO E 371 -5.65 27.18 -3.79
C PRO E 371 -6.58 26.29 -4.65
N PRO E 372 -6.01 25.32 -5.39
CA PRO E 372 -6.81 24.50 -6.32
C PRO E 372 -7.48 23.26 -5.68
N GLY E 373 -6.67 22.34 -5.18
CA GLY E 373 -7.13 21.11 -4.52
C GLY E 373 -6.73 21.07 -3.05
N MSE F 1 -17.65 -71.02 -3.43
CA MSE F 1 -16.88 -70.94 -4.70
C MSE F 1 -17.56 -69.99 -5.69
O MSE F 1 -18.39 -70.41 -6.50
CB MSE F 1 -16.69 -72.34 -5.29
CG MSE F 1 -15.52 -72.47 -6.25
SE MSE F 1 -15.56 -74.00 -7.21
CE MSE F 1 -16.65 -73.54 -8.56
N THR F 2 -17.20 -68.71 -5.59
CA THR F 2 -17.76 -67.65 -6.45
C THR F 2 -16.87 -67.45 -7.68
N ASP F 3 -17.45 -67.68 -8.86
CA ASP F 3 -16.75 -67.51 -10.12
C ASP F 3 -16.39 -66.07 -10.40
N ILE F 4 -15.20 -65.89 -10.98
CA ILE F 4 -14.78 -64.61 -11.46
C ILE F 4 -15.31 -64.57 -12.87
N VAL F 5 -16.23 -63.63 -13.13
CA VAL F 5 -16.88 -63.51 -14.44
C VAL F 5 -16.34 -62.34 -15.25
N TYR F 6 -15.46 -61.55 -14.64
CA TYR F 6 -14.92 -60.33 -15.25
C TYR F 6 -13.52 -60.07 -14.71
N ASP F 7 -12.57 -59.83 -15.61
CA ASP F 7 -11.19 -59.64 -15.19
C ASP F 7 -10.46 -58.67 -16.11
N VAL F 8 -11.16 -57.64 -16.55
CA VAL F 8 -10.54 -56.62 -17.40
C VAL F 8 -9.77 -55.64 -16.51
N GLU F 9 -10.46 -54.72 -15.84
CA GLU F 9 -9.83 -53.73 -14.93
C GLU F 9 -9.60 -54.24 -13.51
N GLY F 10 -10.27 -55.34 -13.17
CA GLY F 10 -10.25 -55.92 -11.84
C GLY F 10 -11.01 -57.23 -11.85
N PHE F 11 -10.80 -58.02 -10.80
CA PHE F 11 -11.44 -59.34 -10.67
C PHE F 11 -12.79 -59.16 -9.99
N ARG F 12 -13.85 -59.44 -10.74
CA ARG F 12 -15.23 -59.17 -10.29
C ARG F 12 -16.17 -60.36 -10.42
N ALA F 13 -17.07 -60.49 -9.45
CA ALA F 13 -18.09 -61.53 -9.44
C ALA F 13 -19.30 -61.20 -10.32
N PHE F 14 -19.41 -59.94 -10.73
CA PHE F 14 -20.53 -59.47 -11.56
C PHE F 14 -19.97 -58.69 -12.72
N LEU F 15 -20.69 -58.69 -13.84
CA LEU F 15 -20.35 -57.83 -14.98
C LEU F 15 -20.63 -56.38 -14.59
N PRO F 16 -19.85 -55.42 -15.14
CA PRO F 16 -20.07 -54.00 -14.82
C PRO F 16 -21.47 -53.46 -15.15
N LYS F 17 -22.09 -53.95 -16.23
CA LYS F 17 -23.45 -53.53 -16.60
C LYS F 17 -24.49 -53.90 -15.53
N GLU F 18 -24.29 -55.05 -14.88
CA GLU F 18 -25.11 -55.48 -13.73
C GLU F 18 -24.83 -54.59 -12.52
N THR F 19 -23.55 -54.35 -12.24
CA THR F 19 -23.13 -53.54 -11.13
C THR F 19 -23.65 -52.09 -11.23
N LEU F 20 -23.60 -51.52 -12.44
CA LEU F 20 -24.17 -50.19 -12.65
C LEU F 20 -25.70 -50.15 -12.43
N ARG F 21 -26.44 -51.17 -12.93
CA ARG F 21 -27.88 -51.35 -12.62
C ARG F 21 -28.15 -51.33 -11.13
N TRP F 22 -27.28 -52.01 -10.38
CA TRP F 22 -27.35 -52.17 -8.93
C TRP F 22 -27.01 -50.89 -8.16
N ILE F 23 -26.00 -50.16 -8.63
CA ILE F 23 -25.61 -48.85 -8.08
C ILE F 23 -26.76 -47.85 -8.27
N ARG F 24 -27.38 -47.90 -9.45
CA ARG F 24 -28.49 -47.03 -9.80
C ARG F 24 -29.77 -47.33 -9.01
N HIS F 25 -30.13 -48.62 -8.92
CA HIS F 25 -31.27 -49.09 -8.10
C HIS F 25 -31.18 -48.66 -6.62
N ARG F 26 -29.99 -48.79 -6.04
CA ARG F 26 -29.77 -48.50 -4.63
C ARG F 26 -29.49 -47.03 -4.32
N GLU F 27 -29.40 -46.20 -5.37
CA GLU F 27 -29.20 -44.73 -5.24
C GLU F 27 -27.92 -44.32 -4.47
N LEU F 28 -26.88 -45.15 -4.59
CA LEU F 28 -25.63 -45.02 -3.86
C LEU F 28 -24.96 -43.66 -4.00
N GLU F 29 -24.95 -43.11 -5.21
CA GLU F 29 -24.28 -41.85 -5.46
C GLU F 29 -24.95 -40.71 -4.70
N ARG F 30 -26.27 -40.68 -4.73
CA ARG F 30 -27.02 -39.68 -3.98
C ARG F 30 -26.75 -39.84 -2.48
N LYS F 31 -26.87 -41.06 -1.96
CA LYS F 31 -26.74 -41.36 -0.52
C LYS F 31 -25.37 -41.04 0.07
N VAL F 32 -24.41 -40.80 -0.80
CA VAL F 32 -23.01 -40.71 -0.44
C VAL F 32 -22.48 -39.27 -0.64
N GLY F 33 -23.36 -38.39 -1.13
CA GLY F 33 -23.09 -36.96 -1.22
C GLY F 33 -22.60 -36.45 -2.57
N VAL F 34 -22.84 -37.23 -3.63
CA VAL F 34 -22.54 -36.81 -5.00
C VAL F 34 -23.55 -35.73 -5.40
N VAL F 35 -23.03 -34.56 -5.75
CA VAL F 35 -23.88 -33.44 -6.18
C VAL F 35 -23.74 -33.11 -7.67
N GLU F 36 -22.58 -33.41 -8.26
CA GLU F 36 -22.35 -33.16 -9.68
C GLU F 36 -21.53 -34.25 -10.38
N LYS F 37 -21.84 -34.50 -11.65
CA LYS F 37 -21.15 -35.50 -12.49
C LYS F 37 -20.59 -34.86 -13.76
N PHE F 38 -19.43 -35.34 -14.20
CA PHE F 38 -18.85 -34.92 -15.48
C PHE F 38 -18.38 -36.16 -16.22
N SER F 39 -18.58 -36.18 -17.55
CA SER F 39 -18.04 -37.25 -18.40
C SER F 39 -16.95 -36.71 -19.33
N ASP F 40 -15.74 -37.24 -19.21
CA ASP F 40 -14.62 -36.90 -20.10
C ASP F 40 -14.24 -38.06 -21.00
N ARG F 41 -13.33 -37.80 -21.95
CA ARG F 41 -12.74 -38.82 -22.80
C ARG F 41 -11.32 -38.41 -23.17
N VAL F 42 -10.36 -39.24 -22.77
CA VAL F 42 -8.94 -38.99 -23.02
C VAL F 42 -8.49 -40.03 -24.05
N GLY F 43 -8.43 -39.62 -25.31
CA GLY F 43 -8.22 -40.54 -26.41
C GLY F 43 -9.40 -41.51 -26.48
N PRO F 44 -9.14 -42.82 -26.39
CA PRO F 44 -10.25 -43.76 -26.39
C PRO F 44 -10.84 -44.02 -25.00
N ILE F 45 -10.24 -43.45 -23.95
CA ILE F 45 -10.60 -43.81 -22.55
C ILE F 45 -11.67 -42.93 -21.91
N PRO F 46 -12.82 -43.55 -21.57
CA PRO F 46 -13.81 -42.80 -20.79
C PRO F 46 -13.33 -42.54 -19.35
N VAL F 47 -13.42 -41.29 -18.93
CA VAL F 47 -13.11 -40.87 -17.56
C VAL F 47 -14.34 -40.17 -16.99
N GLU F 48 -14.64 -40.46 -15.73
CA GLU F 48 -15.82 -39.90 -15.02
C GLU F 48 -15.39 -39.15 -13.78
N ILE F 49 -16.01 -37.99 -13.54
CA ILE F 49 -15.65 -37.11 -12.41
C ILE F 49 -16.89 -36.85 -11.56
N ARG F 50 -16.66 -36.80 -10.25
CA ARG F 50 -17.71 -36.58 -9.27
C ARG F 50 -17.31 -35.49 -8.29
N ARG F 51 -18.20 -34.53 -8.07
CA ARG F 51 -18.10 -33.56 -7.00
C ARG F 51 -18.94 -34.13 -5.85
N ARG F 52 -18.26 -34.42 -4.75
CA ARG F 52 -18.87 -35.04 -3.59
C ARG F 52 -18.81 -34.08 -2.39
N ARG F 53 -19.90 -33.99 -1.65
CA ARG F 53 -19.96 -33.10 -0.48
C ARG F 53 -20.21 -33.87 0.82
N SER F 54 -19.42 -33.56 1.84
CA SER F 54 -19.61 -34.15 3.17
C SER F 54 -19.23 -33.10 4.22
N GLN F 55 -19.38 -33.45 5.50
CA GLN F 55 -18.95 -32.59 6.61
C GLN F 55 -17.47 -32.19 6.58
N TYR F 56 -16.65 -32.92 5.82
CA TYR F 56 -15.21 -32.64 5.72
C TYR F 56 -14.86 -31.68 4.60
N GLY F 57 -15.88 -31.35 3.80
CA GLY F 57 -15.74 -30.39 2.71
C GLY F 57 -16.18 -30.97 1.38
N GLU F 58 -15.70 -30.35 0.31
CA GLU F 58 -16.05 -30.73 -1.05
C GLU F 58 -14.86 -31.44 -1.70
N PHE F 59 -15.14 -32.60 -2.31
CA PHE F 59 -14.10 -33.43 -2.91
C PHE F 59 -14.39 -33.78 -4.37
N TYR F 60 -13.33 -33.82 -5.17
CA TYR F 60 -13.41 -34.35 -6.54
C TYR F 60 -12.88 -35.77 -6.58
N HIS F 61 -13.72 -36.69 -7.03
CA HIS F 61 -13.33 -38.08 -7.23
C HIS F 61 -13.48 -38.46 -8.69
N ALA F 62 -12.62 -39.35 -9.16
CA ALA F 62 -12.65 -39.73 -10.56
C ALA F 62 -12.79 -41.23 -10.69
N GLY F 63 -13.37 -41.65 -11.81
CA GLY F 63 -13.39 -43.04 -12.23
C GLY F 63 -13.00 -43.13 -13.68
N LYS F 64 -12.76 -44.36 -14.13
CA LYS F 64 -12.30 -44.63 -15.50
C LYS F 64 -12.41 -46.12 -15.81
N GLY F 65 -12.34 -46.47 -17.08
CA GLY F 65 -12.39 -47.87 -17.53
C GLY F 65 -12.20 -47.95 -19.04
N THR F 66 -12.21 -49.16 -19.58
CA THR F 66 -12.18 -49.37 -21.03
C THR F 66 -13.55 -49.07 -21.64
N THR F 67 -14.60 -49.10 -20.82
CA THR F 67 -15.98 -48.78 -21.25
C THR F 67 -16.57 -47.66 -20.37
N ARG F 68 -17.50 -46.89 -20.94
CA ARG F 68 -18.26 -45.90 -20.18
C ARG F 68 -18.93 -46.48 -18.91
N ILE F 69 -19.54 -47.67 -19.06
CA ILE F 69 -20.20 -48.36 -17.94
C ILE F 69 -19.20 -48.54 -16.78
N GLN F 70 -18.06 -49.18 -17.08
CA GLN F 70 -17.05 -49.45 -16.05
C GLN F 70 -16.50 -48.16 -15.45
N ALA F 71 -16.36 -47.12 -16.25
CA ALA F 71 -15.93 -45.81 -15.79
C ALA F 71 -16.93 -45.20 -14.80
N ARG F 72 -18.23 -45.45 -15.05
CA ARG F 72 -19.31 -44.93 -14.23
C ARG F 72 -19.48 -45.73 -12.95
N VAL F 73 -19.21 -47.04 -13.00
CA VAL F 73 -19.13 -47.81 -11.75
C VAL F 73 -17.91 -47.38 -10.91
N SER F 74 -16.76 -47.28 -11.58
CA SER F 74 -15.49 -46.92 -10.95
C SER F 74 -15.60 -45.61 -10.14
N ALA F 75 -16.20 -44.57 -10.74
CA ALA F 75 -16.45 -43.28 -10.06
C ALA F 75 -17.48 -43.35 -8.90
N ALA F 76 -18.58 -44.10 -9.10
CA ALA F 76 -19.56 -44.35 -8.04
C ALA F 76 -18.93 -45.03 -6.85
N MSE F 77 -18.28 -46.18 -7.09
CA MSE F 77 -17.70 -47.00 -6.02
C MSE F 77 -16.52 -46.31 -5.35
O MSE F 77 -16.24 -46.58 -4.18
CB MSE F 77 -17.35 -48.38 -6.51
CG MSE F 77 -18.56 -49.14 -7.06
SE MSE F 77 -19.79 -49.50 -5.58
CE MSE F 77 -18.95 -51.20 -5.06
N GLU F 78 -15.83 -45.45 -6.08
CA GLU F 78 -14.82 -44.56 -5.48
C GLU F 78 -15.46 -43.62 -4.45
N CYS F 79 -16.59 -43.02 -4.81
CA CYS F 79 -17.32 -42.13 -3.90
C CYS F 79 -17.76 -42.85 -2.62
N VAL F 80 -18.27 -44.06 -2.79
CA VAL F 80 -18.73 -44.91 -1.71
C VAL F 80 -17.57 -45.26 -0.79
N GLU F 81 -16.46 -45.65 -1.40
CA GLU F 81 -15.22 -45.96 -0.71
C GLU F 81 -14.82 -44.84 0.26
N ARG F 82 -14.82 -43.62 -0.24
CA ARG F 82 -14.38 -42.46 0.52
C ARG F 82 -15.39 -42.06 1.62
N ALA F 83 -16.68 -42.23 1.35
CA ALA F 83 -17.72 -41.98 2.36
C ALA F 83 -17.59 -42.95 3.54
N ALA F 84 -17.37 -44.23 3.21
CA ALA F 84 -17.20 -45.30 4.21
C ALA F 84 -15.93 -45.12 5.05
N ALA F 85 -14.94 -44.42 4.52
CA ALA F 85 -13.66 -44.23 5.18
C ALA F 85 -13.65 -43.06 6.17
N GLU F 86 -14.70 -42.26 6.16
CA GLU F 86 -14.83 -41.14 7.10
C GLU F 86 -14.96 -41.66 8.55
N PRO F 87 -14.30 -40.97 9.51
CA PRO F 87 -14.27 -41.45 10.90
C PRO F 87 -15.67 -41.71 11.49
N ARG F 88 -15.80 -42.88 12.13
CA ARG F 88 -17.08 -43.37 12.63
C ARG F 88 -16.91 -43.88 14.08
N GLU F 89 -17.51 -43.15 15.02
CA GLU F 89 -17.39 -43.43 16.47
C GLU F 89 -17.91 -44.83 16.85
N GLU F 90 -18.97 -45.26 16.15
CA GLU F 90 -19.56 -46.58 16.33
C GLU F 90 -18.55 -47.75 16.37
N ILE F 91 -17.51 -47.70 15.55
CA ILE F 91 -16.50 -48.79 15.47
C ILE F 91 -15.13 -48.43 16.07
N ILE F 92 -15.06 -47.30 16.78
CA ILE F 92 -13.83 -46.94 17.50
C ILE F 92 -13.84 -47.55 18.91
N GLU F 93 -12.69 -48.12 19.30
CA GLU F 93 -12.47 -48.62 20.64
C GLU F 93 -11.24 -47.97 21.24
N ARG F 94 -11.32 -47.71 22.55
CA ARG F 94 -10.27 -46.96 23.28
C ARG F 94 -9.46 -47.80 24.27
N GLY F 95 -10.11 -48.78 24.89
CA GLY F 95 -9.46 -49.70 25.84
C GLY F 95 -9.48 -51.09 25.24
N PRO F 96 -8.61 -51.34 24.25
CA PRO F 96 -8.79 -52.53 23.42
C PRO F 96 -8.30 -53.82 24.08
N GLU F 97 -9.15 -54.85 24.02
CA GLU F 97 -8.80 -56.16 24.55
C GLU F 97 -8.25 -57.06 23.46
N GLY F 98 -6.92 -57.20 23.42
CA GLY F 98 -6.26 -58.17 22.54
C GLY F 98 -5.02 -57.67 21.83
N ASP F 99 -4.69 -58.32 20.71
CA ASP F 99 -3.53 -57.98 19.90
C ASP F 99 -3.69 -56.62 19.22
N LYS F 100 -2.60 -55.87 19.17
CA LYS F 100 -2.57 -54.53 18.59
C LYS F 100 -1.42 -54.43 17.59
N TRP F 101 -1.62 -53.61 16.56
CA TRP F 101 -0.51 -53.18 15.71
C TRP F 101 -0.21 -51.70 15.94
N THR F 102 0.98 -51.45 16.47
CA THR F 102 1.55 -50.12 16.66
C THR F 102 2.65 -49.97 15.62
N PRO F 103 2.44 -49.11 14.61
CA PRO F 103 3.45 -48.88 13.57
C PRO F 103 4.77 -48.35 14.14
N ALA F 104 5.88 -48.61 13.45
CA ALA F 104 7.22 -48.23 13.92
C ALA F 104 7.41 -46.71 14.05
N TRP F 105 6.80 -45.96 13.14
CA TRP F 105 6.89 -44.50 13.09
C TRP F 105 6.13 -43.76 14.21
N TYR F 106 5.32 -44.49 14.98
CA TYR F 106 4.59 -43.92 16.11
C TYR F 106 5.55 -43.69 17.28
N ARG F 107 6.11 -42.48 17.31
CA ARG F 107 6.91 -41.98 18.43
C ARG F 107 6.04 -41.91 19.69
N THR F 108 4.82 -41.40 19.49
CA THR F 108 3.78 -41.33 20.52
C THR F 108 2.82 -42.54 20.41
N GLU F 109 2.36 -43.04 21.56
CA GLU F 109 1.52 -44.24 21.63
C GLU F 109 0.02 -43.92 21.41
N PRO F 110 -0.67 -44.63 20.47
CA PRO F 110 -2.03 -44.26 20.02
C PRO F 110 -3.18 -44.66 20.96
N ARG F 111 -4.26 -43.88 20.93
CA ARG F 111 -5.37 -44.01 21.87
C ARG F 111 -6.73 -44.38 21.24
N GLU F 112 -6.83 -44.30 19.91
CA GLU F 112 -8.02 -44.77 19.16
C GLU F 112 -7.71 -45.94 18.24
N TRP F 113 -8.60 -46.94 18.25
CA TRP F 113 -8.36 -48.23 17.61
C TRP F 113 -9.60 -48.72 16.86
N VAL F 114 -9.36 -49.57 15.87
CA VAL F 114 -10.43 -50.29 15.19
C VAL F 114 -10.02 -51.76 15.09
N GLU F 115 -10.99 -52.65 15.30
CA GLU F 115 -10.77 -54.09 15.24
C GLU F 115 -10.71 -54.53 13.80
N GLY F 116 -9.60 -55.18 13.44
CA GLY F 116 -9.45 -55.83 12.14
C GLY F 116 -9.22 -57.32 12.32
N VAL F 117 -9.05 -58.02 11.21
CA VAL F 117 -8.76 -59.46 11.19
C VAL F 117 -7.42 -59.70 10.50
N ASP F 118 -6.57 -60.50 11.15
CA ASP F 118 -5.32 -60.97 10.57
C ASP F 118 -5.71 -62.00 9.52
N LEU F 119 -5.37 -61.75 8.25
CA LEU F 119 -5.82 -62.65 7.19
C LEU F 119 -5.01 -63.96 7.11
N THR F 120 -3.83 -63.99 7.73
CA THR F 120 -3.09 -65.25 7.86
C THR F 120 -3.71 -66.14 8.96
N THR F 121 -3.84 -65.60 10.19
CA THR F 121 -4.23 -66.42 11.35
C THR F 121 -5.72 -66.45 11.62
N ARG F 122 -6.46 -65.55 10.97
CA ARG F 122 -7.90 -65.32 11.20
C ARG F 122 -8.24 -64.86 12.63
N GLU F 123 -7.23 -64.38 13.35
CA GLU F 123 -7.41 -63.85 14.70
C GLU F 123 -7.69 -62.34 14.66
N PRO F 124 -8.38 -61.81 15.68
CA PRO F 124 -8.51 -60.34 15.75
C PRO F 124 -7.18 -59.65 15.99
N VAL F 125 -7.07 -58.42 15.48
CA VAL F 125 -5.94 -57.52 15.75
C VAL F 125 -6.45 -56.10 15.57
N TYR F 126 -6.06 -55.24 16.50
CA TYR F 126 -6.46 -53.84 16.49
C TYR F 126 -5.43 -53.01 15.75
N VAL F 127 -5.95 -52.02 15.04
CA VAL F 127 -5.24 -51.11 14.14
C VAL F 127 -5.61 -49.67 14.59
N PRO F 128 -4.65 -48.71 14.55
CA PRO F 128 -4.98 -47.33 14.90
C PRO F 128 -6.00 -46.74 13.95
N ALA F 129 -6.90 -45.91 14.50
CA ALA F 129 -7.88 -45.18 13.70
C ALA F 129 -7.23 -44.36 12.58
N ASN F 130 -6.06 -43.79 12.84
CA ASN F 130 -5.29 -43.07 11.82
C ASN F 130 -4.79 -43.92 10.65
N GLU F 131 -4.71 -45.24 10.86
CA GLU F 131 -4.36 -46.19 9.79
C GLU F 131 -5.61 -46.85 9.15
N VAL F 132 -6.79 -46.45 9.60
CA VAL F 132 -8.05 -46.97 9.07
C VAL F 132 -8.78 -45.88 8.30
N PHE F 133 -9.03 -44.75 8.97
CA PHE F 133 -9.93 -43.74 8.45
C PHE F 133 -9.23 -42.70 7.60
N HIS F 134 -10.03 -41.97 6.82
CA HIS F 134 -9.60 -40.75 6.15
C HIS F 134 -10.80 -39.79 6.01
N PRO F 135 -10.66 -38.51 6.43
CA PRO F 135 -9.45 -37.98 7.10
C PRO F 135 -9.49 -38.13 8.61
N TRP F 136 -8.32 -38.29 9.21
CA TRP F 136 -8.20 -38.40 10.66
C TRP F 136 -7.10 -37.46 11.12
N LEU F 137 -7.48 -36.46 11.91
CA LEU F 137 -6.54 -35.40 12.31
C LEU F 137 -6.00 -35.51 13.74
N GLY F 138 -6.53 -36.48 14.50
CA GLY F 138 -6.16 -36.69 15.90
C GLY F 138 -4.87 -37.44 16.19
N ASP F 139 -4.00 -37.56 15.18
CA ASP F 139 -2.66 -38.15 15.34
C ASP F 139 -1.63 -37.35 14.53
N ALA F 140 -0.35 -37.65 14.73
CA ALA F 140 0.77 -36.93 14.11
C ALA F 140 0.75 -36.93 12.57
N LEU F 141 1.16 -38.05 11.95
CA LEU F 141 1.23 -38.16 10.49
C LEU F 141 -0.16 -38.14 9.84
N PRO F 142 -0.26 -37.65 8.58
CA PRO F 142 -1.56 -37.63 7.92
C PRO F 142 -2.09 -39.03 7.57
N SER F 143 -3.41 -39.14 7.52
CA SER F 143 -4.10 -40.33 7.03
C SER F 143 -4.10 -40.28 5.50
N HIS F 144 -4.38 -41.42 4.88
CA HIS F 144 -4.43 -41.52 3.42
C HIS F 144 -5.38 -42.65 3.04
N THR F 145 -5.48 -42.94 1.75
CA THR F 145 -6.46 -43.90 1.24
C THR F 145 -5.83 -45.18 0.63
N ASN F 146 -4.51 -45.36 0.80
CA ASN F 146 -3.83 -46.57 0.34
C ASN F 146 -4.39 -47.84 1.01
N GLY F 147 -4.84 -48.78 0.20
CA GLY F 147 -5.43 -50.02 0.71
C GLY F 147 -6.92 -49.99 0.94
N LEU F 148 -7.52 -48.84 0.68
CA LEU F 148 -8.96 -48.67 0.79
C LEU F 148 -9.58 -49.17 -0.51
N SER F 149 -10.69 -49.88 -0.41
CA SER F 149 -11.37 -50.43 -1.58
C SER F 149 -12.82 -50.79 -1.31
N ALA F 150 -13.67 -50.59 -2.32
CA ALA F 150 -15.09 -51.00 -2.30
C ALA F 150 -15.28 -52.09 -3.33
N GLY F 151 -16.28 -52.94 -3.13
CA GLY F 151 -16.59 -54.04 -4.06
C GLY F 151 -18.02 -54.52 -3.86
N ARG F 152 -18.47 -55.44 -4.70
CA ARG F 152 -19.80 -56.08 -4.51
C ARG F 152 -19.73 -57.13 -3.41
N LEU F 153 -18.56 -57.74 -3.29
CA LEU F 153 -18.28 -58.74 -2.25
C LEU F 153 -16.99 -58.33 -1.56
N ARG F 154 -16.85 -58.70 -0.28
CA ARG F 154 -15.65 -58.35 0.48
C ARG F 154 -14.36 -58.82 -0.19
N GLU F 155 -14.39 -60.02 -0.79
CA GLU F 155 -13.24 -60.58 -1.51
C GLU F 155 -12.75 -59.67 -2.63
N GLU F 156 -13.67 -59.14 -3.44
CA GLU F 156 -13.34 -58.14 -4.46
C GLU F 156 -12.54 -56.97 -3.86
N ALA F 157 -13.01 -56.45 -2.73
CA ALA F 157 -12.41 -55.31 -2.07
C ALA F 157 -11.07 -55.66 -1.44
N VAL F 158 -10.95 -56.84 -0.86
CA VAL F 158 -9.66 -57.33 -0.34
C VAL F 158 -8.63 -57.49 -1.45
N ILE F 159 -9.04 -58.08 -2.56
CA ILE F 159 -8.14 -58.26 -3.68
C ILE F 159 -7.59 -56.92 -4.14
N GLN F 160 -8.49 -55.99 -4.41
CA GLN F 160 -8.12 -54.71 -5.01
C GLN F 160 -7.30 -53.87 -4.01
N GLY F 161 -7.70 -53.92 -2.74
CA GLY F 161 -7.01 -53.16 -1.68
C GLY F 161 -5.59 -53.64 -1.44
N LEU F 162 -5.44 -54.95 -1.45
CA LEU F 162 -4.14 -55.61 -1.29
C LEU F 162 -3.20 -55.36 -2.46
N LEU F 163 -3.75 -55.37 -3.67
CA LEU F 163 -2.94 -55.05 -4.87
C LEU F 163 -2.48 -53.60 -4.88
N GLU F 164 -3.31 -52.70 -4.37
CA GLU F 164 -2.93 -51.29 -4.23
C GLU F 164 -1.76 -51.10 -3.25
N VAL F 165 -1.78 -51.84 -2.14
CA VAL F 165 -0.68 -51.84 -1.20
C VAL F 165 0.63 -52.33 -1.87
N VAL F 166 0.56 -53.44 -2.62
CA VAL F 166 1.73 -53.98 -3.33
C VAL F 166 2.26 -52.95 -4.35
N GLU F 167 1.33 -52.36 -5.09
CA GLU F 167 1.59 -51.28 -6.04
C GLU F 167 2.40 -50.11 -5.46
N ARG F 168 2.00 -49.59 -4.29
CA ARG F 168 2.76 -48.47 -3.68
C ARG F 168 4.06 -48.92 -3.02
N ASP F 169 4.12 -50.18 -2.62
CA ASP F 169 5.35 -50.79 -2.12
C ASP F 169 6.42 -50.82 -3.21
N SER F 170 6.04 -51.31 -4.39
CA SER F 170 6.94 -51.34 -5.54
C SER F 170 7.37 -49.92 -5.95
N TRP F 171 6.39 -49.01 -6.03
CA TRP F 171 6.66 -47.63 -6.38
C TRP F 171 7.61 -46.99 -5.35
N SER F 172 7.38 -47.25 -4.06
CA SER F 172 8.28 -46.79 -3.00
C SER F 172 9.71 -47.30 -3.14
N ILE F 173 9.87 -48.60 -3.46
CA ILE F 173 11.19 -49.20 -3.69
C ILE F 173 11.94 -48.48 -4.83
N VAL F 174 11.23 -48.21 -5.92
CA VAL F 174 11.80 -47.49 -7.06
C VAL F 174 12.23 -46.06 -6.67
N GLU F 175 11.35 -45.31 -6.01
CA GLU F 175 11.67 -43.92 -5.67
C GLU F 175 12.80 -43.78 -4.64
N TYR F 176 12.82 -44.67 -3.67
CA TYR F 176 13.81 -44.67 -2.58
C TYR F 176 15.23 -44.94 -3.09
N PHE F 177 15.39 -46.01 -3.86
CA PHE F 177 16.68 -46.45 -4.39
C PHE F 177 17.03 -45.85 -5.76
N ARG F 178 16.19 -44.98 -6.29
CA ARG F 178 16.31 -44.48 -7.68
C ARG F 178 16.63 -45.58 -8.72
N ILE F 179 15.93 -46.71 -8.63
CA ILE F 179 16.05 -47.82 -9.56
C ILE F 179 15.58 -47.40 -10.97
N HIS F 180 16.27 -47.89 -12.00
CA HIS F 180 15.87 -47.65 -13.40
C HIS F 180 15.14 -48.91 -13.86
N PRO F 181 13.79 -48.95 -13.70
CA PRO F 181 13.10 -50.21 -14.06
C PRO F 181 13.14 -50.49 -15.57
N PRO F 182 13.13 -51.78 -15.97
CA PRO F 182 13.19 -52.06 -17.40
C PRO F 182 11.91 -51.64 -18.14
N GLU F 183 12.04 -51.32 -19.42
CA GLU F 183 10.92 -51.09 -20.31
C GLU F 183 10.13 -52.39 -20.48
N LEU F 184 8.80 -52.26 -20.52
CA LEU F 184 7.92 -53.40 -20.77
C LEU F 184 7.34 -53.33 -22.18
N GLU F 185 7.62 -54.35 -22.97
CA GLU F 185 7.12 -54.43 -24.32
C GLU F 185 5.79 -55.17 -24.36
N VAL F 186 4.78 -54.50 -24.89
CA VAL F 186 3.45 -55.10 -25.05
C VAL F 186 3.05 -55.13 -26.53
N HIS F 187 1.95 -55.83 -26.82
CA HIS F 187 1.45 -55.98 -28.18
C HIS F 187 -0.08 -56.00 -28.21
N GLY F 188 -0.66 -56.16 -29.40
CA GLY F 188 -2.11 -56.30 -29.57
C GLY F 188 -2.87 -55.06 -29.12
N GLU F 189 -3.96 -55.31 -28.40
CA GLU F 189 -4.87 -54.25 -27.92
C GLU F 189 -4.23 -53.30 -26.90
N LEU F 190 -3.37 -53.85 -26.02
CA LEU F 190 -2.61 -53.03 -25.06
C LEU F 190 -1.65 -52.06 -25.74
N GLU F 191 -0.92 -52.53 -26.75
CA GLU F 191 -0.04 -51.68 -27.56
C GLU F 191 -0.82 -50.58 -28.30
N GLU F 192 -1.99 -50.96 -28.82
CA GLU F 192 -2.87 -50.03 -29.51
C GLU F 192 -3.32 -48.94 -28.56
N LEU F 193 -3.65 -49.34 -27.32
CA LEU F 193 -4.04 -48.40 -26.29
C LEU F 193 -2.90 -47.44 -25.90
N ARG F 194 -1.70 -47.96 -25.67
CA ARG F 194 -0.63 -47.03 -25.32
C ARG F 194 -0.22 -46.09 -26.44
N ARG F 195 -0.32 -46.57 -27.70
CA ARG F 195 -0.21 -45.67 -28.87
C ARG F 195 -1.28 -44.59 -28.92
N SER F 196 -2.54 -44.93 -28.66
CA SER F 196 -3.65 -43.95 -28.69
C SER F 196 -3.46 -42.88 -27.63
N LEU F 197 -2.99 -43.31 -26.46
CA LEU F 197 -2.70 -42.39 -25.35
C LEU F 197 -1.46 -41.54 -25.62
N GLU F 198 -0.47 -42.13 -26.28
CA GLU F 198 0.75 -41.43 -26.69
C GLU F 198 0.41 -40.26 -27.63
N ARG F 199 -0.54 -40.51 -28.53
CA ARG F 199 -1.03 -39.46 -29.45
C ARG F 199 -1.70 -38.29 -28.72
N GLU F 200 -2.17 -38.52 -27.49
CA GLU F 200 -2.72 -37.46 -26.65
C GLU F 200 -1.66 -36.56 -26.01
N VAL F 201 -0.45 -37.08 -25.84
CA VAL F 201 0.66 -36.32 -25.21
C VAL F 201 1.88 -36.35 -26.13
N GLY F 202 3.07 -36.56 -25.58
CA GLY F 202 4.29 -36.75 -26.38
C GLY F 202 4.70 -38.20 -26.46
N ARG F 203 4.92 -38.82 -25.30
CA ARG F 203 5.22 -40.26 -25.19
C ARG F 203 4.50 -40.92 -24.01
N VAL F 204 4.09 -42.18 -24.18
CA VAL F 204 3.66 -43.02 -23.07
C VAL F 204 4.64 -44.18 -22.94
N GLU F 205 5.32 -44.23 -21.80
CA GLU F 205 6.35 -45.24 -21.52
C GLU F 205 5.88 -46.25 -20.45
N LEU F 206 6.10 -47.54 -20.73
CA LEU F 206 5.74 -48.60 -19.77
C LEU F 206 6.96 -49.23 -19.14
N ARG F 207 6.84 -49.50 -17.84
CA ARG F 207 7.92 -50.13 -17.07
C ARG F 207 7.41 -51.28 -16.22
N LEU F 208 8.19 -52.37 -16.18
CA LEU F 208 7.93 -53.41 -15.21
C LEU F 208 8.69 -53.13 -13.92
N LEU F 209 7.96 -52.75 -12.87
CA LEU F 209 8.55 -52.45 -11.56
C LEU F 209 8.97 -53.71 -10.81
N PRO F 210 10.02 -53.60 -9.97
CA PRO F 210 10.36 -54.73 -9.10
C PRO F 210 9.26 -54.93 -8.04
N SER F 211 8.84 -56.18 -7.88
CA SER F 211 7.79 -56.56 -6.93
C SER F 211 8.38 -57.42 -5.81
N ARG F 212 8.00 -57.12 -4.58
CA ARG F 212 8.44 -57.93 -3.45
C ARG F 212 7.53 -59.13 -3.16
N VAL F 213 6.43 -59.25 -3.90
CA VAL F 213 5.44 -60.32 -3.69
C VAL F 213 5.48 -61.25 -4.88
N GLU F 214 5.80 -62.52 -4.66
CA GLU F 214 5.85 -63.46 -5.77
C GLU F 214 4.46 -63.71 -6.36
N GLY F 215 4.40 -63.69 -7.69
CA GLY F 215 3.17 -63.90 -8.40
C GLY F 215 2.37 -62.64 -8.67
N VAL F 216 2.87 -61.49 -8.19
CA VAL F 216 2.21 -60.20 -8.43
C VAL F 216 3.12 -59.30 -9.26
N TYR F 217 2.58 -58.76 -10.35
CA TYR F 217 3.32 -57.87 -11.25
C TYR F 217 2.90 -56.42 -11.05
N VAL F 218 3.88 -55.51 -11.00
CA VAL F 218 3.62 -54.08 -10.92
C VAL F 218 4.17 -53.34 -12.15
N VAL F 219 3.30 -52.57 -12.81
CA VAL F 219 3.65 -51.79 -13.99
C VAL F 219 3.47 -50.30 -13.68
N GLY F 220 4.44 -49.51 -14.17
CA GLY F 220 4.36 -48.05 -14.17
C GLY F 220 4.28 -47.50 -15.58
N ALA F 221 3.60 -46.38 -15.72
CA ALA F 221 3.47 -45.70 -16.99
C ALA F 221 3.77 -44.23 -16.77
N VAL F 222 4.73 -43.71 -17.52
CA VAL F 222 5.11 -42.29 -17.46
C VAL F 222 4.89 -41.61 -18.80
N THR F 223 4.48 -40.34 -18.73
CA THR F 223 4.33 -39.54 -19.92
C THR F 223 5.39 -38.44 -20.05
N GLU F 224 5.75 -38.19 -21.31
CA GLU F 224 6.35 -36.93 -21.74
C GLU F 224 5.27 -36.14 -22.45
N ALA F 225 5.27 -34.83 -22.22
CA ALA F 225 4.32 -33.91 -22.84
C ALA F 225 4.96 -32.53 -22.90
N GLU F 226 4.38 -31.62 -23.69
CA GLU F 226 4.95 -30.29 -23.82
C GLU F 226 4.63 -29.38 -22.64
N ARG F 227 3.47 -29.59 -22.02
CA ARG F 227 3.07 -28.89 -20.81
C ARG F 227 3.44 -29.79 -19.61
N VAL F 228 3.86 -29.18 -18.49
CA VAL F 228 4.33 -29.93 -17.30
C VAL F 228 3.19 -30.69 -16.58
N GLU F 229 2.00 -30.09 -16.53
CA GLU F 229 0.84 -30.68 -15.86
C GLU F 229 0.34 -31.98 -16.53
N GLU F 230 0.66 -32.16 -17.80
CA GLU F 230 0.34 -33.41 -18.52
C GLU F 230 1.45 -34.48 -18.46
N MSE F 231 2.49 -34.21 -17.66
CA MSE F 231 3.52 -35.22 -17.40
C MSE F 231 3.10 -35.95 -16.16
O MSE F 231 3.38 -35.53 -15.04
CB MSE F 231 4.90 -34.57 -17.35
CG MSE F 231 5.33 -34.28 -18.78
SE MSE F 231 7.20 -33.67 -18.88
CE MSE F 231 8.21 -35.22 -18.22
N VAL F 232 2.38 -37.06 -16.37
CA VAL F 232 1.75 -37.82 -15.29
C VAL F 232 2.29 -39.26 -15.20
N MSE F 233 1.92 -39.93 -14.10
CA MSE F 233 2.33 -41.30 -13.83
C MSE F 233 1.10 -42.12 -13.53
O MSE F 233 0.13 -41.62 -12.93
CB MSE F 233 3.25 -41.34 -12.62
CG MSE F 233 4.37 -40.30 -12.71
SE MSE F 233 5.79 -40.72 -11.42
CE MSE F 233 6.50 -42.21 -12.47
N GLY F 234 1.13 -43.37 -13.94
CA GLY F 234 0.04 -44.31 -13.66
C GLY F 234 0.61 -45.66 -13.25
N PHE F 235 -0.14 -46.37 -12.42
CA PHE F 235 0.34 -47.66 -11.84
C PHE F 235 -0.75 -48.71 -11.81
N GLY F 236 -0.34 -49.96 -11.92
CA GLY F 236 -1.23 -51.11 -11.79
C GLY F 236 -0.49 -52.28 -11.18
N ALA F 237 -1.20 -53.11 -10.44
CA ALA F 237 -0.63 -54.33 -9.90
C ALA F 237 -1.63 -55.44 -10.07
N SER F 238 -1.15 -56.64 -10.46
CA SER F 238 -2.03 -57.80 -10.65
C SER F 238 -1.19 -59.06 -10.85
N PRO F 239 -1.74 -60.25 -10.47
CA PRO F 239 -1.15 -61.55 -10.91
C PRO F 239 -1.23 -61.73 -12.43
N ASP F 240 -2.12 -60.96 -13.07
CA ASP F 240 -2.24 -60.94 -14.52
C ASP F 240 -1.47 -59.72 -15.01
N PRO F 241 -0.35 -59.93 -15.74
CA PRO F 241 0.47 -58.74 -16.10
C PRO F 241 -0.24 -57.80 -17.07
N GLU F 242 -1.16 -58.34 -17.87
CA GLU F 242 -2.00 -57.56 -18.79
C GLU F 242 -2.91 -56.58 -18.05
N MSE F 243 -3.50 -57.03 -16.95
CA MSE F 243 -4.33 -56.17 -16.11
C MSE F 243 -3.48 -55.08 -15.50
O MSE F 243 -3.91 -53.94 -15.45
CB MSE F 243 -5.09 -56.98 -15.05
CG MSE F 243 -5.98 -56.09 -14.18
SE MSE F 243 -6.59 -57.01 -12.54
CE MSE F 243 -7.86 -58.14 -13.50
N ALA F 244 -2.27 -55.43 -15.04
CA ALA F 244 -1.33 -54.44 -14.49
C ALA F 244 -0.98 -53.31 -15.48
N VAL F 245 -0.73 -53.67 -16.74
CA VAL F 245 -0.47 -52.70 -17.81
C VAL F 245 -1.70 -51.84 -18.04
N LEU F 246 -2.85 -52.50 -18.21
CA LEU F 246 -4.09 -51.79 -18.46
C LEU F 246 -4.41 -50.76 -17.36
N ARG F 247 -4.25 -51.15 -16.08
CA ARG F 247 -4.53 -50.23 -14.95
C ARG F 247 -3.58 -49.03 -14.94
N ALA F 248 -2.30 -49.25 -15.24
CA ALA F 248 -1.33 -48.15 -15.35
C ALA F 248 -1.74 -47.17 -16.44
N LEU F 249 -2.10 -47.71 -17.61
CA LEU F 249 -2.56 -46.91 -18.74
C LEU F 249 -3.82 -46.13 -18.40
N LEU F 250 -4.79 -46.78 -17.77
CA LEU F 250 -6.03 -46.10 -17.37
C LEU F 250 -5.79 -44.97 -16.37
N GLU F 251 -4.85 -45.17 -15.44
CA GLU F 251 -4.48 -44.13 -14.48
C GLU F 251 -3.84 -42.89 -15.11
N VAL F 252 -3.02 -43.09 -16.15
CA VAL F 252 -2.48 -41.99 -16.96
C VAL F 252 -3.64 -41.20 -17.58
N ALA F 253 -4.60 -41.92 -18.19
CA ALA F 253 -5.79 -41.29 -18.78
C ALA F 253 -6.57 -40.47 -17.75
N GLN F 254 -6.75 -41.03 -16.55
CA GLN F 254 -7.39 -40.32 -15.43
C GLN F 254 -6.63 -39.05 -15.05
N GLY F 255 -5.31 -39.18 -14.90
CA GLY F 255 -4.42 -38.05 -14.56
C GLY F 255 -4.52 -36.92 -15.57
N LEU F 256 -4.42 -37.28 -16.86
CA LEU F 256 -4.61 -36.34 -17.98
C LEU F 256 -5.95 -35.60 -17.94
N SER F 257 -7.03 -36.33 -17.60
CA SER F 257 -8.36 -35.72 -17.46
C SER F 257 -8.44 -34.78 -16.26
N MSE F 258 -7.77 -35.15 -15.16
CA MSE F 258 -7.71 -34.28 -13.98
C MSE F 258 -6.98 -33.02 -14.37
O MSE F 258 -7.50 -31.91 -14.19
CB MSE F 258 -7.04 -34.97 -12.78
CG MSE F 258 -7.78 -36.17 -12.14
SE MSE F 258 -9.58 -35.63 -11.53
CE MSE F 258 -10.49 -36.26 -13.14
N ALA F 259 -5.78 -33.18 -14.93
CA ALA F 259 -4.91 -32.05 -15.29
C ALA F 259 -5.61 -31.05 -16.21
N ARG F 260 -6.28 -31.56 -17.24
CA ARG F 260 -7.01 -30.72 -18.20
C ARG F 260 -8.17 -29.92 -17.59
N ARG F 261 -8.55 -30.24 -16.36
CA ARG F 261 -9.59 -29.50 -15.60
C ARG F 261 -8.98 -28.66 -14.47
N GLY F 262 -7.65 -28.68 -14.38
CA GLY F 262 -6.93 -28.00 -13.30
C GLY F 262 -7.28 -28.53 -11.91
N ILE F 263 -7.57 -29.82 -11.82
CA ILE F 263 -7.68 -30.50 -10.54
C ILE F 263 -6.30 -31.08 -10.21
N GLU F 264 -5.76 -30.71 -9.05
CA GLU F 264 -4.48 -31.26 -8.57
C GLU F 264 -4.75 -32.45 -7.66
N SER F 265 -3.96 -33.51 -7.81
CA SER F 265 -4.05 -34.65 -6.92
C SER F 265 -2.91 -34.61 -5.90
N PRO F 266 -3.20 -34.92 -4.62
CA PRO F 266 -2.13 -35.11 -3.63
C PRO F 266 -1.22 -36.30 -3.96
N VAL F 267 -0.08 -35.98 -4.59
CA VAL F 267 1.06 -36.90 -4.74
C VAL F 267 2.34 -36.13 -4.34
N ARG F 268 2.40 -35.77 -3.06
CA ARG F 268 3.34 -34.75 -2.54
C ARG F 268 4.83 -35.17 -2.44
N LYS F 269 5.12 -36.19 -1.64
CA LYS F 269 6.51 -36.66 -1.43
C LYS F 269 6.58 -38.14 -1.02
N THR F 281 8.88 -27.22 -15.20
CA THR F 281 9.50 -27.19 -16.52
C THR F 281 9.91 -28.58 -17.09
N PRO F 282 9.42 -28.92 -18.31
CA PRO F 282 9.46 -30.28 -18.89
C PRO F 282 10.83 -30.94 -19.06
N GLU F 283 11.87 -30.16 -19.34
CA GLU F 283 13.21 -30.73 -19.53
C GLU F 283 13.86 -31.04 -18.18
N ARG F 284 13.59 -30.16 -17.22
CA ARG F 284 14.06 -30.30 -15.84
C ARG F 284 13.42 -31.53 -15.15
N LEU F 285 12.10 -31.63 -15.24
CA LEU F 285 11.33 -32.77 -14.70
C LEU F 285 11.80 -34.11 -15.27
N LYS F 286 12.08 -34.13 -16.57
CA LYS F 286 12.68 -35.28 -17.25
C LYS F 286 14.03 -35.67 -16.65
N ARG F 287 14.86 -34.68 -16.34
CA ARG F 287 16.19 -34.93 -15.77
C ARG F 287 16.15 -35.34 -14.29
N LEU F 288 15.23 -34.75 -13.52
CA LEU F 288 14.97 -35.19 -12.14
C LEU F 288 14.45 -36.64 -12.06
N ASN F 289 13.60 -37.01 -13.03
CA ASN F 289 13.03 -38.35 -13.10
C ASN F 289 13.70 -39.22 -14.17
N ARG F 290 15.01 -38.99 -14.30
CA ARG F 290 15.92 -39.69 -15.19
C ARG F 290 15.75 -41.21 -15.13
N HIS F 291 15.48 -41.70 -13.93
CA HIS F 291 15.34 -43.15 -13.66
C HIS F 291 14.05 -43.75 -14.30
N TRP F 292 13.04 -42.92 -14.54
CA TRP F 292 11.85 -43.30 -15.31
C TRP F 292 12.08 -43.24 -16.81
N PHE F 293 12.88 -42.26 -17.23
CA PHE F 293 13.04 -41.95 -18.66
C PHE F 293 14.22 -42.63 -19.33
N GLU F 294 15.08 -43.26 -18.54
CA GLU F 294 16.19 -44.05 -19.06
C GLU F 294 16.16 -45.48 -18.52
N PRO F 295 15.28 -46.33 -19.09
CA PRO F 295 15.15 -47.70 -18.59
C PRO F 295 16.42 -48.51 -18.80
N GLU F 296 16.67 -49.45 -17.89
CA GLU F 296 17.77 -50.37 -18.04
C GLU F 296 17.20 -51.76 -18.29
N GLY F 297 17.41 -52.24 -19.51
CA GLY F 297 16.87 -53.52 -19.94
C GLY F 297 15.45 -53.43 -20.49
N THR F 298 15.01 -54.54 -21.08
CA THR F 298 13.69 -54.68 -21.66
C THR F 298 13.07 -55.99 -21.17
N VAL F 299 11.74 -56.04 -21.10
CA VAL F 299 11.02 -57.26 -20.73
C VAL F 299 9.88 -57.41 -21.72
N GLU F 300 9.70 -58.62 -22.22
CA GLU F 300 8.53 -58.93 -23.05
C GLU F 300 7.43 -59.55 -22.19
N ILE F 301 6.26 -58.94 -22.24
CA ILE F 301 5.10 -59.33 -21.42
C ILE F 301 4.78 -60.83 -21.53
N ASP F 302 4.98 -61.39 -22.73
CA ASP F 302 4.75 -62.81 -23.02
C ASP F 302 5.71 -63.77 -22.29
N ASP F 303 6.85 -63.26 -21.81
CA ASP F 303 7.82 -64.02 -21.03
C ASP F 303 7.50 -64.13 -19.54
N LEU F 304 6.45 -63.43 -19.10
CA LEU F 304 6.09 -63.40 -17.68
C LEU F 304 5.16 -64.54 -17.32
N ASP F 305 5.59 -65.38 -16.39
CA ASP F 305 4.83 -66.57 -15.95
C ASP F 305 3.51 -66.20 -15.31
N ARG F 306 2.44 -66.88 -15.69
CA ARG F 306 1.19 -66.79 -14.94
C ARG F 306 1.21 -67.75 -13.77
N VAL F 307 1.72 -67.23 -12.65
CA VAL F 307 1.95 -67.98 -11.41
C VAL F 307 0.62 -68.20 -10.66
N ILE F 308 -0.21 -67.17 -10.60
CA ILE F 308 -1.52 -67.28 -9.97
C ILE F 308 -2.60 -67.23 -11.05
N THR F 309 -3.27 -68.36 -11.25
CA THR F 309 -4.31 -68.50 -12.26
C THR F 309 -5.66 -68.36 -11.59
N THR F 310 -6.55 -67.66 -12.27
CA THR F 310 -7.67 -67.03 -11.61
C THR F 310 -9.00 -67.80 -11.78
N GLY F 311 -9.19 -68.81 -10.93
CA GLY F 311 -10.44 -69.56 -10.90
C GLY F 311 -11.52 -68.79 -10.15
N SER F 312 -11.64 -69.08 -8.85
CA SER F 312 -12.67 -68.49 -8.00
C SER F 312 -12.14 -67.31 -7.20
N LEU F 313 -13.06 -66.44 -6.80
CA LEU F 313 -12.74 -65.25 -6.05
C LEU F 313 -12.11 -65.58 -4.70
N GLU F 314 -12.68 -66.59 -4.01
CA GLU F 314 -12.20 -67.06 -2.68
C GLU F 314 -10.79 -67.61 -2.76
N LYS F 315 -10.53 -68.40 -3.79
CA LYS F 315 -9.24 -69.02 -4.04
C LYS F 315 -8.17 -67.94 -4.36
N LEU F 316 -8.56 -66.95 -5.17
CA LEU F 316 -7.66 -65.85 -5.53
C LEU F 316 -7.29 -64.96 -4.33
N THR F 317 -8.28 -64.64 -3.51
CA THR F 317 -8.06 -63.85 -2.30
C THR F 317 -7.02 -64.52 -1.39
N GLU F 318 -7.18 -65.83 -1.20
CA GLU F 318 -6.38 -66.62 -0.29
C GLU F 318 -4.93 -66.71 -0.80
N GLU F 319 -4.78 -66.99 -2.09
CA GLU F 319 -3.47 -67.09 -2.75
C GLU F 319 -2.69 -65.77 -2.71
N LEU F 320 -3.39 -64.65 -2.95
CA LEU F 320 -2.77 -63.33 -2.85
C LEU F 320 -2.35 -63.02 -1.41
N VAL F 321 -3.25 -63.25 -0.47
CA VAL F 321 -2.90 -63.12 0.95
C VAL F 321 -1.67 -63.99 1.29
N GLU F 322 -1.68 -65.25 0.84
CA GLU F 322 -0.56 -66.17 1.08
C GLU F 322 0.78 -65.61 0.64
N ARG F 323 0.82 -65.07 -0.58
CA ARG F 323 2.07 -64.57 -1.15
C ARG F 323 2.57 -63.33 -0.42
N VAL F 324 1.65 -62.43 -0.06
CA VAL F 324 2.02 -61.24 0.71
C VAL F 324 2.54 -61.63 2.10
N ALA F 325 1.85 -62.55 2.78
CA ALA F 325 2.29 -63.10 4.10
C ALA F 325 3.66 -63.79 4.08
N GLU F 326 4.06 -64.27 2.90
CA GLU F 326 5.38 -64.90 2.75
C GLU F 326 6.48 -63.90 2.42
N ALA F 327 6.08 -62.66 2.11
CA ALA F 327 7.00 -61.71 1.45
C ALA F 327 7.96 -60.96 2.38
N GLY F 328 7.79 -61.11 3.69
CA GLY F 328 8.67 -60.44 4.67
C GLY F 328 8.21 -59.03 4.92
N LEU F 329 6.90 -58.82 4.79
CA LEU F 329 6.28 -57.50 4.85
C LEU F 329 5.32 -57.38 6.02
N GLY F 330 5.59 -58.14 7.09
CA GLY F 330 4.75 -58.15 8.30
C GLY F 330 3.41 -58.80 8.00
N LYS F 331 2.36 -58.29 8.64
CA LYS F 331 1.05 -58.93 8.67
C LYS F 331 0.09 -58.36 7.63
N VAL F 332 -0.84 -59.20 7.17
CA VAL F 332 -1.94 -58.75 6.30
C VAL F 332 -3.20 -58.60 7.16
N ILE F 333 -3.71 -57.37 7.23
CA ILE F 333 -4.83 -57.02 8.10
C ILE F 333 -5.99 -56.42 7.30
N GLU F 334 -7.20 -56.95 7.52
CA GLU F 334 -8.42 -56.44 6.90
C GLU F 334 -9.23 -55.76 7.99
N VAL F 335 -9.62 -54.50 7.75
CA VAL F 335 -10.58 -53.79 8.61
C VAL F 335 -11.86 -53.53 7.81
N ASP F 336 -12.97 -54.09 8.29
CA ASP F 336 -14.27 -53.96 7.62
C ASP F 336 -14.84 -52.55 7.82
N LEU F 337 -15.24 -51.91 6.72
CA LEU F 337 -15.68 -50.50 6.75
C LEU F 337 -17.05 -50.32 6.14
N THR F 338 -17.73 -51.43 5.86
CA THR F 338 -19.09 -51.43 5.34
C THR F 338 -19.99 -50.56 6.20
N LEU F 339 -20.60 -49.55 5.56
CA LEU F 339 -21.62 -48.71 6.20
C LEU F 339 -22.89 -49.53 6.37
N GLU F 340 -23.48 -49.46 7.56
CA GLU F 340 -24.71 -50.21 7.86
C GLU F 340 -25.89 -49.84 6.94
N ASN F 341 -26.06 -48.54 6.69
CA ASN F 341 -27.19 -48.04 5.87
C ASN F 341 -27.09 -48.33 4.37
N LEU F 342 -25.87 -48.48 3.86
CA LEU F 342 -25.66 -48.76 2.43
C LEU F 342 -25.56 -50.24 2.10
N ASP F 343 -24.90 -51.00 2.97
CA ASP F 343 -24.60 -52.44 2.73
C ASP F 343 -23.72 -52.69 1.47
N VAL F 344 -22.74 -51.81 1.26
CA VAL F 344 -21.73 -52.01 0.21
C VAL F 344 -20.41 -52.36 0.88
N PRO F 345 -19.89 -53.58 0.60
CA PRO F 345 -18.62 -54.01 1.21
C PRO F 345 -17.47 -53.04 0.90
N VAL F 346 -16.92 -52.45 1.96
CA VAL F 346 -15.74 -51.58 1.88
C VAL F 346 -14.75 -52.09 2.92
N VAL F 347 -13.47 -52.10 2.57
CA VAL F 347 -12.40 -52.49 3.48
C VAL F 347 -11.21 -51.52 3.46
N ARG F 348 -10.43 -51.56 4.53
CA ARG F 348 -9.09 -51.07 4.56
C ARG F 348 -8.20 -52.29 4.71
N VAL F 349 -7.28 -52.48 3.78
CA VAL F 349 -6.24 -53.52 3.86
C VAL F 349 -4.94 -52.83 4.27
N ARG F 350 -4.27 -53.41 5.26
CA ARG F 350 -2.95 -52.96 5.72
C ARG F 350 -1.99 -54.12 5.68
N VAL F 351 -0.81 -53.86 5.13
CA VAL F 351 0.28 -54.79 5.14
C VAL F 351 1.33 -54.05 5.96
N THR F 352 1.57 -54.53 7.18
CA THR F 352 2.21 -53.74 8.24
C THR F 352 3.65 -53.29 7.94
N GLY F 353 4.39 -54.12 7.22
CA GLY F 353 5.75 -53.79 6.78
C GLY F 353 5.91 -53.34 5.32
N ALA F 354 4.81 -53.16 4.58
CA ALA F 354 4.89 -52.65 3.22
C ALA F 354 5.24 -51.17 3.24
N SER F 355 6.01 -50.74 2.25
CA SER F 355 6.46 -49.36 2.19
C SER F 355 5.41 -48.42 1.60
N GLU F 356 5.22 -47.31 2.28
CA GLU F 356 4.37 -46.22 1.79
C GLU F 356 5.18 -44.91 1.62
N TYR F 357 6.48 -45.07 1.36
CA TYR F 357 7.41 -43.97 1.14
C TYR F 357 6.92 -42.91 0.14
N VAL F 358 6.29 -43.37 -0.95
CA VAL F 358 5.71 -42.46 -1.97
C VAL F 358 4.52 -41.63 -1.45
N ILE F 359 3.89 -42.05 -0.36
CA ILE F 359 2.79 -41.27 0.24
C ILE F 359 3.33 -40.30 1.26
N ASP F 360 4.27 -40.77 2.07
CA ASP F 360 4.92 -39.98 3.10
C ASP F 360 6.29 -40.61 3.34
N GLU F 361 7.34 -39.78 3.25
CA GLU F 361 8.74 -40.22 3.44
C GLU F 361 9.03 -40.85 4.80
N ALA F 362 8.23 -40.46 5.81
CA ALA F 362 8.25 -41.06 7.15
C ALA F 362 7.80 -42.54 7.19
N ARG F 363 6.88 -42.93 6.28
CA ARG F 363 6.33 -44.30 6.21
C ARG F 363 7.22 -45.26 5.37
N VAL F 364 8.51 -45.32 5.72
CA VAL F 364 9.56 -46.11 5.04
C VAL F 364 9.22 -47.60 4.87
N GLY F 365 8.69 -48.23 5.93
CA GLY F 365 8.42 -49.67 5.94
C GLY F 365 9.67 -50.55 6.08
N ASN F 366 9.50 -51.84 5.80
CA ASN F 366 10.56 -52.84 5.93
C ASN F 366 11.60 -52.74 4.81
N MSE F 367 12.23 -51.58 4.69
CA MSE F 367 13.20 -51.28 3.63
C MSE F 367 14.50 -52.05 3.79
O MSE F 367 15.15 -51.92 4.84
CB MSE F 367 13.44 -49.78 3.63
CG MSE F 367 13.80 -49.28 2.24
SE MSE F 367 12.29 -49.56 1.01
CE MSE F 367 11.59 -47.72 0.98
N PRO F 368 14.89 -52.84 2.77
CA PRO F 368 16.13 -53.61 2.84
C PRO F 368 17.36 -52.69 2.69
N GLU F 369 18.53 -53.17 3.12
CA GLU F 369 19.78 -52.40 3.03
C GLU F 369 20.17 -52.04 1.58
N LYS F 370 19.97 -53.00 0.67
CA LYS F 370 20.29 -52.86 -0.75
C LYS F 370 19.07 -53.09 -1.65
N PRO F 371 19.05 -52.50 -2.86
CA PRO F 371 17.97 -52.79 -3.81
C PRO F 371 18.03 -54.25 -4.31
N PRO F 372 16.90 -54.78 -4.86
CA PRO F 372 16.95 -56.11 -5.52
C PRO F 372 17.86 -56.15 -6.76
N GLY F 373 18.59 -57.25 -6.94
CA GLY F 373 19.68 -57.36 -7.95
C GLY F 373 19.28 -57.14 -9.42
PG ACP G . -16.64 -17.42 25.16
O1G ACP G . -17.91 -18.17 24.52
O2G ACP G . -15.43 -18.48 25.33
O3G ACP G . -16.23 -16.35 24.24
PB ACP G . -17.70 -17.91 27.86
O1B ACP G . -19.10 -18.33 27.17
O2B ACP G . -16.69 -18.99 27.70
C3B ACP G . -17.02 -16.64 26.79
PA ACP G . -17.53 -18.71 30.66
O1A ACP G . -18.28 -18.31 31.91
O2A ACP G . -16.03 -18.77 30.81
O3A ACP G . -17.89 -17.65 29.46
O5' ACP G . -18.12 -20.15 30.27
C5' ACP G . -17.39 -21.31 29.80
C4' ACP G . -18.38 -22.47 29.63
O4' ACP G . -18.56 -23.11 30.91
C3' ACP G . -19.79 -22.05 29.21
O3' ACP G . -20.43 -23.11 28.46
C2' ACP G . -20.47 -21.85 30.54
O2' ACP G . -21.88 -21.92 30.48
C1' ACP G . -19.91 -22.98 31.37
N9 ACP G . -19.94 -22.66 32.80
C8 ACP G . -19.33 -21.61 33.37
N7 ACP G . -19.56 -21.57 34.69
C5 ACP G . -20.34 -22.63 35.00
C6 ACP G . -20.94 -23.18 36.23
N6 ACP G . -20.73 -22.57 37.42
N1 ACP G . -21.68 -24.30 36.13
C2 ACP G . -21.88 -24.92 34.93
N3 ACP G . -21.37 -24.47 33.76
C4 ACP G . -20.58 -23.34 33.74
MG MG H . -19.16 -19.47 25.19
PG ACP I . -8.25 27.61 -41.06
O1G ACP I . -9.46 26.64 -41.52
O2G ACP I . -6.93 26.71 -40.92
O3G ACP I . -8.11 28.66 -42.09
PB ACP I . -9.27 27.22 -38.31
O1B ACP I . -10.71 26.80 -38.88
O2B ACP I . -8.29 26.10 -38.40
C3B ACP I . -8.60 28.44 -39.46
PA ACP I . -9.06 26.79 -35.45
O1A ACP I . -9.77 27.34 -34.25
O2A ACP I . -7.57 26.68 -35.27
O3A ACP I . -9.39 27.68 -36.75
O5' ACP I . -9.69 25.33 -35.67
C5' ACP I . -9.05 24.10 -36.03
C4' ACP I . -10.13 22.99 -36.02
O4' ACP I . -10.27 22.52 -34.68
C3' ACP I . -11.53 23.44 -36.42
O3' ACP I . -12.22 22.31 -37.00
C2' ACP I . -12.18 23.84 -35.11
O2' ACP I . -13.59 23.72 -35.15
C1' ACP I . -11.59 22.80 -34.18
N9 ACP I . -11.48 23.22 -32.77
C8 ACP I . -10.73 24.25 -32.33
N7 ACP I . -10.83 24.39 -30.99
C5 ACP I . -11.68 23.43 -30.56
C6 ACP I . -12.24 23.01 -29.25
N6 ACP I . -11.89 23.66 -28.10
N1 ACP I . -13.09 21.95 -29.23
C2 ACP I . -13.43 21.30 -30.37
N3 ACP I . -12.96 21.63 -31.59
C4 ACP I . -12.09 22.66 -31.74
MG MG J . -10.96 25.67 -40.71
PG ACP K . -15.84 42.60 21.66
O1G ACP K . -16.93 41.85 20.72
O2G ACP K . -14.74 41.67 21.99
O3G ACP K . -15.23 43.85 20.86
PB ACP K . -16.47 44.83 23.50
O1B ACP K . -16.86 45.54 22.25
O2B ACP K . -14.89 45.07 23.73
C3B ACP K . -16.69 43.06 23.22
PA ACP K . -18.58 46.34 24.93
O1A ACP K . -19.08 46.23 26.35
O2A ACP K . -19.56 46.00 23.83
O3A ACP K . -17.26 45.40 24.81
O5' ACP K . -18.13 47.87 24.83
C5' ACP K . -17.64 48.52 23.66
C4' ACP K . -16.85 49.77 24.10
O4' ACP K . -17.69 50.66 24.84
C3' ACP K . -15.68 49.45 25.02
O3' ACP K . -14.59 50.33 24.71
C2' ACP K . -16.23 49.74 26.39
O2' ACP K . -15.22 50.04 27.36
C1' ACP K . -17.18 50.91 26.14
N9 ACP K . -18.31 50.96 27.10
C8 ACP K . -19.30 50.04 27.20
N7 ACP K . -20.17 50.37 28.19
C5 ACP K . -19.74 51.52 28.75
C6 ACP K . -20.21 52.42 29.83
N6 ACP K . -21.33 52.12 30.51
N1 ACP K . -19.48 53.53 30.12
C2 ACP K . -18.37 53.83 29.43
N3 ACP K . -17.90 53.06 28.41
C4 ACP K . -18.52 51.92 28.03
MG MG L . -13.47 45.66 22.25
PG ACP M . 38.07 -26.72 6.70
O1G ACP M . 37.90 -27.98 7.71
O2G ACP M . 37.43 -27.02 5.39
O3G ACP M . 37.36 -25.42 7.35
PB ACP M . 40.09 -24.64 5.95
O1B ACP M . 40.03 -23.81 7.16
O2B ACP M . 38.85 -24.21 5.00
C3B ACP M . 39.84 -26.39 6.41
PA ACP M . 42.97 -23.95 5.58
O1A ACP M . 43.85 -25.17 5.65
O2A ACP M . 43.39 -22.92 4.56
O3A ACP M . 41.48 -24.39 5.12
O5' ACP M . 42.96 -23.24 7.01
C5' ACP M . 43.07 -23.84 8.30
C4' ACP M . 42.87 -22.75 9.37
O4' ACP M . 44.14 -22.13 9.60
C3' ACP M . 41.93 -21.58 8.99
O3' ACP M . 41.37 -20.96 10.15
C2' ACP M . 42.86 -20.58 8.34
O2' ACP M . 42.36 -19.24 8.37
C1' ACP M . 44.14 -20.77 9.16
N9 ACP M . 45.34 -20.45 8.35
C8 ACP M . 45.75 -21.10 7.24
N7 ACP M . 46.88 -20.54 6.73
C5 ACP M . 47.21 -19.53 7.54
C6 ACP M . 48.30 -18.53 7.58
N6 ACP M . 49.27 -18.54 6.61
N1 ACP M . 48.30 -17.63 8.59
C2 ACP M . 47.34 -17.63 9.54
N3 ACP M . 46.33 -18.52 9.56
C4 ACP M . 46.21 -19.47 8.61
MG MG N . 37.83 -23.32 7.89
PG ACP O . 16.58 14.46 -3.19
O1G ACP O . 15.58 15.19 -2.37
O2G ACP O . 17.87 14.06 -2.32
O3G ACP O . 17.11 15.43 -4.38
PB ACP O . 16.85 12.19 -5.08
O1B ACP O . 18.20 12.26 -4.47
O2B ACP O . 16.72 13.09 -6.42
C3B ACP O . 15.76 12.96 -3.86
PA ACP O . 17.48 9.40 -5.75
O1A ACP O . 18.08 8.79 -4.51
O2A ACP O . 16.66 8.40 -6.57
O3A ACP O . 16.49 10.64 -5.45
O5' ACP O . 18.63 9.91 -6.73
C5' ACP O . 19.99 10.28 -6.43
C4' ACP O . 20.66 10.60 -7.78
O4' ACP O . 21.06 9.37 -8.37
C3' ACP O . 19.74 11.24 -8.81
O3' ACP O . 20.53 12.08 -9.67
C2' ACP O . 19.18 10.06 -9.58
O2' ACP O . 18.78 10.37 -10.90
C1' ACP O . 20.40 9.17 -9.64
N9 ACP O . 20.05 7.76 -9.82
C8 ACP O . 19.32 7.04 -8.93
N7 ACP O . 19.13 5.76 -9.35
C5 ACP O . 19.77 5.66 -10.53
C6 ACP O . 19.97 4.57 -11.51
N6 ACP O . 19.44 3.35 -11.25
N1 ACP O . 20.69 4.84 -12.63
C2 ACP O . 21.22 6.06 -12.86
N3 ACP O . 21.07 7.11 -12.02
C4 ACP O . 20.38 6.97 -10.85
MG MG P . 17.80 15.14 -6.54
PG ACP Q . -6.57 -45.13 -6.80
O1G ACP Q . -6.92 -45.70 -5.32
O2G ACP Q . -7.58 -43.89 -7.05
O3G ACP Q . -5.17 -44.66 -6.83
PB ACP Q . -8.38 -47.12 -7.96
O1B ACP Q . -8.37 -47.93 -6.57
O2B ACP Q . -9.24 -45.92 -7.89
C3B ACP Q . -6.73 -46.40 -8.11
PA ACP Q . -10.49 -48.09 -9.75
O1A ACP Q . -10.67 -49.35 -10.55
O2A ACP Q . -10.79 -46.81 -10.50
O3A ACP Q . -8.97 -48.10 -9.14
O5' ACP Q . -11.57 -48.25 -8.56
C5' ACP Q . -12.23 -47.24 -7.79
C4' ACP Q . -13.11 -47.92 -6.72
O4' ACP Q . -14.23 -48.55 -7.34
C3' ACP Q . -12.42 -49.04 -5.95
O3' ACP Q . -12.94 -49.04 -4.63
C2' ACP Q . -12.81 -50.28 -6.73
O2' ACP Q . -12.65 -51.53 -6.06
C1' ACP Q . -14.25 -49.96 -7.09
N9 ACP Q . -14.67 -50.70 -8.30
C8 ACP Q . -14.13 -50.57 -9.53
N7 ACP Q . -14.75 -51.40 -10.41
C5 ACP Q . -15.71 -52.06 -9.74
C6 ACP Q . -16.71 -53.08 -10.09
N6 ACP Q . -16.82 -53.55 -11.36
N1 ACP Q . -17.53 -53.52 -9.09
C2 ACP Q . -17.43 -53.06 -7.82
N3 ACP Q . -16.53 -52.13 -7.43
C4 ACP Q . -15.66 -51.60 -8.34
MG MG R . -8.10 -47.16 -4.68
#